data_3S24
#
_entry.id   3S24
#
_cell.length_a   92.121
_cell.length_b   104.658
_cell.length_c   149.571
_cell.angle_alpha   90.00
_cell.angle_beta   94.95
_cell.angle_gamma   90.00
#
_symmetry.space_group_name_H-M   'P 1 21 1'
#
loop_
_entity.id
_entity.type
_entity.pdbx_description
1 polymer 'mRNA-capping enzyme'
2 non-polymer 'SULFATE ION'
#
_entity_poly.entity_id   1
_entity_poly.type   'polypeptide(L)'
_entity_poly.pdbx_seq_one_letter_code
;GAIFLEGVTVKGVTQVTTQPKLGEVQQKCHQFCGWEGSGFPGAQPVSMDKQNIKLLDLKPYKVSWKADGTRYMMLIDGTN
EVFMIDRDNSVFHVSNLEFPFRKDLRMHLSNTLLDGEMIIDRVNGQAVPRYLIYDIIKFNSQPVGDCDFNVRLQCIEREI
ISPRHEKMKTGLIDKTQEPFSVRNKPFFDICTSRKLLEGNFAKEVSHEMDGLIFQPTGKYKPGRCDDILKWKPPSLNSVD
FRLKITRMGGEGLLPQNVGLLYVGGYERPFAQIKVTKELKQYDNKIIECKFENNSWVFMRQRTDKSFPNAYNTAMAVCNS
ISNPVTKEMLFEFIDRCTALEHHHHHH
;
_entity_poly.pdbx_strand_id   A,B,C,D,E,G,F
#
loop_
_chem_comp.id
_chem_comp.type
_chem_comp.name
_chem_comp.formula
SO4 non-polymer 'SULFATE ION' 'O4 S -2'
#
# COMPACT_ATOMS: atom_id res chain seq x y z
N GLY A 1 -1.95 -2.82 -41.25
CA GLY A 1 -0.81 -2.27 -41.97
C GLY A 1 0.23 -3.34 -42.24
N ALA A 2 0.91 -3.28 -43.39
CA ALA A 2 1.64 -4.45 -43.89
C ALA A 2 2.58 -5.18 -42.91
N ILE A 3 3.13 -4.49 -41.91
CA ILE A 3 3.90 -5.13 -40.85
C ILE A 3 3.01 -5.79 -39.80
N PHE A 4 3.15 -7.09 -39.61
CA PHE A 4 2.30 -7.81 -38.65
C PHE A 4 2.72 -7.45 -37.21
N LEU A 5 3.90 -7.83 -36.79
CA LEU A 5 4.37 -7.41 -35.49
C LEU A 5 5.56 -6.48 -35.69
N GLU A 6 5.54 -5.33 -35.03
CA GLU A 6 6.60 -4.33 -35.15
C GLU A 6 7.86 -4.73 -34.40
N GLY A 7 8.99 -4.83 -35.11
CA GLY A 7 10.26 -5.19 -34.51
C GLY A 7 10.56 -6.69 -34.47
N VAL A 8 9.54 -7.52 -34.53
CA VAL A 8 9.74 -8.97 -34.56
C VAL A 8 9.42 -9.49 -35.97
N THR A 9 10.17 -10.50 -36.45
CA THR A 9 9.82 -11.13 -37.74
C THR A 9 9.17 -12.49 -37.49
N VAL A 10 8.09 -12.78 -38.19
CA VAL A 10 7.23 -13.87 -37.74
C VAL A 10 6.81 -14.88 -38.82
N LYS A 11 7.25 -16.12 -38.61
CA LYS A 11 7.05 -17.19 -39.55
C LYS A 11 5.58 -17.53 -39.69
N GLY A 12 5.21 -18.15 -40.79
CA GLY A 12 3.88 -18.69 -40.94
C GLY A 12 2.84 -17.61 -41.12
N VAL A 13 3.26 -16.36 -40.91
CA VAL A 13 2.33 -15.24 -40.90
C VAL A 13 2.51 -14.39 -42.13
N THR A 14 1.49 -14.37 -43.00
CA THR A 14 1.63 -13.62 -44.23
C THR A 14 0.37 -12.82 -44.58
N GLN A 15 0.55 -11.52 -44.76
CA GLN A 15 -0.57 -10.64 -45.01
C GLN A 15 -1.43 -11.10 -46.20
N VAL A 16 -2.73 -10.91 -46.09
CA VAL A 16 -3.64 -11.36 -47.11
C VAL A 16 -4.13 -10.17 -47.90
N THR A 17 -3.63 -10.04 -49.13
CA THR A 17 -4.14 -9.05 -50.08
C THR A 17 -5.03 -9.60 -51.19
N THR A 18 -5.16 -10.92 -51.26
CA THR A 18 -5.88 -11.59 -52.33
C THR A 18 -7.28 -11.02 -52.36
N GLN A 19 -7.70 -10.44 -53.48
CA GLN A 19 -8.94 -9.68 -53.43
C GLN A 19 -10.14 -10.48 -52.90
N PRO A 20 -10.32 -11.72 -53.38
CA PRO A 20 -11.47 -12.60 -53.03
C PRO A 20 -11.59 -13.01 -51.55
N LYS A 21 -10.51 -13.48 -50.93
CA LYS A 21 -10.59 -13.95 -49.55
C LYS A 21 -10.54 -12.81 -48.53
N LEU A 22 -9.86 -11.70 -48.85
CA LEU A 22 -9.84 -10.52 -47.98
C LEU A 22 -11.24 -10.04 -47.59
N GLY A 23 -11.99 -9.53 -48.58
CA GLY A 23 -13.33 -9.05 -48.33
C GLY A 23 -14.22 -10.09 -47.62
N GLU A 24 -13.84 -11.36 -47.73
CA GLU A 24 -14.53 -12.43 -47.03
C GLU A 24 -14.19 -12.55 -45.55
N VAL A 25 -12.90 -12.61 -45.20
CA VAL A 25 -12.52 -12.73 -43.79
C VAL A 25 -13.00 -11.50 -43.02
N GLN A 26 -12.95 -10.36 -43.69
CA GLN A 26 -13.45 -9.11 -43.12
C GLN A 26 -14.94 -9.21 -42.92
N GLN A 27 -15.63 -9.63 -43.97
CA GLN A 27 -17.08 -9.79 -43.94
C GLN A 27 -17.53 -10.61 -42.74
N LYS A 28 -16.92 -11.78 -42.56
CA LYS A 28 -17.35 -12.70 -41.51
C LYS A 28 -17.15 -12.15 -40.12
N CYS A 29 -16.20 -11.26 -39.95
CA CYS A 29 -15.96 -10.66 -38.64
C CYS A 29 -16.96 -9.59 -38.25
N HIS A 30 -17.40 -8.77 -39.20
CA HIS A 30 -18.51 -7.87 -38.95
C HIS A 30 -19.70 -8.64 -38.45
N GLN A 31 -20.14 -9.61 -39.27
CA GLN A 31 -21.34 -10.39 -39.02
C GLN A 31 -21.31 -11.10 -37.67
N PHE A 32 -20.15 -11.60 -37.28
CA PHE A 32 -19.99 -12.22 -35.98
C PHE A 32 -20.13 -11.19 -34.85
N CYS A 33 -19.74 -9.94 -35.12
CA CYS A 33 -19.77 -8.88 -34.11
C CYS A 33 -21.05 -8.03 -34.07
N GLY A 34 -21.87 -8.13 -35.10
CA GLY A 34 -23.02 -7.25 -35.23
C GLY A 34 -22.60 -5.84 -35.60
N TRP A 35 -21.53 -5.75 -36.37
CA TRP A 35 -20.97 -4.44 -36.70
C TRP A 35 -21.62 -3.86 -37.94
N GLU A 36 -22.29 -2.72 -37.76
CA GLU A 36 -23.03 -2.07 -38.83
C GLU A 36 -22.14 -1.25 -39.78
N GLY A 37 -21.19 -0.51 -39.20
CA GLY A 37 -20.32 0.34 -39.98
C GLY A 37 -19.19 -0.42 -40.65
N SER A 38 -18.39 0.28 -41.44
CA SER A 38 -17.15 -0.27 -41.97
C SER A 38 -16.01 -0.11 -40.96
N GLY A 39 -15.02 -0.98 -41.06
CA GLY A 39 -13.88 -0.94 -40.17
C GLY A 39 -13.86 -2.05 -39.16
N PHE A 40 -12.81 -2.08 -38.37
CA PHE A 40 -12.53 -3.08 -37.37
C PHE A 40 -13.59 -3.09 -36.29
N PRO A 41 -14.33 -4.20 -36.18
CA PRO A 41 -15.50 -4.43 -35.33
C PRO A 41 -15.25 -4.53 -33.83
N GLY A 42 -14.00 -4.79 -33.43
CA GLY A 42 -13.66 -5.10 -32.06
C GLY A 42 -13.94 -3.99 -31.07
N ALA A 43 -14.23 -4.36 -29.82
CA ALA A 43 -14.56 -3.41 -28.77
C ALA A 43 -13.40 -2.44 -28.44
N GLN A 44 -13.63 -1.12 -28.44
CA GLN A 44 -12.57 -0.15 -28.07
C GLN A 44 -12.65 0.44 -26.67
N PRO A 45 -11.67 0.17 -25.81
CA PRO A 45 -11.63 0.70 -24.45
C PRO A 45 -11.22 2.17 -24.40
N VAL A 46 -11.75 2.98 -23.48
CA VAL A 46 -11.42 4.41 -23.37
C VAL A 46 -10.64 4.75 -22.10
N SER A 47 -9.75 5.73 -22.17
CA SER A 47 -8.86 6.10 -21.05
C SER A 47 -9.61 6.62 -19.84
N MET A 48 -9.29 6.04 -18.69
CA MET A 48 -9.86 6.49 -17.43
C MET A 48 -9.53 7.96 -17.11
N ASP A 49 -10.57 8.72 -16.78
CA ASP A 49 -10.44 10.05 -16.18
C ASP A 49 -11.19 10.08 -14.83
N LYS A 50 -11.21 11.23 -14.15
CA LYS A 50 -11.97 11.33 -12.89
C LYS A 50 -13.48 11.13 -13.02
N GLN A 51 -14.04 11.23 -14.23
CA GLN A 51 -15.45 10.87 -14.41
C GLN A 51 -15.74 9.41 -14.76
N ASN A 52 -14.72 8.66 -15.17
CA ASN A 52 -14.85 7.25 -15.58
C ASN A 52 -14.88 6.32 -14.39
N ILE A 53 -13.92 6.57 -13.51
CA ILE A 53 -13.60 5.69 -12.42
C ILE A 53 -14.81 5.42 -11.53
N LYS A 54 -15.70 6.41 -11.46
CA LYS A 54 -16.91 6.29 -10.63
C LYS A 54 -17.74 5.10 -11.09
N LEU A 55 -17.45 4.64 -12.31
CA LEU A 55 -18.16 3.52 -12.91
C LEU A 55 -17.78 2.18 -12.30
N LEU A 56 -16.63 2.11 -11.62
CA LEU A 56 -16.16 0.87 -11.01
C LEU A 56 -16.99 0.53 -9.79
N ASP A 57 -17.77 1.50 -9.31
CA ASP A 57 -18.68 1.26 -8.20
C ASP A 57 -20.06 0.81 -8.64
N LEU A 58 -20.39 0.97 -9.92
CA LEU A 58 -21.78 0.85 -10.34
C LEU A 58 -22.17 -0.51 -10.91
N LYS A 59 -21.17 -1.38 -11.03
CA LYS A 59 -21.41 -2.77 -11.45
C LYS A 59 -20.14 -3.60 -11.18
N PRO A 60 -20.22 -4.92 -11.45
CA PRO A 60 -19.06 -5.81 -11.32
C PRO A 60 -18.05 -5.61 -12.46
N TYR A 61 -16.76 -5.61 -12.10
CA TYR A 61 -15.67 -5.36 -13.02
C TYR A 61 -14.51 -6.34 -12.76
N LYS A 62 -13.85 -6.78 -13.82
CA LYS A 62 -12.60 -7.50 -13.68
C LYS A 62 -11.42 -6.64 -14.14
N VAL A 63 -10.26 -6.87 -13.54
CA VAL A 63 -9.05 -6.16 -13.91
C VAL A 63 -8.02 -7.14 -14.53
N SER A 64 -7.10 -6.61 -15.34
CA SER A 64 -5.96 -7.37 -15.79
C SER A 64 -4.83 -6.39 -16.04
N TRP A 65 -3.59 -6.86 -16.06
CA TRP A 65 -2.49 -5.95 -16.37
C TRP A 65 -2.40 -5.77 -17.87
N LYS A 66 -2.32 -4.53 -18.34
CA LYS A 66 -2.15 -4.36 -19.76
C LYS A 66 -0.68 -4.42 -20.10
N ALA A 67 -0.33 -5.40 -20.92
CA ALA A 67 0.93 -5.37 -21.62
C ALA A 67 0.72 -4.48 -22.84
N ASP A 68 1.78 -3.80 -23.25
CA ASP A 68 1.70 -2.98 -24.44
C ASP A 68 1.85 -3.90 -25.64
N GLY A 69 0.80 -3.96 -26.46
CA GLY A 69 0.74 -4.97 -27.49
C GLY A 69 -0.09 -4.51 -28.66
N THR A 70 -0.22 -5.37 -29.65
CA THR A 70 -0.94 -5.01 -30.85
C THR A 70 -2.28 -5.72 -30.92
N ARG A 71 -3.35 -4.96 -30.91
CA ARG A 71 -4.66 -5.57 -30.92
C ARG A 71 -4.81 -6.44 -32.18
N TYR A 72 -5.18 -7.71 -31.96
CA TYR A 72 -5.60 -8.64 -33.01
C TYR A 72 -6.82 -9.54 -32.61
N MET A 73 -7.87 -9.51 -33.43
CA MET A 73 -8.90 -10.54 -33.38
C MET A 73 -8.44 -11.69 -34.23
N MET A 74 -8.68 -12.93 -33.78
CA MET A 74 -8.32 -14.12 -34.57
C MET A 74 -9.51 -14.99 -35.01
N LEU A 75 -9.76 -15.05 -36.32
CA LEU A 75 -10.86 -15.83 -36.85
C LEU A 75 -10.43 -17.24 -37.26
N ILE A 76 -11.03 -18.25 -36.61
CA ILE A 76 -10.71 -19.65 -36.91
C ILE A 76 -11.90 -20.26 -37.68
N ASP A 77 -11.75 -20.33 -39.00
CA ASP A 77 -12.84 -20.63 -39.88
C ASP A 77 -12.80 -22.04 -40.43
N GLY A 78 -11.74 -22.77 -40.09
CA GLY A 78 -11.46 -24.00 -40.78
C GLY A 78 -10.13 -24.64 -40.45
N THR A 79 -9.63 -25.43 -41.41
CA THR A 79 -8.45 -26.27 -41.22
C THR A 79 -7.17 -25.44 -41.26
N ASN A 80 -6.87 -24.89 -42.43
CA ASN A 80 -5.75 -23.96 -42.54
C ASN A 80 -6.20 -22.51 -42.50
N GLU A 81 -7.50 -22.31 -42.28
CA GLU A 81 -8.04 -20.96 -42.24
C GLU A 81 -7.92 -20.45 -40.82
N VAL A 82 -6.94 -19.60 -40.60
CA VAL A 82 -6.73 -18.90 -39.35
C VAL A 82 -6.20 -17.54 -39.77
N PHE A 83 -6.85 -16.49 -39.31
CA PHE A 83 -6.55 -15.17 -39.76
C PHE A 83 -6.43 -14.30 -38.53
N MET A 84 -5.60 -13.27 -38.60
CA MET A 84 -5.55 -12.26 -37.55
C MET A 84 -6.09 -11.00 -38.19
N ILE A 85 -6.71 -10.16 -37.39
CA ILE A 85 -7.15 -8.88 -37.91
C ILE A 85 -6.70 -7.82 -36.93
N ASP A 86 -5.99 -6.81 -37.45
CA ASP A 86 -5.62 -5.65 -36.65
C ASP A 86 -6.62 -4.49 -36.82
N ARG A 87 -6.40 -3.45 -36.02
CA ARG A 87 -7.27 -2.28 -35.90
C ARG A 87 -7.57 -1.63 -37.23
N ASP A 88 -6.67 -1.84 -38.19
CA ASP A 88 -6.78 -1.29 -39.53
C ASP A 88 -7.72 -2.14 -40.40
N ASN A 89 -8.02 -3.36 -39.97
CA ASN A 89 -8.80 -4.29 -40.77
C ASN A 89 -7.92 -5.07 -41.72
N SER A 90 -6.62 -4.81 -41.67
CA SER A 90 -5.64 -5.63 -42.36
C SER A 90 -5.73 -7.08 -41.88
N VAL A 91 -5.63 -8.02 -42.81
CA VAL A 91 -5.74 -9.44 -42.51
C VAL A 91 -4.41 -10.15 -42.68
N PHE A 92 -4.22 -11.21 -41.93
CA PHE A 92 -3.01 -12.00 -42.00
C PHE A 92 -3.41 -13.45 -41.88
N HIS A 93 -2.91 -14.30 -42.77
CA HIS A 93 -3.18 -15.72 -42.71
C HIS A 93 -2.07 -16.45 -41.94
N VAL A 94 -2.45 -17.16 -40.87
CA VAL A 94 -1.49 -17.98 -40.10
C VAL A 94 -1.59 -19.45 -40.51
N SER A 95 -0.44 -20.09 -40.75
CA SER A 95 -0.44 -21.45 -41.30
C SER A 95 -0.53 -22.60 -40.28
N ASN A 96 0.47 -22.68 -39.43
CA ASN A 96 0.63 -23.86 -38.60
C ASN A 96 -0.07 -23.86 -37.24
N LEU A 97 -0.91 -22.87 -37.00
CA LEU A 97 -1.75 -22.88 -35.81
C LEU A 97 -2.93 -23.82 -35.95
N GLU A 98 -2.98 -24.80 -35.06
CA GLU A 98 -4.01 -25.82 -35.06
C GLU A 98 -4.91 -25.62 -33.86
N PHE A 99 -6.21 -25.52 -34.10
CA PHE A 99 -7.22 -25.43 -33.04
C PHE A 99 -8.20 -26.60 -33.10
N PRO A 100 -7.87 -27.70 -32.40
CA PRO A 100 -8.71 -28.91 -32.34
C PRO A 100 -9.99 -28.72 -31.54
N PHE A 101 -11.12 -29.24 -32.06
CA PHE A 101 -12.43 -29.24 -31.41
C PHE A 101 -12.35 -30.06 -30.12
N ARG A 102 -13.01 -29.63 -29.05
CA ARG A 102 -12.84 -30.26 -27.72
C ARG A 102 -13.35 -31.70 -27.60
N LYS A 103 -14.46 -31.99 -28.28
CA LYS A 103 -15.05 -33.34 -28.26
C LYS A 103 -14.38 -34.37 -29.21
N ASP A 104 -14.06 -33.93 -30.43
CA ASP A 104 -13.38 -34.79 -31.40
C ASP A 104 -11.99 -34.27 -31.70
N LEU A 105 -10.96 -34.89 -31.12
CA LEU A 105 -9.63 -34.29 -31.12
C LEU A 105 -9.00 -34.29 -32.51
N ARG A 106 -9.57 -35.10 -33.40
CA ARG A 106 -9.13 -35.13 -34.79
C ARG A 106 -9.75 -33.96 -35.56
N MET A 107 -10.96 -33.56 -35.19
CA MET A 107 -11.68 -32.52 -35.93
C MET A 107 -11.25 -31.07 -35.59
N HIS A 108 -11.47 -30.16 -36.53
CA HIS A 108 -10.96 -28.79 -36.45
C HIS A 108 -12.06 -27.70 -36.30
N LEU A 109 -11.72 -26.59 -35.64
CA LEU A 109 -12.68 -25.54 -35.31
C LEU A 109 -13.11 -24.70 -36.51
N SER A 110 -14.39 -24.35 -36.56
CA SER A 110 -14.92 -23.49 -37.62
C SER A 110 -15.75 -22.39 -36.96
N ASN A 111 -16.08 -21.35 -37.71
CA ASN A 111 -16.94 -20.27 -37.19
C ASN A 111 -16.63 -19.83 -35.73
N THR A 112 -15.36 -19.68 -35.41
CA THR A 112 -14.89 -19.18 -34.11
C THR A 112 -14.29 -17.75 -34.27
N LEU A 113 -14.54 -16.85 -33.32
CA LEU A 113 -13.92 -15.52 -33.35
C LEU A 113 -13.30 -15.12 -32.01
N LEU A 114 -12.04 -14.68 -32.03
CA LEU A 114 -11.31 -14.41 -30.81
C LEU A 114 -10.90 -12.95 -30.74
N ASP A 115 -10.45 -12.52 -29.57
CA ASP A 115 -9.91 -11.16 -29.38
C ASP A 115 -8.74 -11.20 -28.39
N GLY A 116 -7.77 -10.34 -28.61
CA GLY A 116 -6.56 -10.35 -27.81
C GLY A 116 -5.47 -9.52 -28.43
N GLU A 117 -4.36 -9.42 -27.70
CA GLU A 117 -3.17 -8.68 -28.11
C GLU A 117 -2.09 -9.66 -28.56
N MET A 118 -1.24 -9.22 -29.50
CA MET A 118 0.04 -9.86 -29.76
C MET A 118 1.13 -9.12 -28.97
N ILE A 119 1.84 -9.83 -28.10
CA ILE A 119 2.80 -9.22 -27.21
C ILE A 119 4.19 -9.78 -27.42
N ILE A 120 5.22 -8.98 -27.21
CA ILE A 120 6.58 -9.47 -27.38
C ILE A 120 7.24 -9.76 -26.05
N ASP A 121 7.37 -11.05 -25.77
CA ASP A 121 8.03 -11.59 -24.59
C ASP A 121 9.51 -11.79 -24.90
N ARG A 122 10.39 -11.49 -23.94
CA ARG A 122 11.83 -11.68 -24.14
C ARG A 122 12.41 -12.85 -23.32
N VAL A 123 12.76 -13.96 -23.99
CA VAL A 123 13.55 -15.04 -23.39
C VAL A 123 15.02 -14.83 -23.81
N ASN A 124 15.86 -14.48 -22.84
CA ASN A 124 17.05 -13.62 -23.09
C ASN A 124 17.95 -13.98 -24.28
N GLY A 125 18.23 -12.97 -25.10
CA GLY A 125 19.00 -13.14 -26.33
C GLY A 125 18.11 -13.16 -27.56
N GLN A 126 16.83 -13.47 -27.36
CA GLN A 126 15.85 -13.55 -28.44
C GLN A 126 14.44 -13.18 -27.97
N ALA A 127 13.67 -12.49 -28.80
CA ALA A 127 12.30 -12.10 -28.45
C ALA A 127 11.21 -13.02 -29.05
N VAL A 128 10.39 -13.62 -28.18
CA VAL A 128 9.35 -14.58 -28.58
C VAL A 128 7.93 -13.98 -28.64
N PRO A 129 7.25 -14.13 -29.80
CA PRO A 129 5.84 -13.74 -29.94
C PRO A 129 4.84 -14.59 -29.13
N ARG A 130 3.95 -13.87 -28.44
CA ARG A 130 2.84 -14.46 -27.71
C ARG A 130 1.56 -13.73 -28.11
N TYR A 131 0.48 -14.49 -28.25
CA TYR A 131 -0.83 -13.94 -28.53
C TYR A 131 -1.76 -14.24 -27.39
N LEU A 132 -2.09 -13.25 -26.57
CA LEU A 132 -2.92 -13.49 -25.40
C LEU A 132 -4.39 -13.39 -25.77
N ILE A 133 -5.20 -14.40 -25.42
CA ILE A 133 -6.62 -14.37 -25.81
C ILE A 133 -7.40 -13.77 -24.66
N TYR A 134 -7.84 -12.55 -24.88
CA TYR A 134 -8.38 -11.80 -23.79
C TYR A 134 -9.93 -11.73 -23.84
N ASP A 135 -10.53 -12.24 -24.92
CA ASP A 135 -12.00 -12.41 -25.04
C ASP A 135 -12.39 -13.41 -26.17
N ILE A 136 -13.63 -13.90 -26.18
CA ILE A 136 -14.12 -14.70 -27.31
C ILE A 136 -15.50 -14.25 -27.79
N ILE A 137 -15.61 -13.88 -29.07
CA ILE A 137 -16.89 -13.40 -29.63
C ILE A 137 -17.88 -14.53 -30.03
N LYS A 138 -17.35 -15.59 -30.65
CA LYS A 138 -18.18 -16.67 -31.21
C LYS A 138 -17.46 -18.02 -31.16
N PHE A 139 -18.24 -19.08 -30.96
CA PHE A 139 -17.69 -20.42 -30.95
C PHE A 139 -18.58 -21.39 -31.70
N ASN A 140 -18.06 -21.95 -32.78
CA ASN A 140 -18.84 -22.89 -33.57
C ASN A 140 -20.19 -22.28 -33.97
N SER A 141 -20.23 -20.97 -34.18
CA SER A 141 -21.48 -20.25 -34.46
C SER A 141 -22.32 -19.88 -33.22
N GLN A 142 -22.01 -20.46 -32.06
CA GLN A 142 -22.73 -20.11 -30.82
C GLN A 142 -22.31 -18.74 -30.28
N PRO A 143 -23.28 -17.83 -30.15
CA PRO A 143 -22.98 -16.46 -29.70
C PRO A 143 -22.44 -16.37 -28.26
N VAL A 144 -21.27 -16.95 -27.99
CA VAL A 144 -20.67 -16.88 -26.66
C VAL A 144 -20.45 -15.44 -26.20
N GLY A 145 -20.43 -14.50 -27.16
CA GLY A 145 -20.14 -13.12 -26.82
C GLY A 145 -21.31 -12.48 -26.11
N ASP A 146 -22.46 -13.15 -26.20
CA ASP A 146 -23.67 -12.68 -25.57
C ASP A 146 -23.76 -13.17 -24.13
N CYS A 147 -22.90 -14.14 -23.81
CA CYS A 147 -22.78 -14.68 -22.45
C CYS A 147 -21.97 -13.82 -21.50
N ASP A 148 -21.80 -14.31 -20.28
CA ASP A 148 -21.20 -13.53 -19.23
C ASP A 148 -19.70 -13.50 -19.41
N PHE A 149 -19.06 -12.37 -19.14
CA PHE A 149 -17.62 -12.33 -19.27
C PHE A 149 -16.92 -13.47 -18.51
N ASN A 150 -17.56 -14.01 -17.47
CA ASN A 150 -16.99 -15.18 -16.83
C ASN A 150 -17.27 -16.50 -17.56
N VAL A 151 -18.45 -16.59 -18.19
CA VAL A 151 -18.81 -17.71 -19.06
C VAL A 151 -17.79 -17.81 -20.21
N ARG A 152 -17.55 -16.68 -20.88
CA ARG A 152 -16.62 -16.56 -22.01
C ARG A 152 -15.15 -16.78 -21.61
N LEU A 153 -14.72 -16.27 -20.45
CA LEU A 153 -13.37 -16.55 -19.99
C LEU A 153 -13.10 -18.05 -19.88
N GLN A 154 -14.13 -18.81 -19.50
CA GLN A 154 -14.05 -20.28 -19.39
C GLN A 154 -14.06 -20.93 -20.75
N CYS A 155 -14.89 -20.43 -21.64
CA CYS A 155 -14.92 -20.96 -22.98
C CYS A 155 -13.48 -21.00 -23.45
N ILE A 156 -12.86 -19.83 -23.42
CA ILE A 156 -11.47 -19.65 -23.82
C ILE A 156 -10.54 -20.69 -23.18
N GLU A 157 -10.64 -20.87 -21.86
CA GLU A 157 -9.87 -21.89 -21.16
C GLU A 157 -10.21 -23.35 -21.56
N ARG A 158 -11.49 -23.68 -21.49
CA ARG A 158 -11.97 -25.05 -21.67
C ARG A 158 -12.09 -25.48 -23.14
N GLU A 159 -12.58 -24.59 -24.01
CA GLU A 159 -12.82 -24.94 -25.40
C GLU A 159 -11.70 -24.63 -26.37
N ILE A 160 -10.68 -23.91 -25.91
CA ILE A 160 -9.61 -23.41 -26.80
C ILE A 160 -8.23 -23.81 -26.31
N ILE A 161 -7.80 -23.28 -25.17
CA ILE A 161 -6.50 -23.64 -24.61
C ILE A 161 -6.38 -25.12 -24.29
N SER A 162 -7.43 -25.73 -23.76
CA SER A 162 -7.34 -27.14 -23.41
C SER A 162 -7.24 -28.13 -24.57
N PRO A 163 -8.18 -28.09 -25.53
CA PRO A 163 -8.03 -29.06 -26.62
C PRO A 163 -6.68 -28.99 -27.32
N ARG A 164 -6.08 -27.81 -27.40
CA ARG A 164 -4.74 -27.67 -27.96
C ARG A 164 -3.71 -28.21 -27.01
N HIS A 165 -3.98 -28.13 -25.71
CA HIS A 165 -2.98 -28.52 -24.75
C HIS A 165 -3.05 -30.02 -24.45
N GLU A 166 -4.07 -30.70 -24.98
CA GLU A 166 -4.06 -32.17 -24.98
C GLU A 166 -3.08 -32.71 -26.02
N LYS A 167 -3.26 -32.28 -27.27
CA LYS A 167 -2.38 -32.69 -28.36
C LYS A 167 -0.96 -32.16 -28.22
N MET A 168 -0.72 -31.32 -27.21
CA MET A 168 0.62 -30.83 -26.90
C MET A 168 1.44 -31.74 -25.97
N LYS A 169 0.75 -32.66 -25.28
CA LYS A 169 1.42 -33.73 -24.53
C LYS A 169 1.42 -35.09 -25.28
N THR A 170 0.77 -35.12 -26.44
CA THR A 170 0.67 -36.32 -27.29
C THR A 170 1.66 -36.39 -28.45
N GLY A 171 2.47 -35.34 -28.62
CA GLY A 171 3.43 -35.29 -29.72
C GLY A 171 2.80 -35.10 -31.10
N LEU A 172 1.47 -35.12 -31.15
CA LEU A 172 0.71 -34.85 -32.38
C LEU A 172 0.72 -33.36 -32.78
N ILE A 173 1.09 -32.50 -31.82
CA ILE A 173 1.20 -31.06 -32.03
C ILE A 173 2.52 -30.52 -31.47
N ASP A 174 3.40 -30.04 -32.35
CA ASP A 174 4.74 -29.55 -31.97
C ASP A 174 4.80 -28.02 -31.81
N LYS A 175 4.98 -27.54 -30.57
CA LYS A 175 4.96 -26.09 -30.29
C LYS A 175 6.16 -25.35 -30.87
N THR A 176 7.20 -26.08 -31.26
CA THR A 176 8.35 -25.46 -31.90
C THR A 176 8.16 -25.33 -33.43
N GLN A 177 7.07 -25.89 -33.95
CA GLN A 177 6.60 -25.69 -35.32
C GLN A 177 5.72 -24.44 -35.56
N GLU A 178 4.98 -24.06 -34.53
CA GLU A 178 3.94 -23.05 -34.63
C GLU A 178 4.47 -21.62 -34.61
N PRO A 179 3.84 -20.76 -35.43
CA PRO A 179 4.23 -19.36 -35.62
C PRO A 179 4.47 -18.60 -34.31
N PHE A 180 3.60 -18.75 -33.32
CA PHE A 180 3.73 -18.07 -32.03
C PHE A 180 2.97 -18.81 -30.92
N SER A 181 3.29 -18.43 -29.68
CA SER A 181 2.74 -18.99 -28.44
C SER A 181 1.31 -18.47 -28.19
N VAL A 182 0.33 -19.37 -28.04
CA VAL A 182 -1.08 -18.97 -27.87
C VAL A 182 -1.58 -19.17 -26.43
N ARG A 183 -1.77 -18.07 -25.69
CA ARG A 183 -2.13 -18.08 -24.25
C ARG A 183 -3.41 -17.28 -23.97
N ASN A 184 -4.00 -17.46 -22.79
CA ASN A 184 -5.17 -16.65 -22.40
C ASN A 184 -4.85 -15.66 -21.28
N LYS A 185 -5.41 -14.45 -21.38
CA LYS A 185 -5.11 -13.43 -20.38
C LYS A 185 -5.93 -13.60 -19.10
N PRO A 186 -5.24 -13.72 -17.95
CA PRO A 186 -5.80 -13.88 -16.60
C PRO A 186 -6.52 -12.63 -16.08
N PHE A 187 -7.73 -12.81 -15.56
CA PHE A 187 -8.50 -11.70 -15.01
C PHE A 187 -8.81 -11.91 -13.52
N PHE A 188 -8.89 -10.81 -12.77
CA PHE A 188 -9.06 -10.83 -11.32
C PHE A 188 -10.20 -9.88 -10.94
N ASP A 189 -10.60 -9.94 -9.68
CA ASP A 189 -11.57 -8.98 -9.16
C ASP A 189 -10.84 -7.68 -8.84
N ILE A 190 -11.58 -6.58 -8.86
CA ILE A 190 -10.98 -5.29 -8.63
C ILE A 190 -10.31 -5.27 -7.27
N CYS A 191 -10.90 -5.98 -6.32
CA CYS A 191 -10.33 -6.08 -4.99
C CYS A 191 -8.82 -6.36 -5.09
N THR A 192 -8.47 -7.50 -5.69
CA THR A 192 -7.07 -7.83 -5.90
C THR A 192 -6.34 -6.89 -6.88
N SER A 193 -7.08 -6.08 -7.63
CA SER A 193 -6.42 -5.12 -8.52
C SER A 193 -5.49 -4.17 -7.75
N ARG A 194 -5.97 -3.66 -6.62
CA ARG A 194 -5.20 -2.79 -5.75
C ARG A 194 -3.83 -3.41 -5.50
N LYS A 195 -3.84 -4.70 -5.17
CA LYS A 195 -2.63 -5.42 -4.89
C LYS A 195 -1.68 -5.34 -6.09
N LEU A 196 -2.25 -5.38 -7.30
CA LEU A 196 -1.47 -5.27 -8.53
C LEU A 196 -0.76 -3.91 -8.64
N LEU A 197 -1.23 -2.95 -7.86
CA LEU A 197 -0.60 -1.63 -7.79
C LEU A 197 0.36 -1.52 -6.61
N GLU A 198 0.42 -2.59 -5.81
CA GLU A 198 1.28 -2.69 -4.62
C GLU A 198 2.59 -3.42 -4.90
N HIS A 207 4.54 -10.22 -20.79
CA HIS A 207 4.52 -10.12 -19.32
C HIS A 207 4.34 -8.67 -18.84
N GLU A 208 5.36 -7.84 -19.08
CA GLU A 208 5.46 -6.50 -18.50
C GLU A 208 4.32 -5.55 -18.88
N MET A 209 3.83 -4.82 -17.87
CA MET A 209 2.65 -3.96 -18.00
C MET A 209 2.96 -2.46 -18.02
N ASP A 210 2.34 -1.76 -18.96
CA ASP A 210 2.32 -0.31 -18.95
C ASP A 210 1.04 0.23 -18.31
N GLY A 211 0.20 -0.65 -17.75
CA GLY A 211 -1.01 -0.19 -17.10
C GLY A 211 -2.01 -1.26 -16.70
N LEU A 212 -3.26 -0.85 -16.51
CA LEU A 212 -4.34 -1.76 -16.14
C LEU A 212 -5.58 -1.62 -17.03
N ILE A 213 -6.32 -2.70 -17.20
CA ILE A 213 -7.60 -2.67 -17.91
C ILE A 213 -8.78 -3.15 -17.04
N PHE A 214 -9.90 -2.46 -17.14
CA PHE A 214 -11.04 -2.85 -16.31
C PHE A 214 -12.20 -3.33 -17.17
N GLN A 215 -12.49 -4.61 -17.06
CA GLN A 215 -13.55 -5.20 -17.87
C GLN A 215 -14.85 -5.38 -17.10
N PRO A 216 -15.93 -4.80 -17.63
CA PRO A 216 -17.26 -5.06 -17.11
C PRO A 216 -17.60 -6.52 -17.37
N THR A 217 -18.48 -7.08 -16.57
CA THR A 217 -18.78 -8.50 -16.71
C THR A 217 -19.92 -8.75 -17.69
N GLY A 218 -20.35 -7.70 -18.38
CA GLY A 218 -21.50 -7.74 -19.27
C GLY A 218 -21.29 -8.52 -20.56
N LYS A 219 -22.23 -8.39 -21.49
CA LYS A 219 -22.10 -9.07 -22.79
C LYS A 219 -21.15 -8.25 -23.63
N TYR A 220 -20.47 -8.91 -24.57
CA TYR A 220 -19.48 -8.29 -25.46
C TYR A 220 -20.10 -7.20 -26.33
N LYS A 221 -19.48 -6.03 -26.36
CA LYS A 221 -19.94 -5.01 -27.27
C LYS A 221 -18.81 -4.58 -28.18
N PRO A 222 -19.12 -4.39 -29.47
CA PRO A 222 -18.27 -3.88 -30.54
C PRO A 222 -18.26 -2.35 -30.47
N GLY A 223 -17.29 -1.69 -31.07
CA GLY A 223 -17.30 -0.23 -31.11
C GLY A 223 -16.81 0.39 -29.83
N ARG A 224 -16.99 1.70 -29.68
CA ARG A 224 -16.58 2.36 -28.45
C ARG A 224 -17.35 1.75 -27.25
N CYS A 225 -16.61 1.35 -26.22
CA CYS A 225 -17.21 0.97 -24.94
C CYS A 225 -16.84 1.96 -23.85
N ASP A 226 -17.79 2.80 -23.45
CA ASP A 226 -17.50 3.86 -22.52
C ASP A 226 -17.13 3.19 -21.21
N ASP A 227 -17.53 1.92 -21.06
CA ASP A 227 -17.37 1.16 -19.82
C ASP A 227 -16.16 0.22 -19.73
N ILE A 228 -15.39 0.05 -20.79
CA ILE A 228 -14.12 -0.67 -20.62
C ILE A 228 -13.10 0.39 -20.40
N LEU A 229 -12.46 0.35 -19.24
CA LEU A 229 -11.58 1.41 -18.85
C LEU A 229 -10.13 1.00 -18.89
N LYS A 230 -9.34 1.72 -19.68
CA LYS A 230 -7.88 1.62 -19.66
C LYS A 230 -7.26 2.64 -18.69
N TRP A 231 -6.63 2.16 -17.63
CA TRP A 231 -5.87 3.11 -16.83
C TRP A 231 -4.36 3.08 -17.14
N LYS A 232 -3.77 4.25 -17.26
CA LYS A 232 -2.39 4.34 -17.64
C LYS A 232 -1.74 5.50 -16.90
N PRO A 233 -0.51 5.30 -16.42
CA PRO A 233 0.12 6.34 -15.60
C PRO A 233 0.37 7.56 -16.47
N PRO A 234 -0.08 8.73 -16.01
CA PRO A 234 -0.33 9.90 -16.87
C PRO A 234 0.80 10.29 -17.82
N SER A 235 2.06 9.96 -17.50
CA SER A 235 3.14 10.28 -18.43
C SER A 235 3.26 9.32 -19.61
N LEU A 236 2.63 8.16 -19.53
CA LEU A 236 2.69 7.22 -20.64
C LEU A 236 1.55 7.34 -21.65
N ASN A 237 0.74 8.39 -21.51
CA ASN A 237 -0.37 8.69 -22.42
C ASN A 237 0.10 9.16 -23.79
N SER A 238 -0.32 8.45 -24.84
CA SER A 238 0.13 8.75 -26.20
C SER A 238 -0.97 8.74 -27.28
N VAL A 239 -0.67 9.22 -28.48
CA VAL A 239 -1.66 9.25 -29.56
C VAL A 239 -1.04 9.10 -30.95
N ASP A 240 -1.70 8.33 -31.81
CA ASP A 240 -1.17 8.03 -33.13
C ASP A 240 -1.77 8.95 -34.17
N PHE A 241 -0.92 9.82 -34.72
CA PHE A 241 -1.29 10.87 -35.68
C PHE A 241 -0.72 10.56 -37.08
N ARG A 242 -1.43 10.98 -38.15
CA ARG A 242 -0.86 10.99 -39.49
C ARG A 242 -0.05 12.26 -39.53
N LEU A 243 1.26 12.17 -39.79
CA LEU A 243 2.08 13.38 -39.86
C LEU A 243 2.15 13.90 -41.29
N LYS A 244 1.63 15.10 -41.55
CA LYS A 244 1.77 15.70 -42.87
C LYS A 244 2.51 17.04 -42.76
N ILE A 245 3.75 17.11 -43.25
CA ILE A 245 4.55 18.33 -43.19
C ILE A 245 4.26 19.28 -44.35
N THR A 246 3.79 20.48 -44.05
CA THR A 246 3.42 21.41 -45.11
C THR A 246 4.19 22.69 -44.92
N ARG A 247 4.99 23.07 -45.92
CA ARG A 247 5.63 24.37 -45.90
C ARG A 247 4.59 25.37 -46.33
N MET A 248 4.39 26.42 -45.55
CA MET A 248 3.36 27.38 -45.92
C MET A 248 3.60 28.82 -45.46
N GLY A 249 3.22 29.74 -46.32
CA GLY A 249 2.93 31.12 -45.97
C GLY A 249 1.94 31.63 -47.00
N GLY A 250 1.12 32.61 -46.61
CA GLY A 250 0.13 33.17 -47.52
C GLY A 250 0.75 34.39 -48.17
N GLU A 251 -0.06 35.40 -48.44
CA GLU A 251 0.51 36.71 -48.72
C GLU A 251 1.20 37.21 -47.44
N GLY A 252 0.66 36.81 -46.28
CA GLY A 252 1.37 37.01 -45.02
C GLY A 252 2.60 36.13 -45.07
N LEU A 253 3.76 36.78 -45.07
CA LEU A 253 4.89 36.32 -45.87
C LEU A 253 5.62 35.03 -45.45
N LEU A 254 6.17 35.02 -44.23
CA LEU A 254 7.28 34.12 -43.97
C LEU A 254 6.94 32.67 -44.28
N PRO A 255 7.79 32.04 -45.11
CA PRO A 255 7.67 30.62 -45.46
C PRO A 255 8.17 29.72 -44.32
N GLN A 256 7.47 29.73 -43.18
CA GLN A 256 7.70 28.75 -42.14
C GLN A 256 7.02 27.46 -42.58
N ASN A 257 7.52 26.34 -42.10
CA ASN A 257 6.90 25.05 -42.44
C ASN A 257 6.64 24.18 -41.20
N VAL A 258 5.37 23.88 -40.97
CA VAL A 258 5.01 23.24 -39.73
C VAL A 258 4.39 21.86 -39.98
N GLY A 259 4.76 20.89 -39.16
CA GLY A 259 4.08 19.62 -39.17
C GLY A 259 2.67 19.59 -38.58
N LEU A 260 1.70 19.19 -39.40
CA LEU A 260 0.33 19.08 -38.97
C LEU A 260 0.09 17.64 -38.61
N LEU A 261 -0.51 17.42 -37.44
CA LEU A 261 -0.93 16.09 -37.01
C LEU A 261 -2.43 15.87 -37.31
N TYR A 262 -2.78 14.67 -37.76
CA TYR A 262 -4.15 14.33 -38.17
C TYR A 262 -4.73 13.11 -37.48
N VAL A 263 -6.03 13.15 -37.21
CA VAL A 263 -6.70 12.00 -36.62
C VAL A 263 -7.82 11.51 -37.52
N GLY A 264 -8.25 10.28 -37.32
CA GLY A 264 -9.30 9.72 -38.14
C GLY A 264 -10.67 10.35 -37.95
N GLY A 265 -11.27 10.80 -39.05
CA GLY A 265 -12.64 11.25 -39.02
C GLY A 265 -12.82 12.66 -38.50
N TYR A 266 -11.73 13.41 -38.46
CA TYR A 266 -11.77 14.84 -38.30
C TYR A 266 -11.00 15.30 -39.51
N GLU A 267 -11.60 16.22 -40.27
CA GLU A 267 -11.02 16.71 -41.53
C GLU A 267 -9.79 17.70 -41.42
N ARG A 268 -9.92 18.80 -40.66
CA ARG A 268 -8.79 19.70 -40.34
C ARG A 268 -7.75 19.03 -39.44
N PRO A 269 -6.56 19.66 -39.29
CA PRO A 269 -5.56 19.11 -38.38
C PRO A 269 -5.95 19.22 -36.92
N PHE A 270 -5.60 18.20 -36.15
CA PHE A 270 -5.89 18.11 -34.72
C PHE A 270 -4.90 18.84 -33.83
N ALA A 271 -3.66 18.96 -34.27
CA ALA A 271 -2.61 19.62 -33.51
C ALA A 271 -1.51 19.95 -34.48
N GLN A 272 -0.48 20.65 -34.00
CA GLN A 272 0.73 20.99 -34.77
C GLN A 272 1.96 20.39 -34.09
N ILE A 273 2.96 20.02 -34.88
CA ILE A 273 4.22 19.58 -34.29
C ILE A 273 5.43 20.37 -34.86
N LYS A 274 6.34 20.75 -33.98
CA LYS A 274 7.51 21.49 -34.40
C LYS A 274 8.28 20.56 -35.28
N VAL A 275 8.56 21.02 -36.48
CA VAL A 275 9.40 20.30 -37.43
C VAL A 275 10.86 20.26 -36.93
N THR A 276 11.54 19.15 -37.20
CA THR A 276 12.96 18.99 -36.83
C THR A 276 13.71 18.27 -37.96
N LYS A 277 15.04 18.25 -37.90
CA LYS A 277 15.81 17.45 -38.86
C LYS A 277 15.27 16.02 -38.92
N GLU A 278 15.25 15.37 -37.75
CA GLU A 278 14.83 13.98 -37.59
C GLU A 278 13.42 13.63 -38.08
N LEU A 279 12.48 14.55 -37.86
CA LEU A 279 11.08 14.26 -38.11
C LEU A 279 10.69 14.04 -39.59
N LYS A 280 11.22 14.87 -40.51
CA LYS A 280 10.84 14.81 -41.93
C LYS A 280 10.91 13.37 -42.41
N GLN A 281 11.81 12.62 -41.78
CA GLN A 281 12.06 11.23 -42.08
C GLN A 281 10.76 10.41 -42.24
N TYR A 282 9.86 10.49 -41.24
CA TYR A 282 8.52 9.89 -41.33
C TYR A 282 7.47 10.96 -41.60
N ASP A 283 6.99 11.02 -42.83
CA ASP A 283 6.12 12.10 -43.26
C ASP A 283 5.12 11.44 -44.15
N ASN A 284 3.86 11.79 -43.95
CA ASN A 284 2.78 11.09 -44.60
C ASN A 284 2.65 9.72 -43.94
N LYS A 285 3.57 9.45 -43.01
CA LYS A 285 3.58 8.24 -42.19
C LYS A 285 2.68 8.37 -40.95
N ILE A 286 2.80 7.42 -40.02
CA ILE A 286 2.03 7.44 -38.78
C ILE A 286 3.04 7.58 -37.63
N ILE A 287 2.80 8.47 -36.69
CA ILE A 287 3.72 8.63 -35.56
C ILE A 287 3.03 8.62 -34.21
N GLU A 288 3.57 7.85 -33.27
CA GLU A 288 3.11 7.87 -31.89
C GLU A 288 3.79 9.01 -31.12
N CYS A 289 2.98 9.92 -30.58
CA CYS A 289 3.47 10.98 -29.73
C CYS A 289 2.94 10.87 -28.31
N LYS A 290 3.83 11.08 -27.35
CA LYS A 290 3.49 11.32 -25.96
C LYS A 290 3.16 12.83 -25.83
N PHE A 291 2.38 13.21 -24.81
CA PHE A 291 2.15 14.64 -24.53
C PHE A 291 2.91 15.16 -23.33
N GLU A 292 3.73 16.18 -23.53
CA GLU A 292 4.40 16.81 -22.40
C GLU A 292 4.80 18.25 -22.66
N ASN A 293 4.93 19.02 -21.59
CA ASN A 293 5.47 20.36 -21.72
C ASN A 293 4.66 21.17 -22.75
N ASN A 294 3.37 20.88 -22.82
CA ASN A 294 2.48 21.60 -23.73
C ASN A 294 2.84 21.45 -25.20
N SER A 295 3.35 20.29 -25.55
CA SER A 295 3.68 20.00 -26.93
C SER A 295 3.51 18.51 -27.16
N TRP A 296 3.12 18.13 -28.37
CA TRP A 296 3.20 16.73 -28.73
C TRP A 296 4.67 16.47 -28.97
N VAL A 297 5.13 15.32 -28.53
CA VAL A 297 6.55 15.02 -28.66
C VAL A 297 6.74 13.68 -29.40
N PHE A 298 7.41 13.71 -30.55
CA PHE A 298 7.62 12.46 -31.28
C PHE A 298 8.31 11.44 -30.39
N MET A 299 7.78 10.23 -30.34
CA MET A 299 8.46 9.22 -29.53
C MET A 299 8.97 8.03 -30.34
N ARG A 300 8.09 7.34 -31.07
CA ARG A 300 8.52 6.29 -32.00
C ARG A 300 7.59 6.18 -33.20
N GLN A 301 8.11 5.95 -34.40
CA GLN A 301 7.25 5.71 -35.57
C GLN A 301 6.41 4.42 -35.43
N ARG A 302 5.23 4.41 -36.05
CA ARG A 302 4.38 3.24 -35.93
C ARG A 302 4.20 2.56 -37.27
N THR A 303 4.84 1.42 -37.43
CA THR A 303 4.98 0.83 -38.74
C THR A 303 3.83 -0.09 -39.04
N ASP A 304 3.07 -0.42 -37.99
CA ASP A 304 2.01 -1.39 -38.12
C ASP A 304 0.66 -0.76 -38.41
N LYS A 305 0.57 0.56 -38.26
CA LYS A 305 -0.69 1.23 -38.49
C LYS A 305 -0.64 1.93 -39.85
N SER A 306 -1.68 1.71 -40.67
CA SER A 306 -1.89 2.47 -41.91
C SER A 306 -2.84 3.63 -41.63
N PHE A 307 -3.24 3.73 -40.38
CA PHE A 307 -4.29 4.64 -39.96
C PHE A 307 -3.98 5.21 -38.60
N PRO A 308 -4.37 6.49 -38.38
CA PRO A 308 -4.11 7.09 -37.08
C PRO A 308 -5.29 6.87 -36.11
N ASN A 309 -5.14 7.29 -34.85
CA ASN A 309 -6.20 7.14 -33.87
C ASN A 309 -7.43 7.91 -34.34
N ALA A 310 -8.59 7.54 -33.86
CA ALA A 310 -9.82 8.19 -34.26
C ALA A 310 -9.96 9.51 -33.52
N TYR A 311 -10.57 10.51 -34.14
CA TYR A 311 -10.75 11.77 -33.45
C TYR A 311 -11.32 11.55 -32.05
N ASN A 312 -12.18 10.55 -31.91
CA ASN A 312 -12.88 10.33 -30.66
C ASN A 312 -11.98 9.64 -29.65
N THR A 313 -11.06 8.83 -30.15
CA THR A 313 -10.01 8.24 -29.33
C THR A 313 -9.01 9.31 -28.92
N ALA A 314 -8.75 10.25 -29.83
CA ALA A 314 -7.77 11.27 -29.53
C ALA A 314 -8.26 12.16 -28.40
N MET A 315 -9.44 12.73 -28.60
CA MET A 315 -10.04 13.60 -27.62
C MET A 315 -10.08 12.91 -26.28
N ALA A 316 -10.26 11.60 -26.31
CA ALA A 316 -10.39 10.79 -25.12
C ALA A 316 -9.11 10.80 -24.34
N VAL A 317 -8.01 10.90 -25.06
CA VAL A 317 -6.71 10.86 -24.41
C VAL A 317 -6.44 12.20 -23.80
N CYS A 318 -6.84 13.26 -24.50
CA CYS A 318 -6.71 14.61 -23.97
C CYS A 318 -7.55 14.84 -22.72
N ASN A 319 -8.79 14.37 -22.80
CA ASN A 319 -9.71 14.38 -21.66
C ASN A 319 -9.00 13.78 -20.44
N SER A 320 -8.29 12.69 -20.68
CA SER A 320 -7.52 12.04 -19.67
C SER A 320 -6.31 12.85 -19.20
N ILE A 321 -5.53 13.41 -20.12
CA ILE A 321 -4.30 14.09 -19.71
C ILE A 321 -4.59 15.41 -18.98
N SER A 322 -5.67 16.08 -19.35
CA SER A 322 -6.04 17.33 -18.68
C SER A 322 -6.90 17.15 -17.41
N ASN A 323 -7.42 15.96 -17.20
CA ASN A 323 -8.17 15.69 -15.98
C ASN A 323 -7.87 14.27 -15.48
N PRO A 324 -6.60 14.05 -15.10
CA PRO A 324 -5.99 12.73 -14.90
C PRO A 324 -6.38 12.02 -13.60
N VAL A 325 -6.15 10.71 -13.59
CA VAL A 325 -6.31 9.88 -12.40
C VAL A 325 -4.90 9.41 -12.04
N THR A 326 -4.39 9.91 -10.92
CA THR A 326 -3.05 9.61 -10.44
C THR A 326 -2.99 8.21 -9.85
N LYS A 327 -1.79 7.64 -9.77
CA LYS A 327 -1.70 6.28 -9.26
C LYS A 327 -2.39 6.17 -7.89
N GLU A 328 -2.02 7.04 -6.96
CA GLU A 328 -2.61 7.02 -5.63
C GLU A 328 -4.13 7.06 -5.73
N MET A 329 -4.62 8.05 -6.47
CA MET A 329 -6.05 8.30 -6.52
C MET A 329 -6.84 7.07 -6.91
N LEU A 330 -6.29 6.27 -7.83
CA LEU A 330 -6.90 5.01 -8.27
C LEU A 330 -6.78 3.97 -7.17
N PHE A 331 -5.58 3.89 -6.59
CA PHE A 331 -5.33 3.06 -5.41
C PHE A 331 -6.42 3.33 -4.39
N GLU A 332 -6.50 4.58 -3.95
CA GLU A 332 -7.45 4.98 -2.92
C GLU A 332 -8.94 4.81 -3.30
N PHE A 333 -9.24 4.71 -4.59
CA PHE A 333 -10.61 4.41 -5.03
C PHE A 333 -10.97 2.92 -4.94
N ILE A 334 -10.01 2.06 -5.28
CA ILE A 334 -10.22 0.61 -5.22
C ILE A 334 -10.29 0.11 -3.79
N ASP A 335 -9.32 0.54 -2.99
CA ASP A 335 -9.12 0.07 -1.61
C ASP A 335 -10.38 0.03 -0.74
N ARG A 336 -10.93 1.20 -0.39
CA ARG A 336 -12.16 1.25 0.43
C ARG A 336 -13.44 1.08 -0.42
N GLY B 1 8.49 -48.63 1.19
CA GLY B 1 7.77 -47.37 1.07
C GLY B 1 8.56 -46.28 0.34
N ALA B 2 9.00 -46.61 -0.86
CA ALA B 2 9.63 -45.64 -1.75
C ALA B 2 8.60 -45.12 -2.75
N ILE B 3 7.37 -45.60 -2.60
CA ILE B 3 6.22 -45.09 -3.36
C ILE B 3 5.65 -43.87 -2.62
N PHE B 4 5.39 -42.78 -3.37
CA PHE B 4 4.92 -41.54 -2.75
C PHE B 4 3.44 -41.64 -2.44
N LEU B 5 2.63 -41.68 -3.47
CA LEU B 5 1.20 -41.79 -3.25
C LEU B 5 0.73 -43.09 -3.86
N GLU B 6 -0.39 -43.59 -3.36
CA GLU B 6 -1.02 -44.75 -3.96
C GLU B 6 -2.49 -44.48 -4.29
N GLY B 7 -2.96 -45.06 -5.41
CA GLY B 7 -4.27 -44.76 -5.96
C GLY B 7 -4.15 -43.79 -7.12
N VAL B 8 -2.97 -43.20 -7.25
CA VAL B 8 -2.66 -42.26 -8.32
C VAL B 8 -1.16 -42.01 -8.33
N THR B 9 -0.73 -41.07 -9.17
CA THR B 9 0.65 -40.59 -9.17
C THR B 9 0.66 -39.20 -9.81
N VAL B 10 1.71 -38.42 -9.55
CA VAL B 10 1.77 -37.08 -10.11
C VAL B 10 3.19 -36.51 -10.30
N LYS B 11 3.30 -35.59 -11.25
CA LYS B 11 4.58 -35.08 -11.74
C LYS B 11 5.31 -34.18 -10.75
N GLY B 12 6.63 -34.23 -10.81
CA GLY B 12 7.46 -33.32 -10.03
C GLY B 12 7.75 -33.90 -8.68
N VAL B 13 6.88 -34.79 -8.22
CA VAL B 13 7.08 -35.43 -6.92
C VAL B 13 8.03 -36.58 -7.19
N THR B 14 9.22 -36.50 -6.62
CA THR B 14 10.19 -37.52 -6.94
C THR B 14 11.02 -37.85 -5.72
N GLN B 15 11.20 -39.14 -5.49
CA GLN B 15 11.90 -39.58 -4.31
C GLN B 15 13.34 -39.10 -4.32
N VAL B 16 13.80 -38.62 -3.18
CA VAL B 16 15.18 -38.23 -3.10
C VAL B 16 15.90 -39.44 -2.56
N THR B 17 16.54 -40.17 -3.47
CA THR B 17 17.42 -41.30 -3.16
C THR B 17 18.86 -40.82 -3.24
N THR B 18 19.02 -39.55 -3.62
CA THR B 18 20.30 -38.85 -3.57
C THR B 18 20.89 -39.04 -2.17
N GLN B 19 22.18 -39.31 -2.08
CA GLN B 19 22.83 -39.49 -0.78
C GLN B 19 23.08 -38.22 0.09
N PRO B 20 23.68 -37.16 -0.53
CA PRO B 20 24.10 -35.91 0.15
C PRO B 20 22.98 -34.93 0.60
N LYS B 21 21.97 -34.72 -0.25
CA LYS B 21 20.89 -33.77 0.03
C LYS B 21 19.96 -34.36 1.10
N LEU B 22 19.51 -35.58 0.87
CA LEU B 22 18.61 -36.30 1.78
C LEU B 22 19.04 -36.32 3.26
N GLY B 23 20.30 -36.65 3.53
CA GLY B 23 20.79 -36.63 4.89
C GLY B 23 20.53 -35.27 5.53
N GLU B 24 20.66 -34.21 4.74
CA GLU B 24 20.46 -32.85 5.24
C GLU B 24 18.99 -32.58 5.58
N VAL B 25 18.10 -32.88 4.63
CA VAL B 25 16.65 -32.66 4.79
C VAL B 25 16.10 -33.31 6.07
N GLN B 26 16.63 -34.48 6.39
CA GLN B 26 16.26 -35.20 7.60
C GLN B 26 16.77 -34.48 8.84
N GLN B 27 18.03 -34.06 8.79
CA GLN B 27 18.62 -33.42 9.95
C GLN B 27 17.92 -32.10 10.23
N LYS B 28 17.46 -31.42 9.18
CA LYS B 28 16.82 -30.11 9.37
C LYS B 28 15.46 -30.26 10.02
N CYS B 29 14.81 -31.39 9.75
CA CYS B 29 13.52 -31.69 10.38
C CYS B 29 13.68 -32.03 11.84
N HIS B 30 14.61 -32.93 12.16
CA HIS B 30 14.94 -33.18 13.55
C HIS B 30 15.13 -31.86 14.25
N GLN B 31 16.03 -31.04 13.70
CA GLN B 31 16.36 -29.77 14.32
C GLN B 31 15.07 -28.99 14.62
N PHE B 32 14.26 -28.75 13.59
CA PHE B 32 13.06 -27.92 13.78
C PHE B 32 12.11 -28.43 14.86
N CYS B 33 12.01 -29.75 14.97
CA CYS B 33 11.07 -30.38 15.91
C CYS B 33 11.60 -30.53 17.33
N GLY B 34 12.91 -30.49 17.50
CA GLY B 34 13.50 -30.85 18.78
C GLY B 34 13.41 -32.34 19.02
N TRP B 35 13.88 -33.12 18.04
CA TRP B 35 13.82 -34.58 18.13
C TRP B 35 15.22 -35.17 18.23
N GLU B 36 15.54 -35.72 19.39
CA GLU B 36 16.86 -36.29 19.59
C GLU B 36 17.06 -37.58 18.77
N GLY B 37 16.09 -38.49 18.86
CA GLY B 37 16.18 -39.80 18.25
C GLY B 37 15.94 -39.85 16.75
N SER B 38 16.57 -40.82 16.09
CA SER B 38 16.42 -41.02 14.65
C SER B 38 15.03 -41.49 14.28
N GLY B 39 14.69 -41.34 13.00
CA GLY B 39 13.39 -41.72 12.49
C GLY B 39 12.47 -40.52 12.36
N PHE B 40 11.23 -40.77 11.95
CA PHE B 40 10.24 -39.71 11.74
C PHE B 40 9.89 -38.94 13.01
N PRO B 41 10.22 -37.65 13.04
CA PRO B 41 10.09 -36.70 14.15
C PRO B 41 8.68 -36.25 14.47
N GLY B 42 7.72 -36.46 13.56
CA GLY B 42 6.37 -35.92 13.70
C GLY B 42 5.57 -36.33 14.94
N ALA B 43 4.66 -35.46 15.36
CA ALA B 43 3.78 -35.78 16.47
C ALA B 43 2.95 -36.97 16.06
N GLN B 44 2.92 -38.02 16.89
CA GLN B 44 2.14 -39.21 16.57
C GLN B 44 0.97 -39.44 17.54
N PRO B 45 -0.26 -39.38 17.00
CA PRO B 45 -1.52 -39.46 17.75
C PRO B 45 -1.81 -40.88 18.16
N VAL B 46 -2.44 -41.05 19.33
CA VAL B 46 -2.76 -42.37 19.91
C VAL B 46 -4.24 -42.77 19.80
N SER B 47 -4.45 -44.05 19.57
CA SER B 47 -5.78 -44.66 19.52
C SER B 47 -6.60 -44.40 20.83
N MET B 48 -7.86 -43.98 20.69
CA MET B 48 -8.70 -43.63 21.86
C MET B 48 -9.38 -44.83 22.55
N ASP B 49 -9.43 -44.75 23.88
CA ASP B 49 -10.03 -45.79 24.73
C ASP B 49 -10.80 -45.20 25.91
N LYS B 50 -11.27 -46.06 26.82
CA LYS B 50 -11.95 -45.63 28.05
C LYS B 50 -11.12 -44.60 28.82
N GLN B 51 -9.88 -45.00 29.12
CA GLN B 51 -8.92 -44.17 29.84
C GLN B 51 -8.74 -42.78 29.21
N ASN B 52 -8.39 -42.78 27.93
CA ASN B 52 -8.13 -41.56 27.14
C ASN B 52 -9.21 -40.52 27.15
N ILE B 53 -10.41 -40.94 26.77
CA ILE B 53 -11.50 -40.03 26.48
C ILE B 53 -11.72 -39.10 27.65
N LYS B 54 -11.30 -39.56 28.83
CA LYS B 54 -11.29 -38.74 30.03
C LYS B 54 -10.68 -37.36 29.77
N LEU B 55 -9.63 -37.31 28.95
CA LEU B 55 -8.91 -36.07 28.71
C LEU B 55 -9.75 -34.96 28.07
N LEU B 56 -10.83 -35.32 27.39
CA LEU B 56 -11.65 -34.30 26.74
C LEU B 56 -12.18 -33.30 27.76
N ASP B 57 -12.23 -33.70 29.02
CA ASP B 57 -12.65 -32.81 30.09
C ASP B 57 -11.53 -32.11 30.83
N LEU B 58 -10.28 -32.51 30.59
CA LEU B 58 -9.17 -31.99 31.40
C LEU B 58 -8.61 -30.69 30.86
N LYS B 59 -8.92 -30.40 29.59
CA LYS B 59 -8.46 -29.19 28.92
C LYS B 59 -9.23 -28.96 27.61
N PRO B 60 -8.96 -27.82 26.95
CA PRO B 60 -9.68 -27.50 25.71
C PRO B 60 -9.27 -28.41 24.55
N TYR B 61 -10.24 -28.85 23.76
CA TYR B 61 -9.94 -29.64 22.56
C TYR B 61 -10.59 -29.02 21.33
N LYS B 62 -10.00 -29.30 20.18
CA LYS B 62 -10.64 -29.01 18.91
C LYS B 62 -10.73 -30.36 18.20
N VAL B 63 -11.58 -30.47 17.20
CA VAL B 63 -11.69 -31.73 16.47
C VAL B 63 -11.83 -31.54 14.96
N SER B 64 -11.63 -32.61 14.21
CA SER B 64 -11.75 -32.60 12.77
C SER B 64 -11.94 -34.04 12.35
N TRP B 65 -12.16 -34.28 11.07
CA TRP B 65 -12.48 -35.62 10.58
C TRP B 65 -11.24 -36.33 10.09
N LYS B 66 -10.80 -37.38 10.79
CA LYS B 66 -9.66 -38.12 10.30
C LYS B 66 -10.04 -38.53 8.88
N ALA B 67 -9.22 -38.15 7.91
CA ALA B 67 -9.36 -38.66 6.58
C ALA B 67 -8.29 -39.71 6.44
N ASP B 68 -8.65 -40.82 5.84
CA ASP B 68 -7.66 -41.84 5.61
C ASP B 68 -6.71 -41.24 4.59
N GLY B 69 -5.44 -41.17 4.94
CA GLY B 69 -4.48 -40.46 4.11
C GLY B 69 -3.10 -40.97 4.41
N THR B 70 -2.09 -40.30 3.88
CA THR B 70 -0.72 -40.72 4.13
C THR B 70 0.07 -39.59 4.74
N ARG B 71 0.64 -39.82 5.91
CA ARG B 71 1.27 -38.71 6.64
C ARG B 71 2.52 -38.20 5.97
N TYR B 72 2.55 -36.89 5.78
CA TYR B 72 3.73 -36.16 5.27
C TYR B 72 4.00 -34.80 5.96
N MET B 73 5.19 -34.66 6.52
CA MET B 73 5.70 -33.35 6.92
C MET B 73 6.31 -32.67 5.70
N MET B 74 5.88 -31.44 5.39
CA MET B 74 6.44 -30.72 4.25
C MET B 74 7.48 -29.66 4.65
N LEU B 75 8.71 -29.81 4.16
CA LEU B 75 9.76 -28.83 4.44
C LEU B 75 9.87 -27.83 3.32
N ILE B 76 9.51 -26.57 3.58
CA ILE B 76 9.69 -25.51 2.61
C ILE B 76 10.93 -24.70 3.02
N ASP B 77 12.06 -24.99 2.37
CA ASP B 77 13.36 -24.38 2.71
C ASP B 77 13.84 -23.35 1.73
N GLY B 78 13.03 -23.05 0.73
CA GLY B 78 13.49 -22.13 -0.27
C GLY B 78 12.69 -22.15 -1.56
N THR B 79 13.37 -21.70 -2.61
CA THR B 79 12.72 -21.38 -3.87
C THR B 79 12.29 -22.63 -4.68
N ASN B 80 13.22 -23.52 -5.00
CA ASN B 80 12.78 -24.86 -5.39
C ASN B 80 12.88 -25.94 -4.32
N GLU B 81 13.27 -25.56 -3.11
CA GLU B 81 13.42 -26.56 -2.06
C GLU B 81 12.09 -26.74 -1.37
N VAL B 82 11.40 -27.82 -1.74
CA VAL B 82 10.18 -28.24 -1.09
C VAL B 82 10.32 -29.74 -1.01
N PHE B 83 10.33 -30.26 0.20
CA PHE B 83 10.42 -31.69 0.38
C PHE B 83 9.25 -32.22 1.21
N MET B 84 9.03 -33.52 1.15
CA MET B 84 8.04 -34.15 2.00
C MET B 84 8.72 -35.30 2.73
N ILE B 85 8.30 -35.55 3.96
CA ILE B 85 8.85 -36.65 4.74
C ILE B 85 7.68 -37.51 5.18
N ASP B 86 7.84 -38.84 5.11
CA ASP B 86 6.78 -39.76 5.50
C ASP B 86 7.09 -40.48 6.83
N ARG B 87 6.14 -41.32 7.29
CA ARG B 87 6.21 -42.03 8.57
C ARG B 87 7.57 -42.70 8.68
N ASP B 88 8.06 -43.11 7.51
CA ASP B 88 9.32 -43.80 7.29
C ASP B 88 10.59 -42.94 7.39
N ASN B 89 10.45 -41.63 7.28
CA ASN B 89 11.62 -40.76 7.11
C ASN B 89 12.17 -40.78 5.68
N SER B 90 11.51 -41.52 4.79
CA SER B 90 11.69 -41.34 3.34
C SER B 90 11.52 -39.86 3.01
N VAL B 91 12.32 -39.29 2.13
CA VAL B 91 12.08 -37.90 1.72
C VAL B 91 11.87 -37.72 0.21
N PHE B 92 10.93 -36.86 -0.17
CA PHE B 92 10.60 -36.59 -1.58
C PHE B 92 10.84 -35.11 -1.92
N HIS B 93 11.14 -34.83 -3.17
CA HIS B 93 11.18 -33.44 -3.60
C HIS B 93 9.97 -33.13 -4.49
N VAL B 94 9.30 -32.02 -4.19
CA VAL B 94 8.15 -31.57 -4.99
C VAL B 94 8.52 -30.38 -5.87
N SER B 95 8.04 -30.38 -7.12
CA SER B 95 8.58 -29.45 -8.12
C SER B 95 7.98 -28.04 -8.17
N ASN B 96 6.76 -27.92 -8.65
CA ASN B 96 6.21 -26.60 -8.90
C ASN B 96 5.33 -25.98 -7.82
N LEU B 97 5.27 -26.60 -6.64
CA LEU B 97 4.67 -25.94 -5.50
C LEU B 97 5.43 -24.65 -5.19
N GLU B 98 4.74 -23.53 -5.16
CA GLU B 98 5.38 -22.25 -4.89
C GLU B 98 4.83 -21.66 -3.60
N PHE B 99 5.72 -21.29 -2.68
CA PHE B 99 5.31 -20.74 -1.37
C PHE B 99 5.85 -19.34 -1.16
N PRO B 100 5.09 -18.32 -1.62
CA PRO B 100 5.41 -16.90 -1.49
C PRO B 100 5.27 -16.33 -0.08
N PHE B 101 6.29 -15.59 0.35
CA PHE B 101 6.33 -14.86 1.62
C PHE B 101 5.27 -13.78 1.59
N ARG B 102 4.38 -13.72 2.57
CA ARG B 102 3.33 -12.71 2.55
C ARG B 102 3.83 -11.25 2.53
N LYS B 103 4.97 -10.99 3.18
CA LYS B 103 5.61 -9.68 3.08
C LYS B 103 5.78 -9.19 1.63
N ASP B 104 6.69 -9.79 0.86
CA ASP B 104 6.80 -9.48 -0.57
C ASP B 104 6.75 -10.73 -1.44
N LEU B 105 5.69 -10.85 -2.25
CA LEU B 105 5.46 -12.08 -3.02
C LEU B 105 6.68 -12.42 -3.91
N ARG B 106 7.60 -11.46 -4.01
CA ARG B 106 8.85 -11.62 -4.73
C ARG B 106 9.69 -12.72 -4.11
N MET B 107 10.01 -12.53 -2.82
CA MET B 107 10.79 -13.50 -2.08
C MET B 107 9.93 -14.75 -1.84
N HIS B 108 10.59 -15.86 -1.53
CA HIS B 108 9.93 -17.14 -1.26
C HIS B 108 10.18 -17.65 0.16
N LEU B 109 9.32 -18.56 0.62
CA LEU B 109 9.41 -19.09 1.99
C LEU B 109 10.59 -20.01 2.20
N SER B 110 11.25 -19.84 3.33
CA SER B 110 12.43 -20.61 3.67
C SER B 110 12.37 -20.97 5.15
N ASN B 111 13.07 -22.03 5.54
CA ASN B 111 13.00 -22.48 6.93
C ASN B 111 11.59 -22.53 7.52
N THR B 112 10.69 -23.17 6.79
CA THR B 112 9.33 -23.48 7.23
C THR B 112 9.12 -25.00 7.29
N LEU B 113 8.55 -25.50 8.39
CA LEU B 113 8.12 -26.89 8.47
C LEU B 113 6.61 -27.03 8.74
N LEU B 114 5.95 -27.77 7.85
CA LEU B 114 4.50 -28.00 7.88
C LEU B 114 4.25 -29.46 8.19
N ASP B 115 3.08 -29.77 8.74
CA ASP B 115 2.64 -31.15 9.01
C ASP B 115 1.21 -31.39 8.50
N GLY B 116 0.98 -32.48 7.79
CA GLY B 116 -0.34 -32.78 7.26
C GLY B 116 -0.48 -34.12 6.56
N GLU B 117 -1.54 -34.28 5.78
CA GLU B 117 -1.80 -35.52 5.08
C GLU B 117 -1.83 -35.33 3.58
N MET B 118 -1.50 -36.39 2.85
CA MET B 118 -1.74 -36.47 1.41
C MET B 118 -2.99 -37.31 1.18
N ILE B 119 -4.01 -36.73 0.55
CA ILE B 119 -5.30 -37.38 0.39
C ILE B 119 -5.72 -37.50 -1.07
N ILE B 120 -6.10 -38.71 -1.49
CA ILE B 120 -6.61 -38.95 -2.85
C ILE B 120 -8.07 -38.54 -2.95
N ASP B 121 -8.36 -37.67 -3.91
CA ASP B 121 -9.73 -37.22 -4.16
C ASP B 121 -10.22 -37.70 -5.52
N ARG B 122 -11.51 -38.00 -5.62
CA ARG B 122 -12.11 -38.38 -6.90
C ARG B 122 -12.87 -37.20 -7.53
N VAL B 123 -12.32 -36.63 -8.61
CA VAL B 123 -12.97 -35.55 -9.33
C VAL B 123 -13.42 -36.01 -10.73
N ASN B 124 -14.74 -36.21 -10.87
CA ASN B 124 -15.37 -36.72 -12.11
C ASN B 124 -14.62 -37.85 -12.85
N GLY B 125 -14.50 -39.03 -12.21
CA GLY B 125 -13.82 -40.17 -12.80
C GLY B 125 -12.32 -40.02 -13.01
N GLN B 126 -11.65 -39.40 -12.03
CA GLN B 126 -10.19 -39.21 -12.06
C GLN B 126 -9.65 -39.03 -10.63
N ALA B 127 -8.34 -39.14 -10.45
CA ALA B 127 -7.72 -38.99 -9.11
C ALA B 127 -6.99 -37.65 -8.90
N VAL B 128 -7.48 -36.81 -8.00
CA VAL B 128 -6.85 -35.53 -7.69
C VAL B 128 -6.10 -35.53 -6.35
N PRO B 129 -4.75 -35.39 -6.40
CA PRO B 129 -3.98 -35.26 -5.16
C PRO B 129 -4.23 -33.94 -4.42
N ARG B 130 -4.41 -34.09 -3.11
CA ARG B 130 -4.56 -32.97 -2.21
C ARG B 130 -3.71 -33.21 -0.93
N TYR B 131 -2.99 -32.18 -0.51
CA TYR B 131 -2.17 -32.25 0.68
C TYR B 131 -2.75 -31.30 1.72
N LEU B 132 -3.31 -31.86 2.80
CA LEU B 132 -3.98 -31.04 3.81
C LEU B 132 -3.04 -30.59 4.93
N ILE B 133 -3.01 -29.30 5.24
CA ILE B 133 -2.08 -28.85 6.27
C ILE B 133 -2.78 -28.81 7.62
N TYR B 134 -2.44 -29.77 8.47
CA TYR B 134 -3.09 -29.83 9.76
C TYR B 134 -2.29 -29.26 10.95
N ASP B 135 -1.05 -28.88 10.73
CA ASP B 135 -0.30 -28.15 11.75
C ASP B 135 0.95 -27.41 11.15
N ILE B 136 1.51 -26.48 11.88
CA ILE B 136 2.79 -25.89 11.47
C ILE B 136 3.81 -25.90 12.61
N ILE B 137 4.99 -26.47 12.33
CA ILE B 137 6.11 -26.47 13.31
C ILE B 137 6.96 -25.18 13.32
N LYS B 138 7.31 -24.66 12.14
CA LYS B 138 8.27 -23.56 12.05
C LYS B 138 7.99 -22.60 10.92
N PHE B 139 8.22 -21.32 11.16
CA PHE B 139 8.01 -20.32 10.12
C PHE B 139 9.14 -19.28 10.07
N ASN B 140 9.91 -19.30 8.99
CA ASN B 140 11.02 -18.37 8.85
C ASN B 140 12.06 -18.49 9.97
N SER B 141 12.24 -19.71 10.46
CA SER B 141 13.07 -20.00 11.64
C SER B 141 12.38 -19.68 12.99
N GLN B 142 11.25 -18.97 12.94
CA GLN B 142 10.47 -18.66 14.14
C GLN B 142 9.63 -19.87 14.64
N PRO B 143 9.64 -20.09 15.97
CA PRO B 143 9.10 -21.27 16.68
C PRO B 143 7.57 -21.36 16.89
N VAL B 144 6.78 -21.31 15.81
CA VAL B 144 5.32 -21.36 15.88
C VAL B 144 4.81 -22.56 16.69
N GLY B 145 5.60 -23.64 16.71
CA GLY B 145 5.21 -24.87 17.36
C GLY B 145 5.21 -24.78 18.88
N ASP B 146 5.87 -23.75 19.40
CA ASP B 146 5.82 -23.46 20.83
C ASP B 146 4.66 -22.54 21.12
N CYS B 147 3.99 -22.10 20.06
CA CYS B 147 2.83 -21.23 20.16
C CYS B 147 1.58 -22.05 20.42
N ASP B 148 0.42 -21.43 20.23
CA ASP B 148 -0.86 -22.07 20.55
C ASP B 148 -1.58 -22.65 19.32
N PHE B 149 -2.31 -23.74 19.47
CA PHE B 149 -2.96 -24.37 18.29
C PHE B 149 -3.92 -23.44 17.54
N ASN B 150 -4.53 -22.48 18.23
CA ASN B 150 -5.36 -21.51 17.53
C ASN B 150 -4.53 -20.46 16.82
N VAL B 151 -3.46 -20.05 17.49
CA VAL B 151 -2.38 -19.27 16.91
C VAL B 151 -1.85 -19.97 15.64
N ARG B 152 -1.44 -21.23 15.78
CA ARG B 152 -0.81 -22.00 14.71
C ARG B 152 -1.76 -22.30 13.57
N LEU B 153 -3.04 -22.33 13.86
CA LEU B 153 -4.01 -22.61 12.81
C LEU B 153 -4.20 -21.37 11.97
N GLN B 154 -4.03 -20.22 12.62
CA GLN B 154 -4.08 -18.92 11.95
C GLN B 154 -2.87 -18.72 11.05
N CYS B 155 -1.70 -18.94 11.62
CA CYS B 155 -0.45 -18.78 10.89
C CYS B 155 -0.53 -19.46 9.52
N ILE B 156 -0.98 -20.71 9.50
CA ILE B 156 -1.20 -21.43 8.25
C ILE B 156 -2.12 -20.69 7.27
N GLU B 157 -3.23 -20.16 7.77
CA GLU B 157 -4.16 -19.46 6.89
C GLU B 157 -3.60 -18.13 6.34
N ARG B 158 -2.92 -17.39 7.20
CA ARG B 158 -2.32 -16.10 6.83
C ARG B 158 -0.97 -16.19 6.12
N GLU B 159 -0.10 -17.07 6.61
CA GLU B 159 1.27 -17.11 6.14
C GLU B 159 1.56 -18.10 5.03
N ILE B 160 0.62 -19.01 4.75
CA ILE B 160 0.83 -20.13 3.83
C ILE B 160 -0.25 -20.14 2.77
N ILE B 161 -1.48 -20.36 3.19
CA ILE B 161 -2.57 -20.48 2.22
C ILE B 161 -2.92 -19.17 1.50
N SER B 162 -3.06 -18.08 2.24
CA SER B 162 -3.47 -16.82 1.61
C SER B 162 -2.49 -16.31 0.56
N PRO B 163 -1.22 -16.05 0.93
CA PRO B 163 -0.26 -15.57 -0.06
C PRO B 163 -0.17 -16.46 -1.31
N ARG B 164 -0.53 -17.73 -1.16
CA ARG B 164 -0.52 -18.62 -2.30
C ARG B 164 -1.75 -18.42 -3.16
N HIS B 165 -2.90 -18.15 -2.54
CA HIS B 165 -4.10 -17.90 -3.33
C HIS B 165 -4.15 -16.49 -3.90
N GLU B 166 -3.19 -15.65 -3.47
CA GLU B 166 -3.02 -14.30 -3.98
C GLU B 166 -2.26 -14.30 -5.31
N LYS B 167 -1.03 -14.77 -5.28
CA LYS B 167 -0.33 -15.02 -6.52
C LYS B 167 -1.14 -15.98 -7.42
N MET B 168 -2.08 -16.73 -6.82
CA MET B 168 -2.89 -17.69 -7.57
C MET B 168 -3.97 -17.00 -8.39
N LYS B 169 -4.55 -15.95 -7.79
CA LYS B 169 -5.52 -15.08 -8.47
C LYS B 169 -4.83 -14.29 -9.60
N THR B 170 -3.68 -13.71 -9.24
CA THR B 170 -2.87 -12.84 -10.09
C THR B 170 -2.37 -13.48 -11.40
N GLY B 171 -2.49 -14.80 -11.53
CA GLY B 171 -2.05 -15.50 -12.72
C GLY B 171 -0.57 -15.84 -12.67
N LEU B 172 0.15 -15.14 -11.78
CA LEU B 172 1.56 -15.42 -11.47
C LEU B 172 1.81 -16.82 -10.89
N ILE B 173 0.72 -17.48 -10.47
CA ILE B 173 0.73 -18.86 -10.00
C ILE B 173 -0.32 -19.68 -10.77
N ASP B 174 0.13 -20.65 -11.53
CA ASP B 174 -0.78 -21.44 -12.35
C ASP B 174 -1.15 -22.68 -11.54
N LYS B 175 -2.40 -22.78 -11.09
CA LYS B 175 -2.79 -23.86 -10.18
C LYS B 175 -2.46 -25.26 -10.75
N THR B 176 -2.46 -25.39 -12.07
CA THR B 176 -2.25 -26.67 -12.75
C THR B 176 -0.78 -27.03 -13.16
N GLN B 177 0.19 -26.19 -12.77
CA GLN B 177 1.62 -26.54 -12.83
C GLN B 177 1.95 -27.42 -11.63
N GLU B 178 1.30 -27.05 -10.52
CA GLU B 178 1.59 -27.59 -9.19
C GLU B 178 1.13 -29.03 -9.03
N PRO B 179 2.04 -29.90 -8.59
CA PRO B 179 1.85 -31.35 -8.44
C PRO B 179 0.55 -31.76 -7.73
N PHE B 180 0.08 -30.95 -6.77
CA PHE B 180 -1.16 -31.24 -6.03
C PHE B 180 -1.77 -29.96 -5.44
N SER B 181 -3.04 -30.07 -5.04
CA SER B 181 -3.74 -29.02 -4.27
C SER B 181 -3.07 -28.84 -2.91
N VAL B 182 -3.16 -27.65 -2.33
CA VAL B 182 -2.73 -27.44 -0.95
C VAL B 182 -3.82 -26.71 -0.18
N ARG B 183 -4.36 -27.35 0.86
CA ARG B 183 -5.42 -26.71 1.65
C ARG B 183 -5.14 -26.91 3.14
N ASN B 184 -5.77 -26.09 3.98
CA ASN B 184 -5.66 -26.32 5.41
C ASN B 184 -6.87 -27.07 5.94
N LYS B 185 -6.63 -28.02 6.85
CA LYS B 185 -7.68 -28.81 7.44
C LYS B 185 -8.47 -27.93 8.41
N PRO B 186 -9.81 -27.98 8.30
CA PRO B 186 -10.73 -27.28 9.19
C PRO B 186 -10.80 -27.96 10.57
N PHE B 187 -10.70 -27.14 11.60
CA PHE B 187 -10.67 -27.64 12.97
C PHE B 187 -11.67 -26.80 13.77
N PHE B 188 -12.66 -27.47 14.36
CA PHE B 188 -13.60 -26.78 15.22
C PHE B 188 -13.47 -27.35 16.63
N ASP B 189 -13.88 -26.57 17.62
CA ASP B 189 -13.82 -27.04 19.01
C ASP B 189 -14.85 -28.15 19.32
N ILE B 190 -14.66 -28.84 20.44
CA ILE B 190 -15.52 -29.97 20.83
C ILE B 190 -16.99 -29.62 21.19
N CYS B 191 -17.31 -28.34 21.40
CA CYS B 191 -18.72 -27.88 21.46
C CYS B 191 -19.49 -28.14 20.16
N THR B 192 -19.09 -27.42 19.11
CA THR B 192 -19.64 -27.52 17.75
C THR B 192 -19.52 -28.92 17.13
N SER B 193 -18.74 -29.77 17.79
CA SER B 193 -18.36 -31.06 17.24
C SER B 193 -19.43 -32.16 17.33
N ARG B 194 -20.25 -32.14 18.39
CA ARG B 194 -21.28 -33.17 18.56
C ARG B 194 -22.11 -33.39 17.30
N LYS B 195 -22.46 -32.27 16.65
CA LYS B 195 -23.30 -32.27 15.45
C LYS B 195 -22.62 -32.89 14.21
N LEU B 196 -21.32 -33.11 14.30
CA LEU B 196 -20.55 -33.72 13.20
C LEU B 196 -20.62 -35.26 13.14
N LEU B 197 -20.90 -35.90 14.28
CA LEU B 197 -20.97 -37.36 14.33
C LEU B 197 -22.40 -37.91 14.25
N HIS B 207 -12.30 -37.32 1.07
CA HIS B 207 -12.82 -36.21 1.86
C HIS B 207 -13.65 -36.72 3.05
N GLU B 208 -14.12 -37.96 2.94
CA GLU B 208 -14.99 -38.56 3.97
C GLU B 208 -14.22 -39.15 5.17
N MET B 209 -14.92 -39.91 6.01
CA MET B 209 -14.43 -40.20 7.36
C MET B 209 -14.21 -41.67 7.70
N ASP B 210 -13.00 -41.98 8.16
CA ASP B 210 -12.71 -43.25 8.84
C ASP B 210 -12.83 -43.06 10.37
N GLY B 211 -13.08 -41.82 10.77
CA GLY B 211 -13.17 -41.50 12.19
C GLY B 211 -13.04 -40.02 12.48
N LEU B 212 -12.60 -39.72 13.70
CA LEU B 212 -12.41 -38.37 14.18
C LEU B 212 -11.00 -38.15 14.74
N ILE B 213 -10.62 -36.90 14.96
CA ILE B 213 -9.32 -36.57 15.54
C ILE B 213 -9.43 -35.46 16.59
N PHE B 214 -8.88 -35.68 17.76
CA PHE B 214 -9.02 -34.69 18.85
C PHE B 214 -7.69 -34.03 19.24
N GLN B 215 -7.57 -32.76 18.90
CA GLN B 215 -6.33 -32.02 19.11
C GLN B 215 -6.44 -31.06 20.29
N PRO B 216 -5.54 -31.22 21.25
CA PRO B 216 -5.33 -30.29 22.36
C PRO B 216 -4.73 -28.94 21.92
N THR B 217 -4.95 -27.92 22.75
CA THR B 217 -4.64 -26.55 22.41
C THR B 217 -3.20 -26.24 22.76
N GLY B 218 -2.57 -27.14 23.49
CA GLY B 218 -1.19 -26.94 23.90
C GLY B 218 -0.22 -26.91 22.73
N LYS B 219 1.04 -26.61 23.02
CA LYS B 219 2.07 -26.47 21.99
C LYS B 219 2.31 -27.80 21.27
N TYR B 220 2.95 -27.71 20.11
CA TYR B 220 3.32 -28.89 19.35
C TYR B 220 4.30 -29.75 20.15
N LYS B 221 4.18 -31.07 20.05
CA LYS B 221 5.19 -31.94 20.60
C LYS B 221 5.44 -33.01 19.58
N PRO B 222 6.72 -33.35 19.40
CA PRO B 222 7.03 -34.43 18.46
C PRO B 222 6.91 -35.78 19.18
N GLY B 223 7.06 -36.88 18.47
CA GLY B 223 6.90 -38.17 19.09
C GLY B 223 5.51 -38.47 19.63
N ARG B 224 5.40 -39.51 20.44
CA ARG B 224 4.12 -40.01 20.94
C ARG B 224 3.37 -38.97 21.77
N CYS B 225 2.13 -38.68 21.40
CA CYS B 225 1.33 -37.72 22.14
C CYS B 225 0.14 -38.41 22.71
N ASP B 226 0.12 -38.50 24.03
CA ASP B 226 -0.88 -39.27 24.72
C ASP B 226 -2.17 -38.50 24.81
N ASP B 227 -2.07 -37.19 24.55
CA ASP B 227 -3.22 -36.30 24.49
C ASP B 227 -3.85 -36.08 23.10
N ILE B 228 -3.20 -36.52 22.03
CA ILE B 228 -3.84 -36.47 20.70
C ILE B 228 -4.51 -37.78 20.37
N LEU B 229 -5.84 -37.77 20.30
CA LEU B 229 -6.62 -39.00 20.23
C LEU B 229 -7.35 -39.16 18.91
N LYS B 230 -7.06 -40.28 18.25
CA LYS B 230 -7.75 -40.63 17.02
C LYS B 230 -8.82 -41.69 17.31
N TRP B 231 -10.06 -41.40 16.89
CA TRP B 231 -11.17 -42.34 17.08
C TRP B 231 -11.68 -42.95 15.77
N LYS B 232 -12.03 -44.25 15.77
CA LYS B 232 -12.62 -44.90 14.58
C LYS B 232 -13.78 -45.83 14.95
N PRO B 233 -14.86 -45.81 14.15
CA PRO B 233 -16.01 -46.67 14.49
C PRO B 233 -15.70 -48.15 14.33
N PRO B 234 -15.95 -48.96 15.37
CA PRO B 234 -15.67 -50.40 15.32
C PRO B 234 -16.33 -51.04 14.10
N SER B 235 -17.37 -50.37 13.62
CA SER B 235 -17.97 -50.78 12.37
C SER B 235 -16.85 -51.05 11.37
N LEU B 236 -16.12 -50.00 10.97
CA LEU B 236 -15.10 -50.18 9.95
C LEU B 236 -13.72 -50.30 10.58
N ASN B 237 -13.27 -51.53 10.72
CA ASN B 237 -11.98 -51.83 11.32
C ASN B 237 -11.33 -52.82 10.40
N SER B 238 -10.23 -52.43 9.77
CA SER B 238 -9.77 -53.21 8.64
C SER B 238 -8.27 -53.41 8.66
N VAL B 239 -7.85 -54.62 8.33
CA VAL B 239 -6.43 -54.94 8.30
C VAL B 239 -6.04 -55.66 7.02
N ASP B 240 -4.92 -55.24 6.47
CA ASP B 240 -4.53 -55.70 5.16
C ASP B 240 -3.32 -56.60 5.28
N PHE B 241 -3.53 -57.91 5.07
CA PHE B 241 -2.46 -58.90 5.17
C PHE B 241 -2.19 -59.44 3.77
N ARG B 242 -0.96 -59.85 3.49
CA ARG B 242 -0.66 -60.56 2.25
C ARG B 242 -0.76 -62.04 2.57
N LEU B 243 -1.77 -62.70 2.04
CA LEU B 243 -2.14 -64.05 2.44
C LEU B 243 -1.38 -65.14 1.69
N LYS B 244 -0.87 -66.12 2.43
CA LYS B 244 -0.21 -67.29 1.84
C LYS B 244 -0.76 -68.59 2.44
N ILE B 245 -1.47 -69.39 1.63
CA ILE B 245 -2.11 -70.63 2.14
C ILE B 245 -1.14 -71.81 2.29
N THR B 246 -1.40 -72.65 3.30
CA THR B 246 -0.61 -73.86 3.55
C THR B 246 -1.42 -74.89 4.35
N VAL B 258 -5.20 -73.67 6.38
CA VAL B 258 -4.71 -72.67 7.34
C VAL B 258 -4.19 -71.41 6.65
N GLY B 259 -5.10 -70.48 6.31
CA GLY B 259 -4.67 -69.24 5.70
C GLY B 259 -3.85 -68.39 6.66
N LEU B 260 -2.60 -68.12 6.29
CA LEU B 260 -1.69 -67.38 7.15
C LEU B 260 -1.55 -65.93 6.68
N LEU B 261 -2.13 -65.00 7.43
CA LEU B 261 -2.04 -63.58 7.11
C LEU B 261 -0.72 -63.05 7.63
N TYR B 262 -0.11 -62.11 6.91
CA TYR B 262 1.19 -61.53 7.30
C TYR B 262 1.10 -60.01 7.46
N VAL B 263 2.06 -59.42 8.18
CA VAL B 263 2.04 -57.97 8.42
C VAL B 263 3.39 -57.30 8.16
N GLY B 264 3.32 -56.04 7.69
CA GLY B 264 4.48 -55.32 7.20
C GLY B 264 5.60 -55.23 8.21
N GLY B 265 6.81 -55.58 7.77
CA GLY B 265 8.00 -55.47 8.60
C GLY B 265 8.24 -56.56 9.63
N TYR B 266 7.24 -57.41 9.89
CA TYR B 266 7.30 -58.48 10.90
C TYR B 266 7.25 -59.89 10.29
N GLU B 267 8.38 -60.60 10.35
CA GLU B 267 8.60 -61.86 9.59
C GLU B 267 7.64 -63.04 9.85
N ARG B 268 7.09 -63.13 11.07
CA ARG B 268 6.18 -64.21 11.45
C ARG B 268 4.70 -63.89 11.17
N PRO B 269 3.88 -64.92 10.90
CA PRO B 269 2.44 -64.74 10.61
C PRO B 269 1.65 -64.13 11.77
N PHE B 270 0.87 -63.10 11.46
CA PHE B 270 0.10 -62.38 12.45
C PHE B 270 -1.19 -63.08 12.84
N ALA B 271 -1.81 -63.77 11.91
CA ALA B 271 -3.11 -64.40 12.20
C ALA B 271 -3.40 -65.53 11.22
N GLN B 272 -4.53 -66.21 11.42
CA GLN B 272 -4.96 -67.30 10.53
C GLN B 272 -6.42 -67.15 10.14
N ILE B 273 -6.70 -67.46 8.87
CA ILE B 273 -8.06 -67.40 8.38
C ILE B 273 -8.49 -68.75 7.80
N LYS B 274 -9.71 -69.15 8.11
CA LYS B 274 -10.28 -70.42 7.66
C LYS B 274 -10.22 -70.49 6.13
N VAL B 275 -9.63 -71.58 5.62
CA VAL B 275 -9.56 -71.78 4.18
C VAL B 275 -10.97 -72.03 3.62
N THR B 276 -11.38 -71.20 2.65
CA THR B 276 -12.72 -71.31 2.04
C THR B 276 -12.70 -71.35 0.50
N LYS B 277 -13.89 -71.38 -0.12
CA LYS B 277 -14.01 -71.49 -1.57
C LYS B 277 -13.51 -70.23 -2.28
N GLU B 278 -13.86 -69.06 -1.74
CA GLU B 278 -13.48 -67.79 -2.32
C GLU B 278 -12.01 -67.39 -2.10
N LEU B 279 -11.44 -67.79 -0.96
CA LEU B 279 -10.06 -67.40 -0.61
C LEU B 279 -8.97 -68.15 -1.39
N LYS B 280 -9.36 -69.22 -2.08
CA LYS B 280 -8.45 -69.92 -2.97
C LYS B 280 -8.15 -69.07 -4.22
N GLN B 281 -9.11 -68.23 -4.59
CA GLN B 281 -8.97 -67.30 -5.71
C GLN B 281 -7.85 -66.26 -5.51
N TYR B 282 -7.91 -65.50 -4.42
CA TYR B 282 -6.90 -64.50 -4.14
C TYR B 282 -5.80 -65.13 -3.28
N ASP B 283 -4.62 -65.29 -3.88
CA ASP B 283 -3.51 -65.99 -3.25
C ASP B 283 -2.26 -65.27 -3.70
N ASN B 284 -1.30 -65.12 -2.79
CA ASN B 284 -0.13 -64.27 -3.03
C ASN B 284 -0.55 -62.80 -3.08
N LYS B 285 -1.87 -62.57 -3.06
CA LYS B 285 -2.47 -61.24 -3.22
C LYS B 285 -2.92 -60.63 -1.89
N ILE B 286 -2.69 -59.32 -1.74
CA ILE B 286 -3.03 -58.56 -0.53
C ILE B 286 -4.53 -58.38 -0.34
N ILE B 287 -5.06 -58.83 0.81
CA ILE B 287 -6.50 -58.87 1.04
C ILE B 287 -6.93 -58.04 2.24
N GLU B 288 -8.14 -57.49 2.18
CA GLU B 288 -8.65 -56.70 3.30
C GLU B 288 -9.66 -57.50 4.12
N CYS B 289 -9.60 -57.35 5.44
CA CYS B 289 -10.36 -58.18 6.37
C CYS B 289 -10.84 -57.44 7.60
N LYS B 290 -11.88 -57.96 8.25
CA LYS B 290 -12.31 -57.45 9.56
C LYS B 290 -12.60 -58.55 10.60
N PHE B 291 -12.41 -58.20 11.87
CA PHE B 291 -12.60 -59.09 13.00
C PHE B 291 -14.09 -59.26 13.31
N GLU B 292 -14.54 -60.51 13.43
CA GLU B 292 -15.91 -60.81 13.84
C GLU B 292 -15.99 -61.90 14.88
N ASN B 293 -16.40 -61.56 16.10
CA ASN B 293 -16.51 -62.57 17.15
C ASN B 293 -15.35 -63.55 16.96
N ASN B 294 -14.14 -63.04 17.17
CA ASN B 294 -12.96 -63.91 17.28
C ASN B 294 -12.43 -64.60 16.00
N SER B 295 -13.10 -64.35 14.86
CA SER B 295 -12.59 -64.78 13.57
C SER B 295 -12.15 -63.61 12.67
N TRP B 296 -11.15 -63.83 11.81
CA TRP B 296 -10.81 -62.84 10.78
C TRP B 296 -11.61 -63.16 9.54
N VAL B 297 -12.56 -62.31 9.19
CA VAL B 297 -13.43 -62.56 8.05
C VAL B 297 -13.02 -61.75 6.81
N PHE B 298 -13.16 -62.37 5.63
CA PHE B 298 -12.79 -61.73 4.35
C PHE B 298 -13.96 -60.97 3.68
N MET B 299 -13.72 -59.69 3.36
CA MET B 299 -14.72 -58.83 2.72
C MET B 299 -14.44 -58.58 1.23
N ARG B 300 -13.45 -57.73 0.94
CA ARG B 300 -13.09 -57.40 -0.43
C ARG B 300 -11.57 -57.30 -0.57
N GLN B 301 -10.98 -57.99 -1.54
CA GLN B 301 -9.53 -57.95 -1.73
C GLN B 301 -9.08 -56.57 -2.22
N ARG B 302 -7.80 -56.26 -2.03
CA ARG B 302 -7.24 -54.95 -2.40
C ARG B 302 -6.24 -55.05 -3.56
N THR B 303 -6.65 -54.54 -4.72
CA THR B 303 -5.82 -54.55 -5.93
C THR B 303 -4.81 -53.40 -5.98
N ASP B 304 -5.22 -52.21 -5.57
CA ASP B 304 -4.38 -51.02 -5.66
C ASP B 304 -3.22 -50.96 -4.64
N LYS B 305 -3.34 -51.71 -3.54
CA LYS B 305 -2.32 -51.79 -2.50
C LYS B 305 -1.42 -53.02 -2.67
N SER B 306 -0.14 -52.80 -2.97
CA SER B 306 0.79 -53.89 -3.27
C SER B 306 1.35 -54.61 -2.04
N PHE B 307 1.60 -53.85 -0.96
CA PHE B 307 2.25 -54.41 0.24
C PHE B 307 1.33 -54.44 1.47
N PRO B 308 1.50 -55.46 2.33
CA PRO B 308 0.62 -55.69 3.49
C PRO B 308 0.67 -54.55 4.50
N ASN B 309 -0.41 -54.40 5.25
CA ASN B 309 -0.54 -53.35 6.25
C ASN B 309 0.60 -53.38 7.28
N ALA B 310 0.98 -52.24 7.81
CA ALA B 310 2.16 -52.18 8.69
C ALA B 310 1.94 -52.87 10.05
N TYR B 311 2.94 -53.58 10.57
CA TYR B 311 2.80 -54.32 11.84
C TYR B 311 2.22 -53.54 13.02
N ASN B 312 2.84 -52.40 13.33
CA ASN B 312 2.36 -51.52 14.39
C ASN B 312 0.92 -51.11 14.11
N THR B 313 0.61 -50.90 12.84
CA THR B 313 -0.73 -50.49 12.44
C THR B 313 -1.76 -51.54 12.83
N ALA B 314 -1.41 -52.81 12.62
CA ALA B 314 -2.29 -53.94 12.93
C ALA B 314 -2.53 -54.08 14.43
N MET B 315 -1.44 -54.09 15.20
CA MET B 315 -1.54 -54.21 16.65
C MET B 315 -2.37 -53.08 17.20
N ALA B 316 -2.20 -51.91 16.57
CA ALA B 316 -2.91 -50.72 16.96
C ALA B 316 -4.39 -50.97 16.76
N VAL B 317 -4.69 -51.83 15.80
CA VAL B 317 -6.07 -52.18 15.47
C VAL B 317 -6.73 -53.04 16.54
N CYS B 318 -6.02 -54.08 16.97
CA CYS B 318 -6.53 -54.99 17.98
C CYS B 318 -6.70 -54.25 19.32
N ASN B 319 -5.76 -53.36 19.62
CA ASN B 319 -5.92 -52.46 20.76
C ASN B 319 -7.17 -51.60 20.64
N SER B 320 -7.65 -51.43 19.42
CA SER B 320 -8.91 -50.76 19.19
C SER B 320 -10.05 -51.75 19.43
N ILE B 321 -9.86 -52.99 19.00
CA ILE B 321 -10.93 -53.98 19.06
C ILE B 321 -11.14 -54.66 20.42
N SER B 322 -10.06 -54.87 21.18
CA SER B 322 -10.19 -55.53 22.50
C SER B 322 -10.37 -54.55 23.66
N ASN B 323 -10.27 -53.27 23.36
CA ASN B 323 -10.61 -52.21 24.29
C ASN B 323 -11.35 -51.12 23.54
N PRO B 324 -12.53 -51.44 22.99
CA PRO B 324 -13.19 -50.49 22.09
C PRO B 324 -13.82 -49.25 22.77
N VAL B 325 -14.14 -48.26 21.93
CA VAL B 325 -14.91 -47.10 22.34
C VAL B 325 -16.05 -46.94 21.36
N THR B 326 -17.27 -47.02 21.85
CA THR B 326 -18.42 -47.12 20.99
C THR B 326 -18.84 -45.79 20.39
N LYS B 327 -19.41 -45.88 19.18
CA LYS B 327 -20.02 -44.76 18.50
C LYS B 327 -20.97 -44.11 19.51
N GLU B 328 -21.44 -44.93 20.44
CA GLU B 328 -22.21 -44.47 21.58
C GLU B 328 -21.33 -43.84 22.64
N MET B 329 -20.53 -44.67 23.30
CA MET B 329 -19.80 -44.26 24.50
C MET B 329 -19.10 -42.93 24.29
N LEU B 330 -18.52 -42.78 23.10
CA LEU B 330 -17.89 -41.54 22.67
C LEU B 330 -18.92 -40.43 22.63
N PHE B 331 -20.00 -40.71 21.91
CA PHE B 331 -21.14 -39.80 21.78
C PHE B 331 -21.49 -39.24 23.15
N GLU B 332 -21.85 -40.14 24.07
CA GLU B 332 -22.26 -39.75 25.42
C GLU B 332 -21.32 -38.73 26.04
N PHE B 333 -20.03 -39.01 25.98
CA PHE B 333 -19.03 -38.17 26.62
C PHE B 333 -19.05 -36.71 26.14
N ILE B 334 -19.55 -36.52 24.93
CA ILE B 334 -19.50 -35.23 24.24
C ILE B 334 -20.59 -34.22 24.61
N ASP B 335 -21.80 -34.71 24.82
CA ASP B 335 -23.02 -33.88 24.89
C ASP B 335 -22.99 -32.73 25.90
N ARG B 336 -22.90 -33.06 27.19
CA ARG B 336 -22.83 -32.04 28.23
C ARG B 336 -21.55 -31.19 28.12
N GLY C 1 -8.58 -11.68 50.10
CA GLY C 1 -7.56 -10.93 49.38
C GLY C 1 -6.85 -9.89 50.23
N ALA C 2 -7.37 -9.68 51.44
CA ALA C 2 -6.79 -8.72 52.37
C ALA C 2 -5.87 -9.35 53.43
N ILE C 3 -5.76 -10.66 53.41
CA ILE C 3 -5.02 -11.37 54.46
C ILE C 3 -3.54 -11.38 54.13
N PHE C 4 -2.70 -10.91 55.05
CA PHE C 4 -1.27 -10.91 54.78
C PHE C 4 -0.77 -12.30 54.48
N LEU C 5 -0.62 -13.10 55.51
CA LEU C 5 -0.18 -14.46 55.26
C LEU C 5 -1.10 -15.44 55.98
N GLU C 6 -1.83 -16.23 55.19
CA GLU C 6 -2.79 -17.18 55.77
C GLU C 6 -2.18 -18.19 56.73
N GLY C 7 -2.97 -18.55 57.75
CA GLY C 7 -2.58 -19.54 58.71
C GLY C 7 -1.95 -18.98 59.96
N VAL C 8 -1.37 -17.77 59.89
CA VAL C 8 -0.88 -17.06 61.07
C VAL C 8 -1.41 -15.64 61.02
N THR C 9 -1.28 -14.87 62.10
CA THR C 9 -1.57 -13.43 62.00
C THR C 9 -0.45 -12.65 62.63
N VAL C 10 0.24 -11.87 61.80
CA VAL C 10 1.48 -11.21 62.23
C VAL C 10 1.26 -9.76 62.67
N LYS C 11 1.83 -9.43 63.83
CA LYS C 11 1.81 -8.07 64.32
C LYS C 11 2.45 -7.10 63.32
N GLY C 12 1.95 -5.88 63.27
CA GLY C 12 2.61 -4.82 62.50
C GLY C 12 2.11 -4.69 61.08
N VAL C 13 1.59 -5.77 60.53
CA VAL C 13 1.31 -5.82 59.11
C VAL C 13 -0.16 -5.48 58.79
N THR C 14 -0.37 -4.35 58.12
CA THR C 14 -1.72 -3.88 57.90
C THR C 14 -1.93 -3.40 56.46
N GLN C 15 -2.87 -4.03 55.75
CA GLN C 15 -3.15 -3.64 54.37
C GLN C 15 -3.41 -2.14 54.24
N VAL C 16 -2.93 -1.54 53.16
CA VAL C 16 -2.97 -0.11 53.02
C VAL C 16 -4.00 0.30 51.98
N THR C 17 -5.15 0.86 52.42
CA THR C 17 -6.16 1.38 51.47
C THR C 17 -6.18 2.90 51.24
N THR C 18 -5.40 3.64 52.01
CA THR C 18 -5.33 5.09 51.82
C THR C 18 -4.92 5.35 50.38
N GLN C 19 -5.71 6.10 49.62
CA GLN C 19 -5.40 6.28 48.19
C GLN C 19 -4.09 7.04 47.83
N PRO C 20 -3.74 8.07 48.62
CA PRO C 20 -2.47 8.79 48.46
C PRO C 20 -1.24 7.86 48.56
N LYS C 21 -1.22 7.03 49.60
CA LYS C 21 -0.11 6.12 49.85
C LYS C 21 -0.19 4.82 49.04
N LEU C 22 -1.39 4.28 48.82
CA LEU C 22 -1.51 3.04 48.06
C LEU C 22 -0.92 3.16 46.66
N GLY C 23 -1.47 4.07 45.87
CA GLY C 23 -0.98 4.25 44.51
C GLY C 23 0.47 4.69 44.49
N GLU C 24 0.86 5.46 45.51
CA GLU C 24 2.24 5.92 45.66
C GLU C 24 3.18 4.72 45.65
N VAL C 25 2.83 3.70 46.43
CA VAL C 25 3.67 2.51 46.61
C VAL C 25 3.65 1.52 45.45
N GLN C 26 2.44 1.23 44.94
CA GLN C 26 2.29 0.40 43.75
C GLN C 26 3.09 1.00 42.60
N GLN C 27 3.13 2.32 42.58
CA GLN C 27 3.79 3.09 41.55
C GLN C 27 5.30 2.94 41.63
N LYS C 28 5.86 3.19 42.81
CA LYS C 28 7.31 3.17 43.00
C LYS C 28 7.87 1.78 42.71
N CYS C 29 7.01 0.77 42.72
CA CYS C 29 7.38 -0.58 42.31
C CYS C 29 7.47 -0.76 40.80
N HIS C 30 6.41 -0.39 40.08
CA HIS C 30 6.41 -0.46 38.64
C HIS C 30 7.65 0.17 38.05
N GLN C 31 7.99 1.34 38.58
CA GLN C 31 9.09 2.11 38.08
C GLN C 31 10.43 1.45 38.37
N PHE C 32 10.67 1.14 39.64
CA PHE C 32 11.93 0.48 40.01
C PHE C 32 12.18 -0.77 39.15
N CYS C 33 11.12 -1.46 38.74
CA CYS C 33 11.21 -2.69 37.95
C CYS C 33 11.31 -2.46 36.45
N GLY C 34 10.97 -1.25 36.01
CA GLY C 34 10.92 -1.00 34.58
C GLY C 34 9.81 -1.85 33.99
N TRP C 35 8.60 -1.65 34.47
CA TRP C 35 7.49 -2.55 34.14
C TRP C 35 6.28 -1.76 33.62
N GLU C 36 5.84 -2.05 32.40
CA GLU C 36 4.78 -1.26 31.77
C GLU C 36 3.35 -1.60 32.14
N GLY C 37 3.00 -2.88 32.11
CA GLY C 37 1.62 -3.30 32.32
C GLY C 37 0.98 -3.00 33.67
N SER C 38 -0.33 -3.22 33.74
CA SER C 38 -1.04 -3.19 35.01
C SER C 38 -0.85 -4.54 35.70
N GLY C 39 -0.79 -4.52 37.03
CA GLY C 39 -0.47 -5.72 37.76
C GLY C 39 0.91 -5.79 38.39
N PHE C 40 1.27 -6.99 38.81
CA PHE C 40 2.42 -7.24 39.66
C PHE C 40 3.73 -7.26 38.88
N PRO C 41 4.63 -6.33 39.22
CA PRO C 41 5.93 -6.06 38.62
C PRO C 41 6.88 -7.25 38.61
N GLY C 42 6.91 -8.00 39.71
CA GLY C 42 7.96 -8.98 39.96
C GLY C 42 8.08 -10.08 38.93
N ALA C 43 9.20 -10.80 39.00
CA ALA C 43 9.52 -11.87 38.06
C ALA C 43 8.62 -13.12 38.18
N GLN C 44 8.05 -13.55 37.06
CA GLN C 44 7.26 -14.79 36.97
C GLN C 44 8.07 -16.04 36.52
N PRO C 45 8.41 -16.94 37.43
CA PRO C 45 9.12 -18.12 36.93
C PRO C 45 8.13 -19.01 36.23
N VAL C 46 8.58 -19.89 35.35
CA VAL C 46 7.72 -20.85 34.65
C VAL C 46 8.16 -22.28 34.96
N SER C 47 7.25 -23.24 34.78
CA SER C 47 7.55 -24.60 35.20
C SER C 47 8.37 -25.40 34.19
N MET C 48 9.34 -26.12 34.72
CA MET C 48 10.25 -26.90 33.94
C MET C 48 9.47 -27.98 33.21
N ASP C 49 9.74 -28.13 31.93
CA ASP C 49 9.20 -29.21 31.13
C ASP C 49 10.36 -29.89 30.39
N LYS C 50 10.09 -30.85 29.51
CA LYS C 50 11.17 -31.52 28.78
C LYS C 50 11.95 -30.55 27.89
N GLN C 51 11.29 -29.48 27.47
CA GLN C 51 11.95 -28.45 26.68
C GLN C 51 12.81 -27.48 27.49
N ASN C 52 12.28 -26.98 28.60
CA ASN C 52 13.01 -26.07 29.48
C ASN C 52 14.31 -26.63 29.94
N ILE C 53 14.26 -27.83 30.49
CA ILE C 53 15.40 -28.35 31.20
C ILE C 53 16.67 -28.26 30.37
N LYS C 54 16.51 -28.25 29.06
CA LYS C 54 17.65 -28.08 28.14
C LYS C 54 18.47 -26.81 28.44
N LEU C 55 17.84 -25.82 29.06
CA LEU C 55 18.45 -24.52 29.30
C LEU C 55 19.51 -24.55 30.38
N LEU C 56 19.48 -25.57 31.24
CA LEU C 56 20.48 -25.67 32.30
C LEU C 56 21.84 -25.98 31.71
N ASP C 57 21.85 -26.29 30.42
CA ASP C 57 23.09 -26.50 29.69
C ASP C 57 23.56 -25.33 28.84
N LEU C 58 22.76 -24.28 28.70
CA LEU C 58 23.16 -23.14 27.84
C LEU C 58 23.88 -22.01 28.54
N LYS C 59 23.79 -21.95 29.86
CA LYS C 59 24.39 -20.87 30.61
C LYS C 59 24.47 -21.27 32.05
N PRO C 60 25.10 -20.44 32.90
CA PRO C 60 25.22 -20.81 34.31
C PRO C 60 23.90 -20.61 35.09
N TYR C 61 23.67 -21.50 36.04
CA TYR C 61 22.46 -21.47 36.84
C TYR C 61 22.86 -21.71 38.28
N LYS C 62 22.04 -21.16 39.17
CA LYS C 62 22.11 -21.44 40.59
C LYS C 62 20.77 -22.06 40.92
N VAL C 63 20.69 -22.79 42.02
CA VAL C 63 19.47 -23.49 42.38
C VAL C 63 19.18 -23.33 43.88
N SER C 64 17.93 -23.50 44.28
CA SER C 64 17.57 -23.47 45.68
C SER C 64 16.30 -24.28 45.90
N TRP C 65 15.81 -24.35 47.12
CA TRP C 65 14.61 -25.15 47.39
C TRP C 65 13.33 -24.32 47.53
N LYS C 66 12.46 -24.39 46.54
CA LYS C 66 11.18 -23.68 46.60
C LYS C 66 10.46 -24.19 47.85
N ALA C 67 10.15 -23.26 48.74
CA ALA C 67 9.31 -23.60 49.89
C ALA C 67 7.94 -23.06 49.56
N ASP C 68 6.89 -23.72 50.03
CA ASP C 68 5.60 -23.14 49.78
C ASP C 68 5.58 -21.96 50.72
N GLY C 69 5.41 -20.79 50.14
CA GLY C 69 5.51 -19.56 50.88
C GLY C 69 4.61 -18.61 50.15
N THR C 70 4.57 -17.35 50.58
CA THR C 70 3.84 -16.38 49.78
C THR C 70 4.74 -15.27 49.22
N ARG C 71 4.53 -14.97 47.94
CA ARG C 71 5.39 -14.04 47.22
C ARG C 71 5.22 -12.60 47.68
N TYR C 72 6.30 -11.99 48.13
CA TYR C 72 6.28 -10.57 48.49
C TYR C 72 7.52 -9.77 48.07
N MET C 73 7.30 -8.72 47.28
CA MET C 73 8.31 -7.71 47.09
C MET C 73 8.22 -6.81 48.30
N MET C 74 9.35 -6.53 48.93
CA MET C 74 9.42 -5.56 50.03
C MET C 74 10.04 -4.21 49.60
N LEU C 75 9.25 -3.14 49.62
CA LEU C 75 9.73 -1.81 49.30
C LEU C 75 10.22 -1.15 50.58
N ILE C 76 11.52 -0.91 50.69
CA ILE C 76 12.02 -0.26 51.87
C ILE C 76 12.28 1.18 51.47
N ASP C 77 11.36 2.08 51.84
CA ASP C 77 11.40 3.45 51.32
C ASP C 77 11.94 4.52 52.25
N GLY C 78 12.38 4.13 53.43
CA GLY C 78 12.74 5.12 54.42
C GLY C 78 12.64 4.57 55.82
N THR C 79 12.40 5.47 56.77
CA THR C 79 12.45 5.14 58.20
C THR C 79 11.25 4.33 58.73
N ASN C 80 10.03 4.86 58.65
CA ASN C 80 8.89 4.00 58.91
C ASN C 80 8.24 3.50 57.65
N GLU C 81 8.83 3.81 56.49
CA GLU C 81 8.18 3.41 55.25
C GLU C 81 8.70 2.03 54.84
N VAL C 82 7.86 0.99 55.02
CA VAL C 82 8.18 -0.35 54.54
C VAL C 82 6.91 -1.01 54.17
N PHE C 83 6.87 -1.60 52.98
CA PHE C 83 5.64 -2.15 52.46
C PHE C 83 5.91 -3.47 51.79
N MET C 84 4.86 -4.25 51.59
CA MET C 84 4.98 -5.52 50.91
C MET C 84 3.88 -5.62 49.87
N ILE C 85 4.21 -6.13 48.69
CA ILE C 85 3.22 -6.26 47.65
C ILE C 85 3.18 -7.73 47.33
N ASP C 86 1.98 -8.27 47.11
CA ASP C 86 1.81 -9.68 46.80
C ASP C 86 1.43 -9.90 45.32
N ARG C 87 1.29 -11.17 44.90
CA ARG C 87 1.02 -11.52 43.49
C ARG C 87 -0.16 -10.66 42.96
N ASP C 88 -1.04 -10.26 43.87
CA ASP C 88 -2.24 -9.49 43.54
C ASP C 88 -2.02 -7.98 43.48
N ASN C 89 -0.87 -7.52 43.95
CA ASN C 89 -0.57 -6.09 43.90
C ASN C 89 -1.08 -5.32 45.11
N SER C 90 -1.82 -5.98 45.99
CA SER C 90 -2.18 -5.31 47.24
C SER C 90 -0.95 -5.04 48.14
N VAL C 91 -0.99 -3.94 48.88
CA VAL C 91 0.20 -3.55 49.64
C VAL C 91 -0.07 -3.59 51.15
N PHE C 92 0.99 -3.78 51.93
CA PHE C 92 0.87 -3.97 53.38
C PHE C 92 1.95 -3.18 54.07
N HIS C 93 1.57 -2.29 54.98
CA HIS C 93 2.60 -1.57 55.72
C HIS C 93 3.15 -2.45 56.83
N VAL C 94 4.48 -2.66 56.82
CA VAL C 94 5.17 -3.38 57.89
C VAL C 94 5.72 -2.40 58.93
N SER C 95 5.50 -2.74 60.19
CA SER C 95 5.62 -1.75 61.26
C SER C 95 6.97 -1.59 61.93
N ASN C 96 7.48 -2.64 62.53
CA ASN C 96 8.74 -2.48 63.24
C ASN C 96 10.07 -2.86 62.57
N LEU C 97 10.01 -3.24 61.31
CA LEU C 97 11.21 -3.64 60.57
C LEU C 97 12.12 -2.44 60.31
N GLU C 98 13.37 -2.55 60.74
CA GLU C 98 14.36 -1.50 60.56
C GLU C 98 15.49 -1.99 59.65
N PHE C 99 15.84 -1.19 58.65
CA PHE C 99 16.96 -1.51 57.76
C PHE C 99 18.03 -0.42 57.79
N PRO C 100 19.01 -0.58 58.69
CA PRO C 100 20.12 0.36 58.80
C PRO C 100 21.05 0.32 57.59
N PHE C 101 21.47 1.50 57.12
CA PHE C 101 22.45 1.69 56.04
C PHE C 101 23.77 1.07 56.47
N ARG C 102 24.58 0.61 55.52
CA ARG C 102 25.78 -0.12 55.90
C ARG C 102 26.87 0.79 56.46
N LYS C 103 26.92 2.02 55.95
CA LYS C 103 27.98 2.96 56.33
C LYS C 103 27.75 3.67 57.68
N ASP C 104 26.52 4.12 57.94
CA ASP C 104 26.21 4.65 59.27
C ASP C 104 24.89 4.08 59.78
N LEU C 105 24.95 3.37 60.90
CA LEU C 105 23.78 2.64 61.39
C LEU C 105 22.61 3.54 61.81
N ARG C 106 22.85 4.85 61.78
CA ARG C 106 21.83 5.82 62.16
C ARG C 106 20.85 6.09 61.04
N MET C 107 21.26 5.80 59.81
CA MET C 107 20.41 6.08 58.65
C MET C 107 19.50 4.90 58.31
N HIS C 108 18.30 5.20 57.83
CA HIS C 108 17.39 4.13 57.40
C HIS C 108 17.28 4.07 55.88
N LEU C 109 17.33 2.85 55.35
CA LEU C 109 17.37 2.61 53.91
C LEU C 109 16.19 3.19 53.16
N SER C 110 16.48 3.80 52.01
CA SER C 110 15.44 4.41 51.20
C SER C 110 15.60 4.00 49.75
N ASN C 111 14.50 4.02 49.01
CA ASN C 111 14.50 3.58 47.60
C ASN C 111 15.26 2.28 47.34
N THR C 112 14.92 1.27 48.13
CA THR C 112 15.35 -0.12 47.97
C THR C 112 14.13 -0.99 47.61
N LEU C 113 14.34 -2.06 46.84
CA LEU C 113 13.28 -3.00 46.50
C LEU C 113 13.82 -4.41 46.55
N LEU C 114 13.11 -5.27 47.26
CA LEU C 114 13.51 -6.65 47.45
C LEU C 114 12.45 -7.59 46.87
N ASP C 115 12.84 -8.84 46.65
CA ASP C 115 11.93 -9.85 46.18
C ASP C 115 12.18 -11.10 47.00
N GLY C 116 11.10 -11.72 47.44
CA GLY C 116 11.21 -12.82 48.37
C GLY C 116 9.88 -13.46 48.67
N GLU C 117 9.89 -14.35 49.66
CA GLU C 117 8.69 -15.05 50.08
C GLU C 117 8.54 -14.94 51.58
N MET C 118 7.30 -14.98 52.04
CA MET C 118 7.01 -15.25 53.46
C MET C 118 6.73 -16.74 53.62
N ILE C 119 7.45 -17.33 54.56
CA ILE C 119 7.25 -18.71 54.90
C ILE C 119 6.94 -18.78 56.38
N ILE C 120 6.01 -19.66 56.76
CA ILE C 120 5.77 -19.94 58.17
C ILE C 120 6.64 -21.13 58.57
N ASP C 121 7.66 -20.85 59.36
CA ASP C 121 8.68 -21.81 59.70
C ASP C 121 8.31 -22.43 61.03
N ARG C 122 8.61 -23.72 61.19
CA ARG C 122 8.22 -24.46 62.40
C ARG C 122 9.26 -24.40 63.55
N VAL C 123 8.84 -23.88 64.71
CA VAL C 123 9.64 -23.99 65.95
C VAL C 123 8.81 -24.50 67.14
N ASN C 124 9.13 -25.69 67.63
CA ASN C 124 8.46 -26.34 68.78
C ASN C 124 6.92 -26.35 68.81
N GLY C 125 6.27 -26.48 67.64
CA GLY C 125 4.82 -26.46 67.57
C GLY C 125 4.23 -25.09 67.31
N GLN C 126 4.99 -24.03 67.62
CA GLN C 126 4.57 -22.63 67.41
C GLN C 126 5.20 -21.98 66.17
N ALA C 127 4.36 -21.65 65.19
CA ALA C 127 4.78 -21.05 63.91
C ALA C 127 5.49 -19.69 64.02
N VAL C 128 6.66 -19.57 63.40
CA VAL C 128 7.41 -18.31 63.33
C VAL C 128 7.46 -17.74 61.92
N PRO C 129 6.95 -16.52 61.71
CA PRO C 129 6.97 -16.01 60.35
C PRO C 129 8.36 -15.50 59.93
N ARG C 130 8.70 -15.81 58.69
CA ARG C 130 9.99 -15.49 58.11
C ARG C 130 9.85 -14.94 56.69
N TYR C 131 10.59 -13.87 56.41
CA TYR C 131 10.72 -13.37 55.04
C TYR C 131 12.05 -13.77 54.47
N LEU C 132 12.01 -14.54 53.40
CA LEU C 132 13.23 -14.95 52.73
C LEU C 132 13.52 -14.02 51.55
N ILE C 133 14.70 -13.38 51.56
CA ILE C 133 15.03 -12.46 50.46
C ILE C 133 15.79 -13.21 49.38
N TYR C 134 15.09 -13.41 48.28
CA TYR C 134 15.62 -14.23 47.23
C TYR C 134 16.14 -13.45 46.00
N ASP C 135 15.92 -12.13 45.98
CA ASP C 135 16.50 -11.19 45.01
C ASP C 135 16.44 -9.72 45.47
N ILE C 136 17.18 -8.85 44.80
CA ILE C 136 17.11 -7.41 45.04
C ILE C 136 17.07 -6.62 43.73
N ILE C 137 16.02 -5.84 43.50
CA ILE C 137 15.86 -5.06 42.26
C ILE C 137 16.58 -3.71 42.26
N LYS C 138 16.51 -3.00 43.38
CA LYS C 138 17.02 -1.62 43.47
C LYS C 138 17.58 -1.37 44.86
N PHE C 139 18.66 -0.63 44.95
CA PHE C 139 19.22 -0.31 46.25
C PHE C 139 19.70 1.13 46.23
N ASN C 140 19.18 1.97 47.11
CA ASN C 140 19.59 3.37 47.11
C ASN C 140 19.40 4.05 45.76
N SER C 141 18.41 3.57 45.00
CA SER C 141 18.17 4.03 43.62
C SER C 141 19.12 3.43 42.57
N GLN C 142 20.24 2.84 43.03
CA GLN C 142 21.17 2.15 42.14
C GLN C 142 20.47 0.95 41.53
N PRO C 143 20.65 0.74 40.21
CA PRO C 143 19.82 -0.26 39.54
C PRO C 143 20.46 -1.63 39.64
N VAL C 144 20.74 -2.07 40.87
CA VAL C 144 21.47 -3.32 41.14
C VAL C 144 20.80 -4.51 40.44
N GLY C 145 19.55 -4.35 40.05
CA GLY C 145 18.87 -5.37 39.30
C GLY C 145 19.46 -5.63 37.92
N ASP C 146 20.24 -4.67 37.44
CA ASP C 146 20.83 -4.77 36.12
C ASP C 146 22.11 -5.51 36.25
N CYS C 147 22.50 -5.72 37.51
CA CYS C 147 23.74 -6.39 37.81
C CYS C 147 23.61 -7.89 37.69
N ASP C 148 24.60 -8.59 38.19
CA ASP C 148 24.72 -10.01 37.92
C ASP C 148 24.11 -10.75 39.09
N PHE C 149 23.36 -11.84 38.86
CA PHE C 149 22.70 -12.51 40.00
C PHE C 149 23.68 -12.83 41.14
N ASN C 150 24.96 -13.02 40.82
CA ASN C 150 25.92 -13.32 41.87
C ASN C 150 26.30 -12.05 42.65
N VAL C 151 26.43 -10.96 41.91
CA VAL C 151 26.60 -9.63 42.45
C VAL C 151 25.44 -9.30 43.40
N ARG C 152 24.21 -9.58 42.95
CA ARG C 152 23.00 -9.22 43.68
C ARG C 152 22.83 -9.99 45.00
N LEU C 153 23.34 -11.21 45.05
CA LEU C 153 23.27 -12.00 46.26
C LEU C 153 24.23 -11.46 47.33
N GLN C 154 25.36 -10.91 46.87
CA GLN C 154 26.40 -10.37 47.76
C GLN C 154 26.01 -9.03 48.29
N CYS C 155 25.38 -8.23 47.45
CA CYS C 155 24.77 -6.99 47.89
C CYS C 155 23.78 -7.28 49.03
N ILE C 156 22.81 -8.16 48.78
CA ILE C 156 21.83 -8.57 49.79
C ILE C 156 22.54 -8.92 51.09
N GLU C 157 23.70 -9.57 51.01
CA GLU C 157 24.46 -9.81 52.23
C GLU C 157 25.11 -8.57 52.87
N ARG C 158 25.96 -7.83 52.14
CA ARG C 158 26.61 -6.62 52.68
C ARG C 158 25.56 -5.59 53.07
N GLU C 159 24.66 -5.29 52.13
CA GLU C 159 23.82 -4.10 52.23
C GLU C 159 22.58 -4.21 53.09
N ILE C 160 21.96 -5.38 53.12
CA ILE C 160 20.68 -5.56 53.80
C ILE C 160 20.90 -6.29 55.10
N ILE C 161 21.21 -7.57 55.01
CA ILE C 161 21.40 -8.37 56.22
C ILE C 161 22.46 -7.88 57.22
N SER C 162 23.71 -7.76 56.79
CA SER C 162 24.81 -7.50 57.73
C SER C 162 24.65 -6.26 58.63
N PRO C 163 24.15 -5.15 58.08
CA PRO C 163 23.84 -4.02 58.96
C PRO C 163 22.85 -4.36 60.09
N ARG C 164 21.85 -5.18 59.79
CA ARG C 164 20.88 -5.53 60.80
C ARG C 164 21.48 -6.40 61.89
N HIS C 165 22.45 -7.24 61.56
CA HIS C 165 23.10 -8.01 62.62
C HIS C 165 23.98 -7.20 63.56
N GLU C 166 24.88 -6.38 63.01
CA GLU C 166 25.66 -5.47 63.85
C GLU C 166 24.76 -4.67 64.76
N LYS C 167 23.77 -3.99 64.17
CA LYS C 167 22.83 -3.20 64.96
C LYS C 167 21.95 -4.05 65.89
N MET C 168 21.97 -5.37 65.70
CA MET C 168 21.41 -6.32 66.68
C MET C 168 22.39 -6.70 67.80
N LYS C 169 23.64 -6.93 67.45
CA LYS C 169 24.71 -7.22 68.41
C LYS C 169 24.75 -6.15 69.51
N THR C 170 24.30 -4.96 69.14
CA THR C 170 24.31 -3.79 70.03
C THR C 170 23.17 -3.76 71.05
N GLY C 171 22.06 -4.42 70.74
CA GLY C 171 20.86 -4.28 71.53
C GLY C 171 20.03 -3.15 70.94
N LEU C 172 20.67 -2.33 70.11
CA LEU C 172 20.00 -1.23 69.38
C LEU C 172 18.83 -1.73 68.50
N ILE C 173 18.80 -3.03 68.22
CA ILE C 173 17.67 -3.70 67.54
C ILE C 173 17.17 -4.93 68.33
N ASP C 174 15.86 -4.98 68.60
CA ASP C 174 15.29 -6.09 69.34
C ASP C 174 14.57 -7.13 68.46
N LYS C 175 15.16 -8.32 68.34
CA LYS C 175 14.64 -9.35 67.44
C LYS C 175 13.18 -9.71 67.77
N THR C 176 12.78 -9.58 69.03
CA THR C 176 11.40 -9.90 69.43
C THR C 176 10.40 -8.80 69.10
N GLN C 177 10.84 -7.56 69.08
CA GLN C 177 9.93 -6.46 68.76
C GLN C 177 9.36 -6.60 67.35
N GLU C 178 10.24 -6.79 66.36
CA GLU C 178 9.80 -6.77 64.96
C GLU C 178 9.08 -8.02 64.47
N PRO C 179 8.10 -7.81 63.57
CA PRO C 179 7.02 -8.65 63.03
C PRO C 179 7.39 -10.05 62.55
N PHE C 180 8.55 -10.18 61.91
CA PHE C 180 8.99 -11.46 61.38
C PHE C 180 10.50 -11.46 61.15
N SER C 181 11.05 -12.66 60.98
CA SER C 181 12.49 -12.85 60.76
C SER C 181 12.81 -12.38 59.35
N VAL C 182 13.98 -11.78 59.16
CA VAL C 182 14.40 -11.38 57.81
C VAL C 182 15.66 -12.11 57.43
N ARG C 183 15.57 -12.97 56.41
CA ARG C 183 16.70 -13.80 55.97
C ARG C 183 16.98 -13.83 54.44
N ASN C 184 18.22 -14.04 54.03
CA ASN C 184 18.48 -14.26 52.60
C ASN C 184 18.46 -15.74 52.24
N LYS C 185 17.82 -16.09 51.12
CA LYS C 185 17.69 -17.49 50.72
C LYS C 185 19.02 -17.94 50.12
N PRO C 186 19.58 -19.04 50.65
CA PRO C 186 20.86 -19.49 50.10
C PRO C 186 20.62 -20.17 48.76
N PHE C 187 21.49 -19.86 47.81
CA PHE C 187 21.46 -20.45 46.48
C PHE C 187 22.76 -21.21 46.31
N PHE C 188 22.79 -22.19 45.40
CA PHE C 188 24.05 -22.85 45.09
C PHE C 188 24.16 -23.07 43.60
N ASP C 189 25.39 -23.27 43.12
CA ASP C 189 25.60 -23.65 41.73
C ASP C 189 24.98 -25.02 41.42
N ILE C 190 24.61 -25.21 40.16
CA ILE C 190 23.70 -26.26 39.75
C ILE C 190 24.23 -27.66 40.05
N CYS C 191 25.54 -27.79 40.01
CA CYS C 191 26.21 -29.07 40.25
C CYS C 191 25.80 -29.74 41.56
N THR C 192 25.85 -28.99 42.66
CA THR C 192 25.74 -29.58 43.99
C THR C 192 24.29 -29.92 44.37
N SER C 193 23.38 -29.66 43.43
CA SER C 193 21.96 -30.00 43.55
C SER C 193 21.66 -31.49 43.72
N ARG C 194 22.67 -32.35 43.54
CA ARG C 194 22.50 -33.79 43.72
C ARG C 194 22.48 -34.19 45.19
N LYS C 195 23.23 -33.43 46.00
CA LYS C 195 23.24 -33.54 47.45
C LYS C 195 21.99 -32.88 48.07
N LEU C 196 21.46 -31.87 47.36
CA LEU C 196 20.20 -31.21 47.75
C LEU C 196 18.97 -31.93 47.15
N LEU C 197 19.21 -32.85 46.21
CA LEU C 197 18.16 -33.70 45.66
C LEU C 197 18.43 -35.17 46.02
N HIS C 207 9.17 -23.99 55.01
CA HIS C 207 10.58 -24.10 55.36
C HIS C 207 11.32 -25.13 54.51
N GLU C 208 10.70 -26.31 54.38
CA GLU C 208 11.28 -27.49 53.69
C GLU C 208 11.11 -27.41 52.16
N MET C 209 11.39 -28.53 51.49
CA MET C 209 11.35 -28.58 50.03
C MET C 209 10.10 -29.24 49.45
N ASP C 210 9.24 -28.44 48.85
CA ASP C 210 8.22 -28.96 47.92
C ASP C 210 8.64 -28.81 46.45
N GLY C 211 9.88 -28.38 46.20
CA GLY C 211 10.37 -28.25 44.84
C GLY C 211 11.66 -27.47 44.68
N LEU C 212 12.13 -27.31 43.43
CA LEU C 212 13.38 -26.61 43.14
C LEU C 212 13.20 -25.36 42.26
N ILE C 213 13.94 -24.30 42.59
CA ILE C 213 13.97 -23.11 41.74
C ILE C 213 15.32 -22.95 41.05
N PHE C 214 15.30 -22.75 39.73
CA PHE C 214 16.53 -22.70 38.94
C PHE C 214 16.73 -21.32 38.36
N GLN C 215 17.73 -20.65 38.90
CA GLN C 215 17.94 -19.21 38.69
C GLN C 215 19.21 -18.97 37.88
N PRO C 216 19.05 -18.31 36.73
CA PRO C 216 20.12 -17.91 35.83
C PRO C 216 20.88 -16.71 36.37
N THR C 217 22.06 -16.43 35.84
CA THR C 217 22.87 -15.32 36.33
C THR C 217 22.58 -14.01 35.61
N GLY C 218 21.59 -14.02 34.72
CA GLY C 218 21.21 -12.84 33.97
C GLY C 218 20.75 -11.66 34.84
N LYS C 219 20.57 -10.50 34.23
CA LYS C 219 20.07 -9.33 34.94
C LYS C 219 18.64 -9.71 35.33
N TYR C 220 18.08 -8.99 36.30
CA TYR C 220 16.71 -9.20 36.73
C TYR C 220 15.77 -8.91 35.57
N LYS C 221 14.64 -9.61 35.49
CA LYS C 221 13.69 -9.33 34.46
C LYS C 221 12.39 -9.39 35.19
N PRO C 222 11.51 -8.41 34.96
CA PRO C 222 10.13 -8.48 35.43
C PRO C 222 9.31 -9.32 34.46
N GLY C 223 8.17 -9.86 34.90
CA GLY C 223 7.22 -10.49 34.01
C GLY C 223 7.47 -11.97 33.77
N ARG C 224 7.05 -12.48 32.62
CA ARG C 224 7.22 -13.89 32.33
C ARG C 224 8.69 -14.13 32.04
N CYS C 225 9.35 -14.96 32.86
CA CYS C 225 10.76 -15.30 32.65
C CYS C 225 10.92 -16.76 32.37
N ASP C 226 11.17 -17.07 31.11
CA ASP C 226 11.11 -18.46 30.65
C ASP C 226 12.39 -19.22 30.97
N ASP C 227 13.43 -18.48 31.40
CA ASP C 227 14.67 -19.09 31.86
C ASP C 227 14.76 -19.31 33.36
N ILE C 228 13.81 -18.75 34.11
CA ILE C 228 13.73 -19.07 35.54
C ILE C 228 12.82 -20.25 35.67
N LEU C 229 13.35 -21.37 36.17
CA LEU C 229 12.64 -22.65 36.12
C LEU C 229 12.20 -23.20 37.49
N LYS C 230 10.87 -23.31 37.66
CA LYS C 230 10.23 -23.86 38.87
C LYS C 230 10.11 -25.36 38.73
N TRP C 231 10.74 -26.11 39.60
CA TRP C 231 10.52 -27.56 39.54
C TRP C 231 9.78 -28.17 40.73
N LYS C 232 8.62 -28.77 40.47
CA LYS C 232 7.86 -29.45 41.48
C LYS C 232 7.89 -30.90 41.03
N PRO C 233 7.98 -31.85 41.96
CA PRO C 233 7.78 -33.24 41.54
C PRO C 233 6.38 -33.36 40.92
N PRO C 234 6.20 -34.17 39.86
CA PRO C 234 4.89 -34.18 39.19
C PRO C 234 3.73 -34.43 40.17
N SER C 235 4.07 -35.04 41.31
CA SER C 235 3.10 -35.42 42.35
C SER C 235 2.35 -34.21 42.95
N LEU C 236 3.01 -33.07 43.03
CA LEU C 236 2.40 -31.87 43.58
C LEU C 236 1.84 -30.87 42.55
N ASN C 237 1.85 -31.19 41.26
CA ASN C 237 1.42 -30.24 40.20
C ASN C 237 0.03 -29.71 40.42
N SER C 238 -0.10 -28.39 40.44
CA SER C 238 -1.36 -27.79 40.88
C SER C 238 -1.66 -26.49 40.18
N VAL C 239 -2.96 -26.21 40.05
CA VAL C 239 -3.44 -25.04 39.33
C VAL C 239 -4.60 -24.38 40.07
N ASP C 240 -4.69 -23.05 40.00
CA ASP C 240 -5.72 -22.33 40.74
C ASP C 240 -6.85 -21.87 39.83
N PHE C 241 -8.01 -22.52 39.97
CA PHE C 241 -9.16 -22.21 39.12
C PHE C 241 -10.27 -21.59 39.95
N ARG C 242 -10.74 -20.41 39.57
CA ARG C 242 -11.95 -19.85 40.18
C ARG C 242 -13.11 -20.78 39.80
N LEU C 243 -14.15 -20.84 40.62
CA LEU C 243 -15.10 -21.96 40.52
C LEU C 243 -16.59 -21.63 40.25
N LYS C 244 -17.24 -22.46 39.43
CA LYS C 244 -18.70 -22.45 39.19
C LYS C 244 -19.16 -23.83 38.62
N ILE C 245 -20.45 -24.15 38.74
CA ILE C 245 -20.98 -25.43 38.20
C ILE C 245 -21.45 -25.29 36.75
N GLY C 259 -19.12 -28.90 36.94
CA GLY C 259 -17.87 -28.50 37.60
C GLY C 259 -16.84 -27.83 36.71
N LEU C 260 -17.14 -26.60 36.28
CA LEU C 260 -16.28 -25.89 35.32
C LEU C 260 -15.28 -24.90 35.95
N LEU C 261 -13.99 -25.22 35.83
CA LEU C 261 -12.87 -24.43 36.36
C LEU C 261 -12.45 -23.28 35.41
N TYR C 262 -11.99 -22.15 35.95
CA TYR C 262 -11.59 -21.00 35.11
C TYR C 262 -10.24 -20.32 35.46
N VAL C 263 -9.54 -19.82 34.44
CA VAL C 263 -8.32 -19.04 34.62
C VAL C 263 -8.40 -17.74 33.86
N GLY C 264 -7.53 -16.80 34.20
CA GLY C 264 -7.63 -15.43 33.69
C GLY C 264 -7.14 -15.26 32.27
N GLY C 265 -7.71 -14.27 31.57
CA GLY C 265 -7.37 -13.96 30.18
C GLY C 265 -8.21 -14.69 29.15
N TYR C 266 -8.83 -15.80 29.58
CA TYR C 266 -9.61 -16.70 28.72
C TYR C 266 -10.92 -17.04 29.43
N GLU C 267 -12.06 -16.61 28.86
CA GLU C 267 -13.36 -16.75 29.53
C GLU C 267 -14.09 -18.11 29.42
N ARG C 268 -13.88 -18.83 28.32
CA ARG C 268 -14.51 -20.15 28.08
C ARG C 268 -13.97 -21.25 29.03
N PRO C 269 -14.77 -22.33 29.28
CA PRO C 269 -14.45 -23.33 30.32
C PRO C 269 -13.21 -24.21 30.09
N PHE C 270 -12.27 -24.17 31.04
CA PHE C 270 -11.00 -24.88 30.87
C PHE C 270 -11.07 -26.35 31.20
N ALA C 271 -11.64 -26.70 32.35
CA ALA C 271 -11.56 -28.08 32.83
C ALA C 271 -12.82 -28.63 33.55
N GLN C 272 -12.70 -29.86 34.08
CA GLN C 272 -13.84 -30.56 34.68
C GLN C 272 -13.56 -31.41 35.94
N ILE C 273 -14.45 -31.27 36.93
CA ILE C 273 -14.48 -32.10 38.13
C ILE C 273 -15.94 -32.41 38.49
N LYS C 274 -16.20 -33.60 39.04
CA LYS C 274 -17.55 -33.93 39.49
C LYS C 274 -17.98 -32.99 40.62
N VAL C 275 -19.27 -32.68 40.68
CA VAL C 275 -19.82 -31.78 41.70
C VAL C 275 -20.27 -32.52 42.97
N THR C 276 -19.67 -32.16 44.12
CA THR C 276 -19.99 -32.79 45.41
C THR C 276 -20.27 -31.80 46.55
N LYS C 277 -20.42 -32.34 47.76
CA LYS C 277 -20.84 -31.56 48.92
C LYS C 277 -19.85 -30.46 49.36
N GLU C 278 -18.59 -30.83 49.58
CA GLU C 278 -17.58 -29.89 50.10
C GLU C 278 -17.08 -28.89 49.05
N LEU C 279 -17.12 -29.29 47.78
CA LEU C 279 -16.79 -28.40 46.68
C LEU C 279 -17.97 -27.44 46.40
N LYS C 280 -19.18 -27.94 46.61
CA LYS C 280 -20.41 -27.12 46.46
C LYS C 280 -20.44 -25.96 47.45
N GLN C 281 -19.58 -26.03 48.46
CA GLN C 281 -19.48 -25.01 49.51
C GLN C 281 -18.65 -23.76 49.15
N TYR C 282 -17.58 -23.92 48.36
CA TYR C 282 -16.83 -22.78 47.82
C TYR C 282 -17.19 -22.54 46.35
N ASP C 283 -17.94 -21.47 46.10
CA ASP C 283 -18.46 -21.17 44.77
C ASP C 283 -18.37 -19.66 44.56
N ASN C 284 -17.95 -19.27 43.35
CA ASN C 284 -17.56 -17.89 43.02
C ASN C 284 -16.16 -17.58 43.59
N LYS C 285 -15.74 -18.42 44.53
CA LYS C 285 -14.43 -18.35 45.19
C LYS C 285 -13.28 -19.07 44.47
N ILE C 286 -12.08 -18.52 44.64
CA ILE C 286 -10.82 -19.16 44.21
C ILE C 286 -10.59 -20.52 44.92
N ILE C 287 -10.28 -21.57 44.15
CA ILE C 287 -9.96 -22.90 44.69
C ILE C 287 -8.69 -23.54 44.06
N GLU C 288 -7.95 -24.32 44.84
CA GLU C 288 -6.71 -24.92 44.35
C GLU C 288 -6.81 -26.43 44.14
N CYS C 289 -6.35 -26.89 42.98
CA CYS C 289 -6.54 -28.28 42.57
C CYS C 289 -5.30 -28.95 41.98
N LYS C 290 -5.28 -30.28 42.05
CA LYS C 290 -4.17 -31.10 41.57
C LYS C 290 -4.62 -31.96 40.40
N PHE C 291 -3.65 -32.40 39.58
CA PHE C 291 -3.94 -33.33 38.48
C PHE C 291 -3.74 -34.77 38.92
N GLU C 292 -4.78 -35.58 38.71
CA GLU C 292 -4.82 -36.93 39.23
C GLU C 292 -5.38 -37.91 38.20
N ASN C 293 -4.60 -38.90 37.79
CA ASN C 293 -5.17 -40.01 37.02
C ASN C 293 -6.11 -39.53 35.91
N ASN C 294 -5.62 -38.60 35.10
CA ASN C 294 -6.43 -38.00 34.02
C ASN C 294 -7.73 -37.35 34.52
N SER C 295 -7.65 -36.61 35.63
CA SER C 295 -8.77 -35.82 36.16
C SER C 295 -8.29 -34.73 37.13
N TRP C 296 -9.14 -33.72 37.36
CA TRP C 296 -8.79 -32.65 38.29
C TRP C 296 -9.35 -32.95 39.67
N VAL C 297 -8.53 -32.75 40.70
CA VAL C 297 -8.90 -33.06 42.08
C VAL C 297 -8.78 -31.81 42.94
N PHE C 298 -9.50 -31.77 44.07
CA PHE C 298 -9.46 -30.62 44.98
C PHE C 298 -8.67 -30.91 46.25
N MET C 299 -8.02 -29.88 46.79
CA MET C 299 -7.29 -30.01 48.06
C MET C 299 -7.64 -28.93 49.10
N ARG C 300 -7.21 -27.68 48.84
CA ARG C 300 -7.50 -26.56 49.74
C ARG C 300 -7.91 -25.30 48.97
N GLN C 301 -8.84 -24.52 49.53
CA GLN C 301 -9.20 -23.22 48.98
C GLN C 301 -8.16 -22.15 49.32
N ARG C 302 -8.10 -21.07 48.54
CA ARG C 302 -7.17 -19.96 48.80
C ARG C 302 -7.91 -18.63 49.05
N THR C 303 -7.86 -18.16 50.30
CA THR C 303 -8.58 -16.95 50.75
C THR C 303 -7.75 -15.65 50.79
N ASP C 304 -6.46 -15.74 50.48
CA ASP C 304 -5.65 -14.53 50.24
C ASP C 304 -5.44 -14.21 48.73
N LYS C 305 -6.02 -15.02 47.84
CA LYS C 305 -5.94 -14.78 46.40
C LYS C 305 -7.22 -14.18 45.77
N SER C 306 -7.08 -12.95 45.27
CA SER C 306 -8.19 -12.20 44.67
C SER C 306 -8.59 -12.69 43.26
N PHE C 307 -7.61 -12.85 42.38
CA PHE C 307 -7.88 -13.34 41.01
C PHE C 307 -7.19 -14.70 40.76
N PRO C 308 -7.85 -15.58 39.96
CA PRO C 308 -7.40 -16.96 39.74
C PRO C 308 -6.20 -17.02 38.80
N ASN C 309 -5.54 -18.17 38.81
CA ASN C 309 -4.30 -18.34 38.07
C ASN C 309 -4.41 -17.87 36.63
N ALA C 310 -3.36 -17.23 36.15
CA ALA C 310 -3.31 -16.82 34.76
C ALA C 310 -3.39 -18.06 33.82
N TYR C 311 -4.15 -17.92 32.74
CA TYR C 311 -4.35 -19.00 31.76
C TYR C 311 -3.05 -19.61 31.28
N ASN C 312 -2.04 -18.75 31.16
CA ASN C 312 -0.70 -19.12 30.72
C ASN C 312 0.17 -19.77 31.81
N THR C 313 -0.28 -19.68 33.06
CA THR C 313 0.25 -20.53 34.11
C THR C 313 -0.59 -21.81 34.16
N ALA C 314 -1.74 -21.80 33.49
CA ALA C 314 -2.61 -22.96 33.43
C ALA C 314 -2.17 -24.04 32.44
N MET C 315 -1.82 -23.63 31.22
CA MET C 315 -1.39 -24.60 30.22
C MET C 315 0.09 -24.86 30.30
N ALA C 316 0.81 -24.03 31.05
CA ALA C 316 2.21 -24.29 31.37
C ALA C 316 2.25 -25.45 32.36
N VAL C 317 1.14 -25.61 33.07
CA VAL C 317 0.96 -26.72 33.99
C VAL C 317 0.48 -28.02 33.29
N CYS C 318 -0.30 -27.88 32.22
CA CYS C 318 -0.68 -29.05 31.42
C CYS C 318 0.52 -29.53 30.61
N ASN C 319 1.19 -28.58 29.95
CA ASN C 319 2.39 -28.84 29.14
C ASN C 319 3.46 -29.53 29.99
N SER C 320 3.21 -29.54 31.30
CA SER C 320 4.11 -30.16 32.26
C SER C 320 3.60 -31.52 32.67
N ILE C 321 2.41 -31.56 33.25
CA ILE C 321 1.83 -32.83 33.66
C ILE C 321 1.88 -33.83 32.51
N SER C 322 1.49 -33.41 31.31
CA SER C 322 1.43 -34.30 30.15
C SER C 322 2.81 -34.75 29.68
N ASN C 323 3.73 -33.82 29.50
CA ASN C 323 5.09 -34.17 29.13
C ASN C 323 6.08 -33.77 30.24
N PRO C 324 6.22 -34.63 31.26
CA PRO C 324 6.85 -34.20 32.50
C PRO C 324 8.35 -34.42 32.60
N VAL C 325 8.92 -33.90 33.69
CA VAL C 325 10.31 -34.09 34.05
C VAL C 325 10.28 -34.81 35.36
N THR C 326 10.74 -36.05 35.32
CA THR C 326 10.61 -36.93 36.45
C THR C 326 11.66 -36.59 37.45
N LYS C 327 11.39 -36.94 38.70
CA LYS C 327 12.34 -36.75 39.78
C LYS C 327 13.73 -37.23 39.34
N GLU C 328 13.76 -38.33 38.60
CA GLU C 328 15.00 -38.91 38.12
C GLU C 328 15.51 -38.23 36.86
N MET C 329 14.59 -37.96 35.94
CA MET C 329 14.98 -37.39 34.66
C MET C 329 15.83 -36.15 34.92
N LEU C 330 15.33 -35.29 35.80
CA LEU C 330 16.06 -34.11 36.24
C LEU C 330 17.39 -34.49 36.91
N PHE C 331 17.37 -35.54 37.73
CA PHE C 331 18.59 -35.99 38.39
C PHE C 331 19.70 -36.30 37.39
N GLU C 332 19.48 -37.25 36.50
CA GLU C 332 20.52 -37.63 35.56
C GLU C 332 20.94 -36.55 34.56
N PHE C 333 20.15 -35.48 34.42
CA PHE C 333 20.53 -34.35 33.59
C PHE C 333 21.65 -33.53 34.25
N ILE C 334 21.43 -33.15 35.52
CA ILE C 334 22.45 -32.45 36.29
C ILE C 334 23.62 -33.40 36.51
N ASP C 335 23.27 -34.67 36.73
CA ASP C 335 24.23 -35.74 36.99
C ASP C 335 25.41 -35.71 36.03
N ARG C 336 25.14 -36.02 34.75
CA ARG C 336 26.17 -35.96 33.70
C ARG C 336 26.95 -34.65 33.79
N GLY D 1 -42.37 -13.12 1.64
CA GLY D 1 -42.18 -14.41 1.02
C GLY D 1 -43.46 -15.23 0.77
N ALA D 2 -44.34 -15.23 1.77
CA ALA D 2 -45.59 -15.98 1.66
C ALA D 2 -46.76 -15.15 1.12
N ILE D 3 -46.50 -13.91 0.69
CA ILE D 3 -47.59 -13.09 0.13
C ILE D 3 -47.86 -13.45 -1.32
N PHE D 4 -49.11 -13.78 -1.62
CA PHE D 4 -49.51 -14.17 -2.96
C PHE D 4 -49.60 -12.94 -3.87
N LEU D 5 -50.51 -12.05 -3.58
CA LEU D 5 -50.52 -10.78 -4.28
C LEU D 5 -50.73 -9.69 -3.24
N GLU D 6 -49.76 -8.80 -3.09
CA GLU D 6 -49.93 -7.71 -2.15
C GLU D 6 -50.73 -6.52 -2.69
N GLY D 7 -51.34 -5.78 -1.77
CA GLY D 7 -52.20 -4.63 -2.06
C GLY D 7 -53.67 -4.95 -1.94
N VAL D 8 -54.02 -6.23 -2.12
CA VAL D 8 -55.36 -6.75 -1.86
C VAL D 8 -55.15 -8.20 -1.47
N THR D 9 -55.94 -8.71 -0.53
CA THR D 9 -55.90 -10.14 -0.19
C THR D 9 -57.07 -10.83 -0.85
N VAL D 10 -56.83 -12.07 -1.26
CA VAL D 10 -57.78 -12.80 -2.09
C VAL D 10 -58.16 -14.08 -1.40
N LYS D 11 -59.45 -14.41 -1.49
CA LYS D 11 -60.03 -15.55 -0.79
C LYS D 11 -59.64 -16.88 -1.45
N GLY D 12 -59.52 -17.92 -0.63
CA GLY D 12 -59.31 -19.26 -1.15
C GLY D 12 -57.88 -19.54 -1.51
N VAL D 13 -57.10 -18.49 -1.68
CA VAL D 13 -55.73 -18.62 -2.13
C VAL D 13 -54.83 -18.80 -0.93
N THR D 14 -54.18 -19.95 -0.84
CA THR D 14 -53.44 -20.27 0.35
C THR D 14 -52.12 -21.00 0.05
N GLN D 15 -51.00 -20.46 0.52
CA GLN D 15 -49.69 -21.08 0.25
C GLN D 15 -49.68 -22.55 0.65
N VAL D 16 -48.98 -23.40 -0.10
CA VAL D 16 -48.90 -24.80 0.28
C VAL D 16 -47.53 -25.20 0.85
N THR D 17 -47.50 -25.43 2.16
CA THR D 17 -46.33 -25.98 2.86
C THR D 17 -46.43 -27.48 3.03
N THR D 18 -47.60 -28.04 2.75
CA THR D 18 -47.78 -29.48 2.90
C THR D 18 -46.68 -30.18 2.13
N GLN D 19 -45.93 -31.07 2.76
CA GLN D 19 -44.73 -31.61 2.13
C GLN D 19 -44.98 -32.46 0.87
N PRO D 20 -45.89 -33.45 0.96
CA PRO D 20 -46.01 -34.40 -0.14
C PRO D 20 -46.54 -33.78 -1.44
N LYS D 21 -47.47 -32.83 -1.32
CA LYS D 21 -48.13 -32.21 -2.48
C LYS D 21 -47.43 -30.92 -2.92
N LEU D 22 -46.29 -30.58 -2.30
CA LEU D 22 -45.52 -29.41 -2.69
C LEU D 22 -44.54 -29.66 -3.84
N GLY D 23 -43.47 -30.39 -3.55
CA GLY D 23 -42.51 -30.77 -4.57
C GLY D 23 -43.23 -31.55 -5.65
N GLU D 24 -44.43 -32.01 -5.31
CA GLU D 24 -45.28 -32.74 -6.24
C GLU D 24 -45.76 -31.80 -7.33
N VAL D 25 -46.23 -30.62 -6.95
CA VAL D 25 -46.69 -29.62 -7.90
C VAL D 25 -45.53 -29.01 -8.67
N GLN D 26 -44.51 -28.54 -7.95
CA GLN D 26 -43.30 -28.04 -8.61
C GLN D 26 -42.85 -29.07 -9.62
N GLN D 27 -42.76 -30.31 -9.15
CA GLN D 27 -42.30 -31.40 -9.97
C GLN D 27 -42.98 -31.41 -11.33
N LYS D 28 -44.29 -31.30 -11.33
CA LYS D 28 -45.10 -31.48 -12.54
C LYS D 28 -45.03 -30.30 -13.50
N CYS D 29 -44.52 -29.18 -13.01
CA CYS D 29 -44.23 -28.02 -13.86
C CYS D 29 -42.91 -28.16 -14.60
N HIS D 30 -41.85 -28.53 -13.88
CA HIS D 30 -40.59 -28.82 -14.53
C HIS D 30 -40.89 -29.71 -15.71
N GLN D 31 -41.66 -30.76 -15.42
CA GLN D 31 -42.13 -31.69 -16.42
C GLN D 31 -42.72 -31.02 -17.66
N PHE D 32 -43.88 -30.37 -17.53
CA PHE D 32 -44.60 -29.78 -18.68
C PHE D 32 -43.77 -28.79 -19.50
N CYS D 33 -42.88 -28.07 -18.83
CA CYS D 33 -42.02 -27.10 -19.49
C CYS D 33 -40.79 -27.78 -20.07
N GLY D 34 -40.47 -28.95 -19.56
CA GLY D 34 -39.22 -29.59 -19.90
C GLY D 34 -38.07 -28.76 -19.35
N TRP D 35 -38.34 -28.05 -18.26
CA TRP D 35 -37.29 -27.36 -17.55
C TRP D 35 -36.42 -28.38 -16.85
N GLU D 36 -35.12 -28.18 -16.96
CA GLU D 36 -34.16 -29.08 -16.33
C GLU D 36 -33.81 -28.71 -14.88
N GLY D 37 -33.28 -27.50 -14.66
CA GLY D 37 -32.80 -27.08 -13.35
C GLY D 37 -33.80 -26.91 -12.20
N SER D 38 -33.31 -26.53 -11.03
CA SER D 38 -34.17 -26.29 -9.87
C SER D 38 -34.56 -24.82 -9.80
N GLY D 39 -35.82 -24.56 -9.47
CA GLY D 39 -36.35 -23.20 -9.54
C GLY D 39 -37.33 -22.97 -10.69
N PHE D 40 -37.77 -21.73 -10.84
CA PHE D 40 -38.88 -21.39 -11.73
C PHE D 40 -38.63 -21.67 -13.24
N PRO D 41 -39.43 -22.59 -13.80
CA PRO D 41 -39.33 -23.10 -15.18
C PRO D 41 -39.77 -22.15 -16.31
N GLY D 42 -40.67 -21.21 -16.05
CA GLY D 42 -41.19 -20.36 -17.11
C GLY D 42 -40.25 -19.43 -17.88
N ALA D 43 -40.65 -19.13 -19.11
CA ALA D 43 -39.91 -18.24 -20.00
C ALA D 43 -39.58 -16.89 -19.36
N GLN D 44 -38.32 -16.47 -19.41
CA GLN D 44 -37.95 -15.18 -18.84
C GLN D 44 -37.49 -14.13 -19.85
N PRO D 45 -38.33 -13.11 -20.10
CA PRO D 45 -38.02 -12.08 -21.08
C PRO D 45 -36.76 -11.28 -20.69
N VAL D 46 -36.09 -10.68 -21.68
CA VAL D 46 -35.00 -9.78 -21.38
C VAL D 46 -35.23 -8.35 -21.86
N SER D 47 -34.49 -7.43 -21.24
CA SER D 47 -34.52 -6.00 -21.56
C SER D 47 -33.93 -5.72 -22.95
N MET D 48 -34.72 -5.01 -23.76
CA MET D 48 -34.29 -4.60 -25.07
C MET D 48 -33.06 -3.71 -24.95
N ASP D 49 -32.00 -4.08 -25.65
CA ASP D 49 -30.84 -3.22 -25.82
C ASP D 49 -30.74 -2.84 -27.31
N LYS D 50 -29.65 -2.19 -27.73
CA LYS D 50 -29.47 -1.86 -29.14
C LYS D 50 -29.22 -3.10 -30.03
N GLN D 51 -28.60 -4.15 -29.49
CA GLN D 51 -28.42 -5.42 -30.22
C GLN D 51 -29.74 -6.15 -30.43
N ASN D 52 -30.50 -6.25 -29.35
CA ASN D 52 -31.80 -6.92 -29.32
C ASN D 52 -32.77 -6.44 -30.37
N ILE D 53 -33.00 -5.13 -30.38
CA ILE D 53 -34.05 -4.55 -31.19
C ILE D 53 -33.96 -5.03 -32.62
N LYS D 54 -32.74 -5.37 -33.04
CA LYS D 54 -32.46 -5.97 -34.36
C LYS D 54 -33.31 -7.24 -34.64
N LEU D 55 -33.71 -7.91 -33.57
CA LEU D 55 -34.47 -9.15 -33.69
C LEU D 55 -35.88 -8.93 -34.22
N LEU D 56 -36.42 -7.73 -34.05
CA LEU D 56 -37.78 -7.48 -34.49
C LEU D 56 -37.84 -7.57 -36.01
N ASP D 57 -36.68 -7.60 -36.63
CA ASP D 57 -36.62 -7.76 -38.09
C ASP D 57 -36.37 -9.17 -38.63
N LEU D 58 -36.00 -10.11 -37.76
CA LEU D 58 -35.66 -11.46 -38.22
C LEU D 58 -36.81 -12.43 -38.37
N LYS D 59 -37.72 -12.44 -37.40
CA LYS D 59 -38.93 -13.24 -37.51
C LYS D 59 -40.09 -12.33 -37.25
N PRO D 60 -41.30 -12.88 -37.37
CA PRO D 60 -42.44 -12.05 -36.97
C PRO D 60 -42.48 -11.94 -35.45
N TYR D 61 -42.95 -10.82 -34.95
CA TYR D 61 -43.16 -10.66 -33.53
C TYR D 61 -44.57 -10.20 -33.31
N LYS D 62 -45.03 -10.35 -32.08
CA LYS D 62 -46.26 -9.72 -31.68
C LYS D 62 -45.89 -8.88 -30.47
N VAL D 63 -46.69 -7.87 -30.20
CA VAL D 63 -46.47 -7.03 -29.05
C VAL D 63 -47.73 -6.88 -28.21
N SER D 64 -47.52 -6.78 -26.91
CA SER D 64 -48.56 -6.40 -25.97
C SER D 64 -47.93 -5.46 -24.96
N TRP D 65 -48.77 -4.82 -24.15
CA TRP D 65 -48.33 -3.82 -23.18
C TRP D 65 -48.03 -4.42 -21.83
N LYS D 66 -46.76 -4.42 -21.44
CA LYS D 66 -46.38 -4.93 -20.13
C LYS D 66 -47.16 -4.18 -19.05
N ALA D 67 -47.88 -4.94 -18.23
CA ALA D 67 -48.45 -4.36 -17.02
C ALA D 67 -47.55 -4.84 -15.91
N ASP D 68 -47.25 -3.93 -14.97
CA ASP D 68 -46.52 -4.33 -13.79
C ASP D 68 -47.48 -5.17 -12.99
N GLY D 69 -47.07 -6.39 -12.73
CA GLY D 69 -47.92 -7.32 -12.06
C GLY D 69 -46.98 -8.38 -11.58
N THR D 70 -47.54 -9.46 -11.11
CA THR D 70 -46.65 -10.49 -10.62
C THR D 70 -46.85 -11.85 -11.34
N ARG D 71 -45.72 -12.40 -11.75
CA ARG D 71 -45.66 -13.57 -12.59
C ARG D 71 -46.13 -14.79 -11.83
N TYR D 72 -47.16 -15.45 -12.38
CA TYR D 72 -47.63 -16.72 -11.88
C TYR D 72 -47.92 -17.66 -13.04
N MET D 73 -47.34 -18.86 -12.98
CA MET D 73 -47.76 -19.98 -13.82
C MET D 73 -48.92 -20.65 -13.12
N MET D 74 -50.08 -20.76 -13.76
CA MET D 74 -51.23 -21.44 -13.14
C MET D 74 -51.34 -22.89 -13.59
N LEU D 75 -51.14 -23.85 -12.66
CA LEU D 75 -51.35 -25.27 -12.98
C LEU D 75 -52.79 -25.71 -12.72
N ILE D 76 -53.53 -26.06 -13.76
CA ILE D 76 -54.86 -26.58 -13.58
C ILE D 76 -54.74 -28.11 -13.72
N ASP D 77 -54.67 -28.83 -12.61
CA ASP D 77 -54.42 -30.26 -12.64
C ASP D 77 -55.66 -31.13 -12.54
N GLY D 78 -56.77 -30.51 -12.16
CA GLY D 78 -57.92 -31.26 -11.76
C GLY D 78 -59.07 -30.37 -11.37
N THR D 79 -59.99 -30.94 -10.62
CA THR D 79 -61.22 -30.25 -10.29
C THR D 79 -61.08 -29.25 -9.12
N ASN D 80 -60.41 -29.65 -8.05
CA ASN D 80 -60.06 -28.67 -7.04
C ASN D 80 -58.62 -28.22 -7.20
N GLU D 81 -57.93 -28.83 -8.15
CA GLU D 81 -56.50 -28.57 -8.25
C GLU D 81 -56.29 -27.40 -9.18
N VAL D 82 -55.97 -26.25 -8.62
CA VAL D 82 -55.53 -25.12 -9.41
C VAL D 82 -54.47 -24.51 -8.55
N PHE D 83 -53.32 -24.28 -9.15
CA PHE D 83 -52.18 -23.78 -8.40
C PHE D 83 -51.52 -22.64 -9.15
N MET D 84 -50.97 -21.71 -8.41
CA MET D 84 -50.14 -20.68 -8.99
C MET D 84 -48.73 -20.95 -8.51
N ILE D 85 -47.76 -20.75 -9.40
CA ILE D 85 -46.35 -20.85 -9.06
C ILE D 85 -45.71 -19.52 -9.44
N ASP D 86 -44.94 -18.94 -8.51
CA ASP D 86 -44.31 -17.63 -8.77
C ASP D 86 -42.81 -17.70 -9.03
N ARG D 87 -42.21 -16.54 -9.31
CA ARG D 87 -40.81 -16.47 -9.73
C ARG D 87 -39.93 -17.29 -8.76
N ASP D 88 -40.38 -17.40 -7.51
CA ASP D 88 -39.62 -18.04 -6.43
C ASP D 88 -39.77 -19.55 -6.35
N ASN D 89 -40.68 -20.08 -7.17
CA ASN D 89 -41.12 -21.46 -7.06
C ASN D 89 -41.97 -21.74 -5.80
N SER D 90 -42.60 -20.69 -5.27
CA SER D 90 -43.55 -20.89 -4.17
C SER D 90 -44.94 -21.16 -4.75
N VAL D 91 -45.59 -22.18 -4.20
CA VAL D 91 -46.89 -22.68 -4.67
C VAL D 91 -48.03 -22.14 -3.82
N PHE D 92 -49.09 -21.70 -4.49
CA PHE D 92 -50.31 -21.29 -3.83
C PHE D 92 -51.43 -22.15 -4.40
N HIS D 93 -52.48 -22.42 -3.61
CA HIS D 93 -53.64 -23.19 -4.09
C HIS D 93 -54.87 -22.28 -4.25
N VAL D 94 -55.58 -22.40 -5.37
CA VAL D 94 -56.75 -21.55 -5.65
C VAL D 94 -58.06 -22.34 -5.58
N SER D 95 -59.16 -21.66 -5.24
CA SER D 95 -60.30 -22.41 -4.74
C SER D 95 -61.57 -22.49 -5.60
N ASN D 96 -62.37 -21.44 -5.67
CA ASN D 96 -63.65 -21.63 -6.34
C ASN D 96 -63.61 -21.30 -7.82
N LEU D 97 -62.39 -21.12 -8.31
CA LEU D 97 -62.11 -20.90 -9.73
C LEU D 97 -62.19 -22.22 -10.53
N GLU D 98 -63.07 -22.27 -11.54
CA GLU D 98 -63.40 -23.50 -12.24
C GLU D 98 -63.06 -23.49 -13.74
N PHE D 99 -62.52 -24.58 -14.27
CA PHE D 99 -62.19 -24.64 -15.71
C PHE D 99 -62.90 -25.76 -16.46
N PRO D 100 -64.11 -25.46 -16.96
CA PRO D 100 -64.89 -26.37 -17.79
C PRO D 100 -64.11 -26.77 -19.02
N PHE D 101 -64.43 -27.94 -19.57
CA PHE D 101 -63.82 -28.44 -20.80
C PHE D 101 -64.73 -28.09 -21.98
N ARG D 102 -64.17 -27.53 -23.05
CA ARG D 102 -64.98 -27.02 -24.14
C ARG D 102 -65.99 -28.02 -24.72
N LYS D 103 -65.59 -29.27 -24.82
CA LYS D 103 -66.45 -30.30 -25.41
C LYS D 103 -67.60 -30.65 -24.48
N ASP D 104 -67.29 -30.95 -23.22
CA ASP D 104 -68.33 -31.27 -22.25
C ASP D 104 -68.23 -30.47 -20.93
N LEU D 105 -69.20 -29.59 -20.69
CA LEU D 105 -69.04 -28.59 -19.62
C LEU D 105 -69.01 -29.15 -18.20
N ARG D 106 -69.41 -30.42 -18.04
CA ARG D 106 -69.42 -31.06 -16.73
C ARG D 106 -68.02 -31.53 -16.31
N MET D 107 -67.19 -31.82 -17.29
CA MET D 107 -65.82 -32.22 -17.01
C MET D 107 -65.00 -30.98 -16.72
N HIS D 108 -63.94 -31.13 -15.93
CA HIS D 108 -63.03 -30.03 -15.64
C HIS D 108 -61.66 -30.26 -16.29
N LEU D 109 -60.97 -29.18 -16.67
CA LEU D 109 -59.65 -29.34 -17.27
C LEU D 109 -58.70 -30.05 -16.32
N SER D 110 -57.76 -30.78 -16.91
CA SER D 110 -56.80 -31.55 -16.14
C SER D 110 -55.49 -31.34 -16.85
N ASN D 111 -54.36 -31.54 -16.19
CA ASN D 111 -53.07 -31.51 -16.90
C ASN D 111 -52.90 -30.34 -17.87
N THR D 112 -53.27 -29.15 -17.41
CA THR D 112 -53.15 -27.91 -18.15
C THR D 112 -52.19 -26.97 -17.41
N LEU D 113 -51.35 -26.25 -18.16
CA LEU D 113 -50.41 -25.26 -17.62
C LEU D 113 -50.52 -23.92 -18.37
N LEU D 114 -50.76 -22.86 -17.60
CA LEU D 114 -50.92 -21.50 -18.12
C LEU D 114 -49.78 -20.60 -17.62
N ASP D 115 -49.52 -19.54 -18.38
CA ASP D 115 -48.54 -18.51 -18.02
C ASP D 115 -49.18 -17.13 -18.09
N GLY D 116 -48.86 -16.30 -17.11
CA GLY D 116 -49.48 -14.99 -17.01
C GLY D 116 -49.18 -14.27 -15.71
N GLU D 117 -49.91 -13.19 -15.49
CA GLU D 117 -49.65 -12.30 -14.36
C GLU D 117 -50.88 -11.97 -13.57
N MET D 118 -50.67 -11.89 -12.25
CA MET D 118 -51.61 -11.29 -11.32
C MET D 118 -51.42 -9.78 -11.37
N ILE D 119 -52.49 -9.10 -11.74
CA ILE D 119 -52.53 -7.64 -11.76
C ILE D 119 -53.68 -7.13 -10.90
N ILE D 120 -53.41 -6.11 -10.09
CA ILE D 120 -54.47 -5.40 -9.38
C ILE D 120 -55.09 -4.33 -10.29
N ASP D 121 -56.38 -4.10 -10.13
CA ASP D 121 -57.07 -3.23 -11.06
C ASP D 121 -58.08 -2.35 -10.35
N ARG D 122 -58.60 -1.34 -11.06
CA ARG D 122 -59.53 -0.36 -10.46
C ARG D 122 -60.76 0.02 -11.30
N VAL D 123 -61.92 0.01 -10.64
CA VAL D 123 -63.24 0.38 -11.22
C VAL D 123 -63.48 1.89 -11.10
N ASN D 124 -62.43 2.63 -10.77
CA ASN D 124 -62.51 3.95 -10.14
C ASN D 124 -63.05 3.84 -8.70
N GLY D 125 -62.22 3.31 -7.81
CA GLY D 125 -62.63 2.96 -6.46
C GLY D 125 -62.81 1.49 -6.14
N GLN D 126 -62.26 0.61 -6.97
CA GLN D 126 -62.31 -0.84 -6.71
C GLN D 126 -60.92 -1.51 -6.61
N ALA D 127 -60.80 -2.51 -5.75
CA ALA D 127 -59.54 -3.22 -5.50
C ALA D 127 -59.34 -4.49 -6.33
N VAL D 128 -60.20 -4.70 -7.34
CA VAL D 128 -60.35 -5.98 -8.08
C VAL D 128 -59.08 -6.60 -8.70
N PRO D 129 -58.68 -7.81 -8.22
CA PRO D 129 -57.56 -8.58 -8.74
C PRO D 129 -57.89 -9.39 -10.01
N ARG D 130 -56.86 -9.73 -10.78
CA ARG D 130 -57.05 -10.38 -12.08
C ARG D 130 -55.83 -11.21 -12.48
N TYR D 131 -56.09 -12.33 -13.18
CA TYR D 131 -55.03 -13.13 -13.81
C TYR D 131 -55.13 -12.98 -15.31
N LEU D 132 -54.10 -12.34 -15.88
CA LEU D 132 -54.00 -12.21 -17.32
C LEU D 132 -53.21 -13.40 -17.89
N ILE D 133 -53.83 -14.14 -18.81
CA ILE D 133 -53.18 -15.35 -19.31
C ILE D 133 -52.43 -14.91 -20.52
N TYR D 134 -51.11 -14.86 -20.39
CA TYR D 134 -50.33 -14.41 -21.53
C TYR D 134 -49.62 -15.50 -22.34
N ASP D 135 -49.67 -16.75 -21.87
CA ASP D 135 -49.28 -17.93 -22.67
C ASP D 135 -49.88 -19.24 -22.12
N ILE D 136 -49.87 -20.31 -22.90
CA ILE D 136 -50.30 -21.62 -22.43
C ILE D 136 -49.33 -22.73 -22.80
N ILE D 137 -48.71 -23.36 -21.80
CA ILE D 137 -47.71 -24.41 -22.03
C ILE D 137 -48.27 -25.84 -22.37
N LYS D 138 -49.32 -26.30 -21.68
CA LYS D 138 -49.86 -27.67 -21.83
C LYS D 138 -51.40 -27.70 -21.75
N PHE D 139 -52.03 -28.51 -22.58
CA PHE D 139 -53.48 -28.62 -22.51
C PHE D 139 -53.94 -30.09 -22.58
N ASN D 140 -54.49 -30.60 -21.49
CA ASN D 140 -54.79 -32.03 -21.41
C ASN D 140 -53.60 -32.93 -21.76
N SER D 141 -52.42 -32.58 -21.27
CA SER D 141 -51.18 -33.30 -21.58
C SER D 141 -50.64 -33.05 -23.01
N GLN D 142 -51.48 -32.45 -23.86
CA GLN D 142 -51.06 -32.08 -25.21
C GLN D 142 -49.94 -31.03 -25.22
N PRO D 143 -48.90 -31.26 -26.04
CA PRO D 143 -47.74 -30.37 -25.96
C PRO D 143 -47.96 -29.08 -26.73
N VAL D 144 -49.05 -28.37 -26.45
CA VAL D 144 -49.40 -27.13 -27.17
C VAL D 144 -48.30 -26.06 -27.15
N GLY D 145 -47.36 -26.18 -26.21
CA GLY D 145 -46.25 -25.25 -26.07
C GLY D 145 -45.29 -25.37 -27.23
N ASP D 146 -45.42 -26.45 -27.98
CA ASP D 146 -44.58 -26.65 -29.14
C ASP D 146 -45.23 -26.04 -30.38
N CYS D 147 -46.47 -25.62 -30.22
CA CYS D 147 -47.21 -25.02 -31.32
C CYS D 147 -46.87 -23.57 -31.51
N ASP D 148 -47.64 -22.93 -32.39
CA ASP D 148 -47.33 -21.57 -32.79
C ASP D 148 -47.95 -20.55 -31.84
N PHE D 149 -47.25 -19.47 -31.54
CA PHE D 149 -47.85 -18.47 -30.65
C PHE D 149 -49.26 -18.03 -31.07
N ASN D 150 -49.51 -18.00 -32.38
CA ASN D 150 -50.86 -17.69 -32.82
C ASN D 150 -51.84 -18.83 -32.47
N VAL D 151 -51.38 -20.07 -32.62
CA VAL D 151 -52.18 -21.25 -32.24
C VAL D 151 -52.47 -21.29 -30.73
N ARG D 152 -51.45 -21.03 -29.91
CA ARG D 152 -51.56 -21.01 -28.46
C ARG D 152 -52.47 -19.88 -27.97
N LEU D 153 -52.48 -18.76 -28.69
CA LEU D 153 -53.34 -17.63 -28.37
C LEU D 153 -54.81 -17.98 -28.61
N GLN D 154 -55.05 -18.79 -29.64
CA GLN D 154 -56.42 -19.21 -29.94
C GLN D 154 -56.84 -20.32 -28.98
N CYS D 155 -55.92 -21.22 -28.67
CA CYS D 155 -56.20 -22.27 -27.71
C CYS D 155 -56.75 -21.65 -26.43
N ILE D 156 -55.96 -20.76 -25.84
CA ILE D 156 -56.37 -19.99 -24.66
C ILE D 156 -57.75 -19.38 -24.80
N GLU D 157 -58.06 -18.83 -25.97
CA GLU D 157 -59.37 -18.27 -26.19
C GLU D 157 -60.49 -19.32 -26.19
N ARG D 158 -60.34 -20.33 -27.03
CA ARG D 158 -61.38 -21.36 -27.18
C ARG D 158 -61.35 -22.46 -26.10
N GLU D 159 -60.16 -22.85 -25.65
CA GLU D 159 -60.03 -23.90 -24.66
C GLU D 159 -60.12 -23.49 -23.18
N ILE D 160 -59.81 -22.24 -22.88
CA ILE D 160 -59.80 -21.76 -21.50
C ILE D 160 -60.89 -20.73 -21.26
N ILE D 161 -60.74 -19.54 -21.84
CA ILE D 161 -61.77 -18.52 -21.68
C ILE D 161 -63.17 -18.93 -22.13
N SER D 162 -63.36 -19.32 -23.39
CA SER D 162 -64.71 -19.48 -23.90
C SER D 162 -65.60 -20.47 -23.13
N PRO D 163 -65.05 -21.62 -22.71
CA PRO D 163 -65.76 -22.56 -21.83
C PRO D 163 -66.17 -21.98 -20.48
N ARG D 164 -65.33 -21.13 -19.88
CA ARG D 164 -65.69 -20.51 -18.60
C ARG D 164 -66.81 -19.53 -18.82
N HIS D 165 -66.68 -18.73 -19.86
CA HIS D 165 -67.74 -17.82 -20.27
C HIS D 165 -69.05 -18.60 -20.47
N GLU D 166 -68.97 -19.75 -21.11
CA GLU D 166 -70.16 -20.57 -21.37
C GLU D 166 -70.92 -20.89 -20.08
N LYS D 167 -70.23 -21.55 -19.15
CA LYS D 167 -70.84 -21.95 -17.88
C LYS D 167 -71.36 -20.79 -17.01
N MET D 168 -70.80 -19.59 -17.15
CA MET D 168 -71.25 -18.42 -16.39
C MET D 168 -72.54 -17.89 -16.96
N LYS D 169 -72.66 -17.94 -18.28
CA LYS D 169 -73.90 -17.59 -18.98
C LYS D 169 -75.06 -18.46 -18.43
N THR D 170 -74.70 -19.67 -18.04
CA THR D 170 -75.63 -20.70 -17.57
C THR D 170 -76.04 -20.55 -16.10
N GLY D 171 -75.28 -19.76 -15.36
CA GLY D 171 -75.53 -19.59 -13.94
C GLY D 171 -74.77 -20.61 -13.12
N LEU D 172 -74.15 -21.57 -13.80
CA LEU D 172 -73.42 -22.66 -13.14
C LEU D 172 -72.00 -22.24 -12.77
N ILE D 173 -71.69 -20.97 -13.05
CA ILE D 173 -70.51 -20.32 -12.50
C ILE D 173 -70.91 -18.94 -11.94
N ASP D 174 -70.56 -18.66 -10.68
CA ASP D 174 -70.78 -17.33 -10.15
C ASP D 174 -69.47 -16.51 -10.12
N LYS D 175 -69.35 -15.58 -11.06
CA LYS D 175 -68.16 -14.74 -11.16
C LYS D 175 -67.97 -14.12 -9.77
N THR D 176 -69.10 -13.79 -9.15
CA THR D 176 -69.16 -13.22 -7.81
C THR D 176 -68.34 -13.97 -6.79
N GLN D 177 -68.41 -15.29 -6.81
CA GLN D 177 -67.81 -16.10 -5.75
C GLN D 177 -66.40 -16.59 -6.11
N GLU D 178 -65.93 -16.23 -7.30
CA GLU D 178 -64.59 -16.61 -7.79
C GLU D 178 -63.48 -15.63 -7.37
N PRO D 179 -62.37 -16.17 -6.82
CA PRO D 179 -61.27 -15.39 -6.22
C PRO D 179 -60.63 -14.26 -7.08
N PHE D 180 -60.60 -14.41 -8.39
CA PHE D 180 -60.17 -13.33 -9.28
C PHE D 180 -60.70 -13.46 -10.71
N SER D 181 -60.75 -12.35 -11.45
CA SER D 181 -61.13 -12.35 -12.86
C SER D 181 -60.07 -13.15 -13.62
N VAL D 182 -60.48 -13.85 -14.67
CA VAL D 182 -59.53 -14.54 -15.55
C VAL D 182 -59.68 -14.03 -16.99
N ARG D 183 -58.61 -13.43 -17.52
CA ARG D 183 -58.62 -12.85 -18.86
C ARG D 183 -57.36 -13.21 -19.66
N ASN D 184 -57.44 -13.07 -20.99
CA ASN D 184 -56.28 -13.32 -21.85
C ASN D 184 -55.63 -12.01 -22.34
N LYS D 185 -54.32 -11.86 -22.11
CA LYS D 185 -53.61 -10.66 -22.52
C LYS D 185 -53.64 -10.56 -24.03
N PRO D 186 -54.22 -9.47 -24.58
CA PRO D 186 -54.35 -9.37 -26.03
C PRO D 186 -53.02 -8.98 -26.65
N PHE D 187 -52.75 -9.52 -27.84
CA PHE D 187 -51.50 -9.24 -28.52
C PHE D 187 -51.79 -8.67 -29.90
N PHE D 188 -50.87 -7.88 -30.40
CA PHE D 188 -51.01 -7.29 -31.72
C PHE D 188 -49.70 -7.48 -32.44
N ASP D 189 -49.73 -7.48 -33.77
CA ASP D 189 -48.48 -7.59 -34.49
C ASP D 189 -47.78 -6.24 -34.37
N ILE D 190 -46.56 -6.18 -34.85
CA ILE D 190 -45.58 -5.23 -34.36
C ILE D 190 -45.93 -3.76 -34.62
N CYS D 191 -46.84 -3.53 -35.56
CA CYS D 191 -47.13 -2.22 -36.11
C CYS D 191 -48.17 -1.42 -35.34
N THR D 192 -48.70 -2.01 -34.27
CA THR D 192 -49.65 -1.29 -33.42
C THR D 192 -48.96 -0.64 -32.20
N SER D 193 -47.68 -0.95 -32.02
CA SER D 193 -46.91 -0.39 -30.91
C SER D 193 -46.79 1.12 -31.06
N ARG D 194 -47.07 1.59 -32.28
CA ARG D 194 -47.06 3.02 -32.59
C ARG D 194 -48.28 3.69 -31.94
N LYS D 195 -49.47 3.14 -32.20
CA LYS D 195 -50.74 3.66 -31.68
C LYS D 195 -51.03 3.22 -30.24
N LEU D 196 -50.27 2.22 -29.78
CA LEU D 196 -50.25 1.77 -28.39
C LEU D 196 -49.36 2.69 -27.53
N LEU D 197 -48.29 3.22 -28.15
CA LEU D 197 -47.48 4.29 -27.57
C LEU D 197 -48.20 5.64 -27.69
N GLU D 198 -48.97 5.78 -28.79
CA GLU D 198 -49.80 6.97 -29.05
C GLU D 198 -49.09 8.29 -28.75
N HIS D 207 -50.57 6.25 -17.23
CA HIS D 207 -51.26 4.96 -17.35
C HIS D 207 -50.65 3.89 -16.44
N GLU D 208 -51.28 2.72 -16.41
CA GLU D 208 -50.86 1.59 -15.58
C GLU D 208 -49.97 0.57 -16.29
N MET D 209 -49.56 0.89 -17.50
CA MET D 209 -48.66 0.04 -18.29
C MET D 209 -47.23 0.57 -18.22
N ASP D 210 -46.35 -0.19 -17.57
CA ASP D 210 -44.98 0.28 -17.37
C ASP D 210 -44.01 0.06 -18.56
N GLY D 211 -44.51 -0.48 -19.67
CA GLY D 211 -43.67 -0.76 -20.83
C GLY D 211 -44.28 -1.60 -21.96
N LEU D 212 -43.41 -2.24 -22.73
CA LEU D 212 -43.86 -3.13 -23.81
C LEU D 212 -43.17 -4.49 -23.79
N ILE D 213 -43.88 -5.52 -24.20
CA ILE D 213 -43.28 -6.83 -24.34
C ILE D 213 -43.39 -7.31 -25.80
N PHE D 214 -42.29 -7.81 -26.33
CA PHE D 214 -42.28 -8.32 -27.69
C PHE D 214 -42.11 -9.84 -27.71
N GLN D 215 -43.12 -10.50 -28.25
CA GLN D 215 -43.23 -11.94 -28.18
C GLN D 215 -43.04 -12.52 -29.58
N PRO D 216 -42.02 -13.39 -29.74
CA PRO D 216 -41.78 -14.12 -30.99
C PRO D 216 -42.93 -15.11 -31.31
N THR D 217 -43.03 -15.59 -32.55
CA THR D 217 -44.10 -16.49 -32.93
C THR D 217 -43.67 -17.95 -32.78
N GLY D 218 -42.43 -18.14 -32.31
CA GLY D 218 -41.86 -19.47 -32.16
C GLY D 218 -42.49 -20.31 -31.06
N LYS D 219 -42.11 -21.57 -30.97
CA LYS D 219 -42.65 -22.42 -29.94
C LYS D 219 -42.15 -21.89 -28.60
N TYR D 220 -42.83 -22.31 -27.53
CA TYR D 220 -42.54 -21.87 -26.18
C TYR D 220 -41.18 -22.36 -25.72
N LYS D 221 -40.48 -21.53 -24.97
CA LYS D 221 -39.27 -22.00 -24.36
C LYS D 221 -39.24 -21.47 -22.94
N PRO D 222 -38.82 -22.32 -22.00
CA PRO D 222 -38.47 -22.02 -20.60
C PRO D 222 -37.08 -21.40 -20.44
N GLY D 223 -36.85 -20.76 -19.31
CA GLY D 223 -35.54 -20.23 -18.98
C GLY D 223 -35.22 -18.90 -19.65
N ARG D 224 -33.94 -18.58 -19.77
CA ARG D 224 -33.52 -17.32 -20.35
C ARG D 224 -33.90 -17.35 -21.82
N CYS D 225 -34.74 -16.39 -22.20
CA CYS D 225 -35.27 -16.30 -23.57
C CYS D 225 -34.77 -15.04 -24.24
N ASP D 226 -33.85 -15.22 -25.17
CA ASP D 226 -33.13 -14.11 -25.73
C ASP D 226 -33.99 -13.34 -26.71
N ASP D 227 -34.94 -14.06 -27.32
CA ASP D 227 -35.87 -13.48 -28.29
C ASP D 227 -37.15 -12.84 -27.71
N ILE D 228 -37.47 -13.04 -26.43
CA ILE D 228 -38.59 -12.32 -25.81
C ILE D 228 -38.09 -11.04 -25.19
N LEU D 229 -38.57 -9.92 -25.72
CA LEU D 229 -38.01 -8.60 -25.37
C LEU D 229 -38.98 -7.73 -24.61
N LYS D 230 -38.52 -7.27 -23.45
CA LYS D 230 -39.28 -6.30 -22.67
C LYS D 230 -38.66 -4.91 -22.74
N TRP D 231 -39.49 -3.92 -23.05
CA TRP D 231 -39.04 -2.53 -23.14
C TRP D 231 -39.73 -1.61 -22.14
N LYS D 232 -38.92 -0.98 -21.29
CA LYS D 232 -39.38 0.04 -20.35
C LYS D 232 -38.72 1.35 -20.77
N PRO D 233 -39.42 2.49 -20.60
CA PRO D 233 -38.77 3.78 -20.87
C PRO D 233 -37.62 3.95 -19.88
N PRO D 234 -36.44 4.39 -20.39
CA PRO D 234 -35.13 4.04 -19.80
C PRO D 234 -34.85 4.58 -18.39
N SER D 235 -35.62 5.56 -17.93
CA SER D 235 -35.56 6.00 -16.54
C SER D 235 -36.25 5.02 -15.61
N LEU D 236 -37.38 4.48 -16.08
CA LEU D 236 -38.17 3.50 -15.34
C LEU D 236 -37.45 2.15 -15.12
N ASN D 237 -36.23 2.03 -15.64
CA ASN D 237 -35.40 0.86 -15.37
C ASN D 237 -34.79 0.81 -13.99
N SER D 238 -35.10 -0.26 -13.26
CA SER D 238 -34.66 -0.43 -11.89
C SER D 238 -34.23 -1.87 -11.57
N VAL D 239 -33.52 -2.03 -10.46
CA VAL D 239 -32.98 -3.32 -10.05
C VAL D 239 -33.01 -3.48 -8.54
N ASP D 240 -33.45 -4.65 -8.06
CA ASP D 240 -33.64 -4.89 -6.62
C ASP D 240 -32.41 -5.55 -5.98
N PHE D 241 -31.69 -4.80 -5.15
CA PHE D 241 -30.49 -5.29 -4.45
C PHE D 241 -30.75 -5.41 -2.96
N ARG D 242 -30.25 -6.48 -2.34
CA ARG D 242 -30.16 -6.53 -0.89
C ARG D 242 -29.08 -5.56 -0.43
N LEU D 243 -29.39 -4.60 0.42
CA LEU D 243 -28.33 -3.71 0.91
C LEU D 243 -27.62 -4.27 2.13
N LYS D 244 -26.32 -4.08 2.23
CA LYS D 244 -25.62 -4.37 3.46
C LYS D 244 -24.70 -3.19 3.71
N ILE D 245 -24.92 -2.45 4.79
CA ILE D 245 -24.05 -1.33 5.09
C ILE D 245 -22.87 -1.85 5.90
N THR D 246 -21.69 -1.27 5.65
CA THR D 246 -20.44 -1.72 6.28
C THR D 246 -19.53 -0.52 6.51
N ARG D 247 -18.80 -0.51 7.64
CA ARG D 247 -17.88 0.60 7.93
C ARG D 247 -16.41 0.27 7.65
N MET D 248 -15.75 1.20 6.95
CA MET D 248 -14.30 1.17 6.73
C MET D 248 -13.69 2.54 7.02
N GLY D 249 -12.68 2.56 7.90
CA GLY D 249 -11.96 3.79 8.21
C GLY D 249 -11.01 4.26 7.11
N GLY D 250 -11.05 5.54 6.80
CA GLY D 250 -10.15 6.11 5.81
C GLY D 250 -8.91 6.75 6.38
N GLU D 251 -7.84 6.77 5.58
CA GLU D 251 -6.64 7.55 5.87
C GLU D 251 -6.70 9.03 5.42
N GLY D 252 -7.41 9.29 4.34
CA GLY D 252 -7.55 10.64 3.82
C GLY D 252 -8.62 11.44 4.54
N LEU D 253 -9.64 10.73 5.03
CA LEU D 253 -10.75 11.32 5.80
C LEU D 253 -11.22 10.42 6.97
N LEU D 254 -12.08 10.98 7.84
CA LEU D 254 -12.74 10.24 8.94
C LEU D 254 -13.62 9.08 8.39
N PRO D 255 -13.59 7.91 9.08
CA PRO D 255 -14.25 6.68 8.59
C PRO D 255 -15.73 6.83 8.20
N GLN D 256 -16.07 6.33 7.02
CA GLN D 256 -17.45 6.36 6.52
C GLN D 256 -17.97 4.93 6.33
N ASN D 257 -19.29 4.78 6.37
CA ASN D 257 -19.96 3.52 6.01
C ASN D 257 -20.30 3.46 4.51
N VAL D 258 -20.02 2.33 3.87
CA VAL D 258 -20.36 2.20 2.47
C VAL D 258 -21.38 1.11 2.24
N GLY D 259 -22.45 1.47 1.53
CA GLY D 259 -23.51 0.52 1.25
C GLY D 259 -23.17 -0.31 0.04
N LEU D 260 -23.53 -1.58 0.10
CA LEU D 260 -23.15 -2.50 -0.95
C LEU D 260 -24.39 -3.21 -1.42
N LEU D 261 -24.78 -2.99 -2.66
CA LEU D 261 -25.91 -3.74 -3.20
C LEU D 261 -25.42 -5.16 -3.52
N TYR D 262 -26.26 -6.18 -3.29
CA TYR D 262 -25.93 -7.55 -3.71
C TYR D 262 -27.04 -8.10 -4.56
N VAL D 263 -26.72 -9.03 -5.45
CA VAL D 263 -27.71 -9.63 -6.33
C VAL D 263 -27.69 -11.15 -6.20
N GLY D 264 -28.76 -11.77 -6.66
CA GLY D 264 -28.89 -13.21 -6.52
C GLY D 264 -27.95 -14.09 -7.33
N GLY D 265 -27.19 -14.93 -6.63
CA GLY D 265 -26.27 -15.86 -7.26
C GLY D 265 -24.90 -15.25 -7.50
N TYR D 266 -24.56 -14.26 -6.69
CA TYR D 266 -23.27 -13.62 -6.86
C TYR D 266 -22.68 -13.17 -5.51
N GLU D 267 -21.42 -13.50 -5.24
CA GLU D 267 -20.84 -13.42 -3.89
C GLU D 267 -20.19 -12.08 -3.49
N ARG D 268 -20.05 -11.18 -4.44
CA ARG D 268 -19.38 -9.89 -4.22
C ARG D 268 -20.40 -8.77 -4.40
N PRO D 269 -20.13 -7.59 -3.80
CA PRO D 269 -21.02 -6.46 -4.09
C PRO D 269 -21.13 -6.20 -5.59
N PHE D 270 -22.35 -6.08 -6.11
CA PHE D 270 -22.60 -5.77 -7.51
C PHE D 270 -22.45 -4.26 -7.72
N ALA D 271 -22.59 -3.49 -6.66
CA ALA D 271 -22.39 -2.04 -6.76
C ALA D 271 -22.20 -1.40 -5.38
N GLN D 272 -22.16 -0.08 -5.34
CA GLN D 272 -22.19 0.64 -4.08
C GLN D 272 -23.29 1.68 -4.15
N ILE D 273 -23.89 2.00 -3.00
CA ILE D 273 -24.75 3.18 -2.87
C ILE D 273 -24.23 3.97 -1.68
N LYS D 274 -24.08 5.28 -1.81
CA LYS D 274 -23.62 6.06 -0.67
C LYS D 274 -24.74 6.06 0.34
N VAL D 275 -24.37 6.00 1.63
CA VAL D 275 -25.35 5.84 2.69
C VAL D 275 -26.00 7.17 3.07
N THR D 276 -27.31 7.25 2.86
CA THR D 276 -28.10 8.40 3.23
C THR D 276 -28.79 8.04 4.56
N LYS D 277 -28.94 9.03 5.44
CA LYS D 277 -29.39 8.77 6.82
C LYS D 277 -30.57 7.82 6.85
N GLU D 278 -31.56 8.10 6.01
CA GLU D 278 -32.80 7.33 6.02
C GLU D 278 -32.56 5.93 5.52
N LEU D 279 -31.50 5.75 4.73
CA LEU D 279 -31.19 4.43 4.16
C LEU D 279 -30.75 3.43 5.24
N LYS D 280 -29.98 3.92 6.21
CA LYS D 280 -29.41 3.08 7.26
C LYS D 280 -30.50 2.25 7.95
N GLN D 281 -31.74 2.71 7.85
CA GLN D 281 -32.87 1.95 8.36
C GLN D 281 -33.19 0.75 7.47
N TYR D 282 -33.24 0.96 6.16
CA TYR D 282 -33.48 -0.12 5.20
C TYR D 282 -32.37 -1.18 5.20
N ASP D 283 -31.34 -0.94 6.01
CA ASP D 283 -30.16 -1.79 6.07
C ASP D 283 -30.57 -3.24 6.16
N ASN D 284 -29.88 -4.08 5.41
CA ASN D 284 -30.09 -5.53 5.41
C ASN D 284 -31.37 -5.97 4.74
N LYS D 285 -32.20 -5.02 4.35
CA LYS D 285 -33.47 -5.35 3.70
C LYS D 285 -33.28 -5.28 2.20
N ILE D 286 -34.35 -5.56 1.45
CA ILE D 286 -34.32 -5.54 0.00
C ILE D 286 -34.81 -4.18 -0.52
N ILE D 287 -33.91 -3.41 -1.14
CA ILE D 287 -34.25 -2.08 -1.66
C ILE D 287 -34.30 -2.05 -3.18
N GLU D 288 -35.23 -1.31 -3.76
CA GLU D 288 -35.28 -1.10 -5.21
C GLU D 288 -34.56 0.17 -5.58
N CYS D 289 -33.66 0.08 -6.55
CA CYS D 289 -32.85 1.20 -6.90
C CYS D 289 -32.98 1.52 -8.37
N LYS D 290 -32.61 2.76 -8.69
CA LYS D 290 -32.71 3.27 -10.03
C LYS D 290 -31.38 3.92 -10.35
N PHE D 291 -31.05 3.97 -11.65
CA PHE D 291 -29.78 4.57 -12.09
C PHE D 291 -29.97 5.99 -12.63
N GLU D 292 -29.46 6.98 -11.90
CA GLU D 292 -29.69 8.38 -12.26
C GLU D 292 -28.37 9.13 -12.29
N ASN D 293 -27.99 9.60 -13.47
CA ASN D 293 -26.66 10.22 -13.63
C ASN D 293 -25.55 9.55 -12.81
N ASN D 294 -25.18 8.34 -13.22
CA ASN D 294 -23.98 7.68 -12.72
C ASN D 294 -23.91 7.50 -11.19
N SER D 295 -25.02 7.02 -10.64
CA SER D 295 -25.07 6.51 -9.28
C SER D 295 -26.32 5.66 -9.16
N TRP D 296 -26.38 4.82 -8.14
CA TRP D 296 -27.64 4.17 -7.81
C TRP D 296 -28.40 5.04 -6.81
N VAL D 297 -29.70 5.22 -7.08
CA VAL D 297 -30.55 5.99 -6.19
C VAL D 297 -31.63 5.08 -5.63
N PHE D 298 -32.02 5.32 -4.38
CA PHE D 298 -32.96 4.45 -3.68
C PHE D 298 -34.41 4.92 -3.83
N MET D 299 -35.20 4.21 -4.64
CA MET D 299 -36.61 4.59 -4.88
C MET D 299 -37.71 4.11 -3.90
N ARG D 300 -37.61 2.86 -3.45
CA ARG D 300 -38.60 2.31 -2.53
C ARG D 300 -38.05 1.07 -1.83
N GLN D 301 -38.63 0.67 -0.70
CA GLN D 301 -38.27 -0.63 -0.14
C GLN D 301 -39.22 -1.74 -0.58
N ARG D 302 -38.68 -2.95 -0.74
CA ARG D 302 -39.53 -4.13 -0.90
C ARG D 302 -39.58 -4.89 0.41
N THR D 303 -40.71 -4.81 1.12
CA THR D 303 -40.97 -5.70 2.25
C THR D 303 -41.86 -6.86 1.76
N ASP D 304 -42.24 -6.75 0.48
CA ASP D 304 -42.90 -7.81 -0.26
C ASP D 304 -41.91 -8.86 -0.77
N LYS D 305 -40.74 -8.39 -1.22
CA LYS D 305 -39.71 -9.25 -1.84
C LYS D 305 -38.68 -9.82 -0.85
N SER D 306 -38.52 -11.15 -0.90
CA SER D 306 -37.56 -11.88 -0.06
C SER D 306 -36.10 -11.85 -0.56
N PHE D 307 -35.90 -12.13 -1.85
CA PHE D 307 -34.56 -12.24 -2.45
C PHE D 307 -34.32 -11.19 -3.55
N PRO D 308 -33.08 -10.66 -3.62
CA PRO D 308 -32.71 -9.64 -4.61
C PRO D 308 -32.81 -10.17 -6.02
N ASN D 309 -32.83 -9.31 -7.04
CA ASN D 309 -32.88 -9.78 -8.42
C ASN D 309 -31.72 -10.71 -8.69
N ALA D 310 -31.95 -11.68 -9.58
CA ALA D 310 -30.90 -12.57 -10.04
C ALA D 310 -29.79 -11.75 -10.68
N TYR D 311 -28.54 -12.08 -10.37
CA TYR D 311 -27.40 -11.40 -10.99
C TYR D 311 -27.63 -11.25 -12.50
N ASN D 312 -28.21 -12.27 -13.11
CA ASN D 312 -28.52 -12.27 -14.54
C ASN D 312 -29.53 -11.22 -15.01
N THR D 313 -30.46 -10.80 -14.15
CA THR D 313 -31.33 -9.67 -14.51
C THR D 313 -30.58 -8.36 -14.26
N ALA D 314 -29.82 -8.32 -13.17
CA ALA D 314 -29.01 -7.17 -12.87
C ALA D 314 -28.19 -6.81 -14.11
N MET D 315 -27.53 -7.81 -14.68
CA MET D 315 -26.75 -7.59 -15.90
C MET D 315 -27.63 -7.21 -17.09
N ALA D 316 -28.76 -7.90 -17.23
CA ALA D 316 -29.71 -7.59 -18.30
C ALA D 316 -30.08 -6.14 -18.25
N VAL D 317 -30.10 -5.62 -17.03
CA VAL D 317 -30.58 -4.26 -16.82
C VAL D 317 -29.48 -3.25 -17.12
N CYS D 318 -28.25 -3.53 -16.68
CA CYS D 318 -27.12 -2.65 -17.03
C CYS D 318 -26.88 -2.61 -18.54
N ASN D 319 -26.81 -3.80 -19.17
CA ASN D 319 -26.72 -3.91 -20.63
C ASN D 319 -27.82 -3.07 -21.29
N SER D 320 -28.89 -2.84 -20.53
CA SER D 320 -30.01 -2.04 -21.00
C SER D 320 -29.79 -0.53 -20.83
N ILE D 321 -29.26 -0.11 -19.69
CA ILE D 321 -29.09 1.32 -19.40
C ILE D 321 -27.85 1.89 -20.07
N SER D 322 -26.76 1.12 -20.03
CA SER D 322 -25.49 1.53 -20.66
C SER D 322 -25.55 1.55 -22.18
N ASN D 323 -26.55 0.88 -22.75
CA ASN D 323 -26.74 0.89 -24.19
C ASN D 323 -28.22 0.95 -24.55
N PRO D 324 -28.90 2.02 -24.12
CA PRO D 324 -30.38 2.07 -24.08
C PRO D 324 -31.07 2.24 -25.41
N VAL D 325 -32.37 1.94 -25.44
CA VAL D 325 -33.24 2.19 -26.59
C VAL D 325 -34.28 3.26 -26.25
N THR D 326 -34.26 4.36 -26.98
CA THR D 326 -35.12 5.49 -26.67
C THR D 326 -36.56 5.23 -27.05
N LYS D 327 -37.47 5.92 -26.39
CA LYS D 327 -38.85 5.93 -26.83
C LYS D 327 -38.88 6.25 -28.32
N GLU D 328 -38.16 7.28 -28.74
CA GLU D 328 -38.17 7.63 -30.16
C GLU D 328 -37.26 6.70 -30.94
N MET D 329 -36.17 6.25 -30.33
CA MET D 329 -35.26 5.36 -31.03
C MET D 329 -35.94 4.07 -31.48
N LEU D 330 -36.76 3.50 -30.60
CA LEU D 330 -37.55 2.31 -30.92
C LEU D 330 -38.72 2.68 -31.82
N PHE D 331 -39.38 3.78 -31.48
CA PHE D 331 -40.48 4.31 -32.26
C PHE D 331 -40.11 4.33 -33.73
N GLU D 332 -38.87 4.71 -34.02
CA GLU D 332 -38.37 4.78 -35.39
C GLU D 332 -38.16 3.40 -36.01
N PHE D 333 -37.65 2.46 -35.21
CA PHE D 333 -37.32 1.14 -35.71
C PHE D 333 -38.53 0.33 -36.18
N ILE D 334 -39.64 0.46 -35.46
CA ILE D 334 -40.88 -0.19 -35.81
C ILE D 334 -41.52 0.50 -37.02
N ASP D 335 -41.10 1.75 -37.25
CA ASP D 335 -41.72 2.58 -38.27
C ASP D 335 -41.10 2.47 -39.67
N ARG D 336 -40.15 1.54 -39.84
CA ARG D 336 -39.54 1.31 -41.15
C ARG D 336 -40.25 0.24 -42.00
N GLY E 1 -24.38 37.56 -0.57
CA GLY E 1 -23.94 38.76 -1.29
C GLY E 1 -25.05 39.31 -2.18
N ALA E 2 -26.14 39.72 -1.53
CA ALA E 2 -27.45 39.85 -2.19
C ALA E 2 -27.55 40.73 -3.43
N ILE E 3 -26.51 41.48 -3.77
CA ILE E 3 -26.54 42.12 -5.07
C ILE E 3 -26.59 40.98 -6.08
N PHE E 4 -27.63 40.94 -6.93
CA PHE E 4 -27.72 39.87 -7.92
C PHE E 4 -26.85 40.32 -9.05
N LEU E 5 -27.34 41.26 -9.84
CA LEU E 5 -26.52 41.82 -10.89
C LEU E 5 -26.35 43.28 -10.56
N GLU E 6 -25.10 43.75 -10.57
CA GLU E 6 -24.82 45.17 -10.29
C GLU E 6 -24.99 46.07 -11.53
N GLY E 7 -25.67 47.20 -11.34
CA GLY E 7 -26.01 48.10 -12.43
C GLY E 7 -27.50 48.11 -12.78
N VAL E 8 -28.24 47.14 -12.25
CA VAL E 8 -29.70 47.11 -12.36
C VAL E 8 -30.29 46.24 -11.26
N THR E 9 -31.56 46.45 -10.94
CA THR E 9 -32.33 45.47 -10.17
C THR E 9 -33.28 44.78 -11.15
N VAL E 10 -33.57 43.53 -10.88
CA VAL E 10 -34.32 42.74 -11.84
C VAL E 10 -35.50 42.08 -11.17
N LYS E 11 -36.62 42.09 -11.87
CA LYS E 11 -37.88 41.61 -11.32
C LYS E 11 -37.84 40.11 -11.02
N GLY E 12 -38.18 39.75 -9.78
CA GLY E 12 -38.41 38.37 -9.43
C GLY E 12 -37.20 37.62 -8.93
N VAL E 13 -36.02 38.13 -9.30
CA VAL E 13 -34.79 37.50 -8.85
C VAL E 13 -34.64 37.80 -7.38
N THR E 14 -34.38 36.78 -6.58
CA THR E 14 -34.29 37.02 -5.14
C THR E 14 -33.30 36.08 -4.45
N GLN E 15 -32.43 36.62 -3.60
CA GLN E 15 -31.49 35.74 -2.90
C GLN E 15 -32.30 34.69 -2.15
N VAL E 16 -31.72 33.51 -1.96
CA VAL E 16 -32.40 32.45 -1.24
C VAL E 16 -31.62 32.15 0.01
N THR E 17 -32.16 32.61 1.14
CA THR E 17 -31.65 32.23 2.44
C THR E 17 -32.45 31.15 3.21
N THR E 18 -33.57 30.70 2.66
CA THR E 18 -34.35 29.61 3.28
C THR E 18 -33.46 28.39 3.47
N GLN E 19 -33.35 27.90 4.68
CA GLN E 19 -32.35 26.86 4.94
C GLN E 19 -32.54 25.53 4.20
N PRO E 20 -33.80 25.04 4.10
CA PRO E 20 -34.06 23.78 3.38
C PRO E 20 -33.88 23.88 1.85
N LYS E 21 -34.24 25.02 1.28
CA LYS E 21 -34.22 25.20 -0.17
C LYS E 21 -32.82 25.41 -0.70
N LEU E 22 -32.07 26.28 -0.02
CA LEU E 22 -30.67 26.56 -0.39
C LEU E 22 -29.77 25.30 -0.31
N GLY E 23 -29.68 24.67 0.85
CA GLY E 23 -28.93 23.44 0.91
C GLY E 23 -29.25 22.49 -0.25
N GLU E 24 -30.52 22.46 -0.69
CA GLU E 24 -30.90 21.62 -1.84
C GLU E 24 -30.26 22.13 -3.11
N VAL E 25 -30.48 23.41 -3.43
CA VAL E 25 -30.04 23.94 -4.71
C VAL E 25 -28.53 23.72 -4.90
N GLN E 26 -27.77 24.01 -3.86
CA GLN E 26 -26.33 23.83 -3.92
C GLN E 26 -25.93 22.38 -4.05
N GLN E 27 -26.47 21.57 -3.15
CA GLN E 27 -26.22 20.15 -3.19
C GLN E 27 -26.38 19.61 -4.62
N LYS E 28 -27.44 20.02 -5.31
CA LYS E 28 -27.77 19.42 -6.60
C LYS E 28 -26.81 19.83 -7.71
N CYS E 29 -26.15 20.96 -7.52
CA CYS E 29 -25.13 21.41 -8.47
C CYS E 29 -23.85 20.60 -8.33
N HIS E 30 -23.33 20.50 -7.11
CA HIS E 30 -22.20 19.62 -6.84
C HIS E 30 -22.49 18.29 -7.50
N GLN E 31 -23.68 17.76 -7.22
CA GLN E 31 -24.10 16.51 -7.78
C GLN E 31 -23.92 16.51 -9.29
N PHE E 32 -24.54 17.48 -9.95
CA PHE E 32 -24.60 17.44 -11.40
C PHE E 32 -23.23 17.60 -12.08
N CYS E 33 -22.29 18.27 -11.41
CA CYS E 33 -20.93 18.44 -11.94
C CYS E 33 -19.98 17.31 -11.60
N GLY E 34 -20.37 16.49 -10.64
CA GLY E 34 -19.46 15.51 -10.07
C GLY E 34 -18.32 16.28 -9.43
N TRP E 35 -18.68 17.18 -8.52
CA TRP E 35 -17.71 18.10 -7.95
C TRP E 35 -17.25 17.69 -6.54
N GLU E 36 -15.97 17.93 -6.29
CA GLU E 36 -15.27 17.48 -5.10
C GLU E 36 -15.46 18.35 -3.88
N GLY E 37 -14.80 19.52 -3.89
CA GLY E 37 -14.67 20.35 -2.72
C GLY E 37 -15.88 21.17 -2.33
N SER E 38 -15.65 22.15 -1.46
CA SER E 38 -16.67 23.12 -1.07
C SER E 38 -16.79 24.26 -2.09
N GLY E 39 -17.95 24.89 -2.12
CA GLY E 39 -18.14 26.08 -2.92
C GLY E 39 -18.64 25.83 -4.33
N PHE E 40 -18.29 26.76 -5.22
CA PHE E 40 -18.72 26.76 -6.62
C PHE E 40 -18.10 25.62 -7.43
N PRO E 41 -18.95 24.78 -8.04
CA PRO E 41 -18.58 23.67 -8.93
C PRO E 41 -18.14 24.13 -10.31
N GLY E 42 -18.52 25.34 -10.71
CA GLY E 42 -18.37 25.78 -12.08
C GLY E 42 -16.94 25.71 -12.56
N ALA E 43 -16.77 25.31 -13.82
CA ALA E 43 -15.46 25.32 -14.45
C ALA E 43 -14.84 26.71 -14.32
N GLN E 44 -13.58 26.78 -13.92
CA GLN E 44 -12.87 28.05 -13.78
C GLN E 44 -11.74 28.21 -14.81
N PRO E 45 -11.83 29.21 -15.70
CA PRO E 45 -10.82 29.40 -16.74
C PRO E 45 -9.58 30.04 -16.15
N VAL E 46 -8.45 30.01 -16.87
CA VAL E 46 -7.22 30.65 -16.42
C VAL E 46 -6.64 31.65 -17.45
N SER E 47 -5.81 32.57 -16.99
CA SER E 47 -5.27 33.60 -17.87
C SER E 47 -4.14 33.10 -18.76
N MET E 48 -4.27 33.43 -20.04
CA MET E 48 -3.30 33.10 -21.06
C MET E 48 -1.96 33.77 -20.78
N ASP E 49 -0.92 32.97 -20.79
CA ASP E 49 0.45 33.49 -20.64
C ASP E 49 1.24 32.98 -21.85
N LYS E 50 2.53 33.28 -21.93
CA LYS E 50 3.32 32.78 -23.04
C LYS E 50 3.47 31.25 -23.05
N GLN E 51 3.23 30.59 -21.90
CA GLN E 51 3.22 29.11 -21.86
C GLN E 51 1.91 28.44 -22.31
N ASN E 52 0.77 29.00 -21.89
CA ASN E 52 -0.58 28.50 -22.23
C ASN E 52 -0.82 28.48 -23.69
N ILE E 53 -0.50 29.57 -24.34
CA ILE E 53 -0.92 29.80 -25.70
C ILE E 53 -0.44 28.69 -26.64
N LYS E 54 0.49 27.87 -26.15
CA LYS E 54 0.97 26.70 -26.90
C LYS E 54 -0.12 25.64 -27.06
N LEU E 55 -1.07 25.59 -26.12
CA LEU E 55 -2.18 24.66 -26.18
C LEU E 55 -3.14 24.93 -27.33
N LEU E 56 -3.22 26.15 -27.84
CA LEU E 56 -4.12 26.40 -28.95
C LEU E 56 -3.66 25.59 -30.14
N ASP E 57 -2.43 25.09 -30.10
CA ASP E 57 -1.94 24.24 -31.17
C ASP E 57 -1.97 22.73 -30.89
N LEU E 58 -2.30 22.33 -29.67
CA LEU E 58 -2.25 20.92 -29.30
C LEU E 58 -3.51 20.12 -29.56
N LYS E 59 -4.64 20.79 -29.54
CA LYS E 59 -5.92 20.17 -29.82
C LYS E 59 -6.81 21.25 -30.43
N PRO E 60 -8.06 20.88 -30.79
CA PRO E 60 -8.99 21.85 -31.38
C PRO E 60 -9.58 22.86 -30.38
N TYR E 61 -9.75 24.12 -30.81
CA TYR E 61 -10.27 25.14 -29.92
C TYR E 61 -11.37 25.94 -30.58
N LYS E 62 -12.26 26.46 -29.75
CA LYS E 62 -13.25 27.42 -30.18
C LYS E 62 -13.00 28.70 -29.40
N VAL E 63 -13.46 29.82 -29.93
CA VAL E 63 -13.21 31.08 -29.26
C VAL E 63 -14.46 31.95 -29.33
N SER E 64 -14.67 32.74 -28.27
CA SER E 64 -15.73 33.74 -28.22
C SER E 64 -15.21 34.97 -27.53
N TRP E 65 -15.99 36.05 -27.57
CA TRP E 65 -15.60 37.31 -26.94
C TRP E 65 -16.10 37.42 -25.50
N LYS E 66 -15.19 37.41 -24.52
CA LYS E 66 -15.60 37.67 -23.13
C LYS E 66 -16.27 39.04 -23.09
N ALA E 67 -17.32 39.20 -22.29
CA ALA E 67 -17.68 40.54 -21.85
C ALA E 67 -17.63 40.42 -20.35
N ASP E 68 -17.34 41.52 -19.67
CA ASP E 68 -17.40 41.46 -18.23
C ASP E 68 -18.88 41.27 -17.96
N GLY E 69 -19.15 40.38 -17.02
CA GLY E 69 -20.50 39.98 -16.72
C GLY E 69 -20.38 39.35 -15.36
N THR E 70 -21.45 38.73 -14.89
CA THR E 70 -21.31 38.00 -13.65
C THR E 70 -21.58 36.53 -13.89
N ARG E 71 -20.82 35.70 -13.21
CA ARG E 71 -20.86 34.29 -13.50
C ARG E 71 -22.00 33.68 -12.73
N TYR E 72 -22.91 33.07 -13.48
CA TYR E 72 -24.08 32.39 -12.92
C TYR E 72 -24.34 31.05 -13.61
N MET E 73 -24.33 29.99 -12.83
CA MET E 73 -24.89 28.71 -13.26
C MET E 73 -26.39 28.76 -13.05
N MET E 74 -27.17 28.46 -14.08
CA MET E 74 -28.63 28.45 -13.95
C MET E 74 -29.17 27.03 -13.86
N LEU E 75 -29.85 26.74 -12.75
CA LEU E 75 -30.39 25.42 -12.48
C LEU E 75 -31.88 25.39 -12.79
N ILE E 76 -32.27 24.69 -13.84
CA ILE E 76 -33.68 24.63 -14.22
C ILE E 76 -34.22 23.26 -13.73
N ASP E 77 -34.97 23.29 -12.64
CA ASP E 77 -35.46 22.06 -12.02
C ASP E 77 -36.94 21.69 -12.17
N GLY E 78 -37.73 22.48 -12.87
CA GLY E 78 -39.17 22.40 -12.67
C GLY E 78 -39.91 23.62 -13.21
N THR E 79 -41.06 23.94 -12.62
CA THR E 79 -41.91 24.99 -13.19
C THR E 79 -41.59 26.44 -12.81
N ASN E 80 -41.72 26.80 -11.55
CA ASN E 80 -41.11 28.05 -11.10
C ASN E 80 -39.76 27.75 -10.51
N GLU E 81 -39.35 26.51 -10.76
CA GLU E 81 -38.13 25.92 -10.23
C GLU E 81 -36.76 26.51 -10.61
N VAL E 82 -36.68 27.52 -11.48
CA VAL E 82 -35.40 28.09 -11.91
C VAL E 82 -34.57 28.85 -10.86
N PHE E 83 -33.31 28.48 -10.67
CA PHE E 83 -32.38 29.16 -9.75
C PHE E 83 -31.05 29.60 -10.42
N MET E 84 -30.28 30.48 -9.76
CA MET E 84 -28.98 30.97 -10.27
C MET E 84 -27.88 30.91 -9.20
N ILE E 85 -26.68 30.47 -9.59
CA ILE E 85 -25.60 30.36 -8.62
C ILE E 85 -24.40 31.25 -8.96
N ASP E 86 -23.88 31.90 -7.92
CA ASP E 86 -22.76 32.83 -7.88
C ASP E 86 -21.38 32.17 -7.96
N ARG E 87 -20.36 32.95 -8.35
CA ARG E 87 -18.98 32.55 -8.08
C ARG E 87 -18.89 32.24 -6.58
N ASP E 88 -19.83 32.82 -5.82
CA ASP E 88 -19.83 32.75 -4.37
C ASP E 88 -20.59 31.57 -3.78
N ASN E 89 -21.41 30.92 -4.59
CA ASN E 89 -22.35 29.90 -4.09
C ASN E 89 -23.66 30.54 -3.61
N SER E 90 -23.74 31.86 -3.72
CA SER E 90 -24.99 32.58 -3.53
C SER E 90 -26.06 32.01 -4.48
N VAL E 91 -27.26 31.80 -3.97
CA VAL E 91 -28.34 31.22 -4.76
C VAL E 91 -29.48 32.22 -4.89
N PHE E 92 -30.03 32.35 -6.08
CA PHE E 92 -31.10 33.32 -6.37
C PHE E 92 -32.29 32.63 -7.07
N HIS E 93 -33.52 32.78 -6.58
CA HIS E 93 -34.64 32.28 -7.36
C HIS E 93 -35.09 33.23 -8.49
N VAL E 94 -35.18 32.72 -9.71
CA VAL E 94 -35.78 33.48 -10.82
C VAL E 94 -37.24 33.09 -11.07
N SER E 95 -38.09 34.09 -11.28
CA SER E 95 -39.53 33.83 -11.28
C SER E 95 -40.17 33.51 -12.63
N ASN E 96 -40.36 34.50 -13.49
CA ASN E 96 -41.23 34.25 -14.65
C ASN E 96 -40.57 33.74 -15.91
N LEU E 97 -39.30 33.40 -15.77
CA LEU E 97 -38.54 32.74 -16.81
C LEU E 97 -38.91 31.25 -16.91
N GLU E 98 -39.40 30.84 -18.08
CA GLU E 98 -39.94 29.50 -18.27
C GLU E 98 -39.24 28.74 -19.40
N PHE E 99 -38.82 27.50 -19.15
CA PHE E 99 -38.20 26.70 -20.20
C PHE E 99 -39.00 25.46 -20.61
N PRO E 100 -39.65 25.56 -21.77
CA PRO E 100 -40.41 24.49 -22.40
C PRO E 100 -39.53 23.32 -22.79
N PHE E 101 -40.06 22.10 -22.67
CA PHE E 101 -39.41 20.89 -23.17
C PHE E 101 -39.61 20.79 -24.67
N ARG E 102 -38.56 20.48 -25.41
CA ARG E 102 -38.63 20.55 -26.88
C ARG E 102 -39.64 19.60 -27.48
N LYS E 103 -39.76 18.40 -26.94
CA LYS E 103 -40.79 17.49 -27.42
C LYS E 103 -42.19 18.02 -27.07
N ASP E 104 -42.47 18.19 -25.78
CA ASP E 104 -43.81 18.57 -25.37
C ASP E 104 -43.88 19.96 -24.74
N LEU E 105 -44.41 20.92 -25.49
CA LEU E 105 -44.38 22.32 -25.08
C LEU E 105 -45.12 22.61 -23.78
N ARG E 106 -46.04 21.72 -23.43
CA ARG E 106 -46.82 21.87 -22.20
C ARG E 106 -45.97 21.52 -20.99
N MET E 107 -45.03 20.60 -21.20
CA MET E 107 -44.09 20.24 -20.14
C MET E 107 -42.97 21.27 -19.92
N HIS E 108 -42.34 21.20 -18.77
CA HIS E 108 -41.19 22.07 -18.47
C HIS E 108 -39.93 21.25 -18.19
N LEU E 109 -38.78 21.91 -18.29
CA LEU E 109 -37.52 21.22 -18.10
C LEU E 109 -37.27 20.99 -16.62
N SER E 110 -36.60 19.87 -16.33
CA SER E 110 -36.21 19.52 -14.97
C SER E 110 -34.81 18.93 -15.05
N ASN E 111 -34.10 18.92 -13.93
CA ASN E 111 -32.76 18.32 -13.90
C ASN E 111 -31.89 18.76 -15.07
N THR E 112 -31.80 20.07 -15.24
CA THR E 112 -30.98 20.73 -16.24
C THR E 112 -30.09 21.75 -15.52
N LEU E 113 -28.82 21.81 -15.92
CA LEU E 113 -27.87 22.76 -15.35
C LEU E 113 -27.13 23.49 -16.48
N LEU E 114 -27.19 24.82 -16.45
CA LEU E 114 -26.59 25.68 -17.45
C LEU E 114 -25.42 26.49 -16.88
N ASP E 115 -24.44 26.84 -17.73
CA ASP E 115 -23.37 27.78 -17.36
C ASP E 115 -23.38 29.04 -18.23
N GLY E 116 -23.17 30.18 -17.61
CA GLY E 116 -23.21 31.40 -18.37
C GLY E 116 -22.96 32.65 -17.54
N GLU E 117 -23.21 33.79 -18.16
CA GLU E 117 -22.98 35.08 -17.51
C GLU E 117 -24.20 35.97 -17.57
N MET E 118 -24.36 36.79 -16.54
CA MET E 118 -25.32 37.88 -16.58
C MET E 118 -24.64 39.18 -17.07
N ILE E 119 -25.12 39.71 -18.18
CA ILE E 119 -24.57 40.95 -18.71
C ILE E 119 -25.64 42.02 -18.94
N ILE E 120 -25.33 43.27 -18.57
CA ILE E 120 -26.17 44.41 -18.93
C ILE E 120 -25.86 44.92 -20.35
N ASP E 121 -26.90 45.31 -21.08
CA ASP E 121 -26.76 45.69 -22.48
C ASP E 121 -27.36 47.08 -22.79
N ARG E 122 -27.04 47.61 -23.98
CA ARG E 122 -27.49 48.96 -24.36
C ARG E 122 -28.12 49.05 -25.76
N VAL E 123 -29.34 49.60 -25.83
CA VAL E 123 -29.99 50.01 -27.09
C VAL E 123 -30.55 51.43 -26.96
N ASN E 124 -31.53 51.56 -26.07
CA ASN E 124 -32.31 52.77 -25.83
C ASN E 124 -31.67 53.78 -24.87
N GLY E 125 -30.45 53.50 -24.41
CA GLY E 125 -29.79 54.33 -23.41
C GLY E 125 -30.09 53.84 -22.01
N GLN E 126 -30.93 52.80 -21.94
CA GLN E 126 -31.32 52.15 -20.69
C GLN E 126 -30.89 50.67 -20.64
N ALA E 127 -30.73 50.15 -19.43
CA ALA E 127 -30.17 48.82 -19.19
C ALA E 127 -31.15 47.66 -19.47
N VAL E 128 -30.75 46.76 -20.36
CA VAL E 128 -31.49 45.52 -20.62
C VAL E 128 -30.67 44.30 -20.18
N PRO E 129 -31.03 43.65 -19.06
CA PRO E 129 -30.28 42.48 -18.61
C PRO E 129 -30.41 41.26 -19.54
N ARG E 130 -29.31 40.52 -19.64
CA ARG E 130 -29.27 39.34 -20.50
C ARG E 130 -28.51 38.21 -19.78
N TYR E 131 -29.02 36.99 -19.95
CA TYR E 131 -28.29 35.82 -19.53
C TYR E 131 -27.75 35.13 -20.77
N LEU E 132 -26.43 35.01 -20.81
CA LEU E 132 -25.83 34.33 -21.93
C LEU E 132 -25.40 32.91 -21.53
N ILE E 133 -25.92 31.92 -22.27
CA ILE E 133 -25.67 30.51 -21.96
C ILE E 133 -24.46 30.09 -22.74
N TYR E 134 -23.35 29.91 -22.04
CA TYR E 134 -22.16 29.48 -22.73
C TYR E 134 -21.77 28.00 -22.62
N ASP E 135 -22.45 27.25 -21.77
CA ASP E 135 -22.26 25.81 -21.68
C ASP E 135 -23.45 25.14 -20.98
N ILE E 136 -23.59 23.83 -21.13
CA ILE E 136 -24.66 23.11 -20.48
C ILE E 136 -24.09 21.88 -19.82
N ILE E 137 -24.31 21.69 -18.53
CA ILE E 137 -23.85 20.49 -17.81
C ILE E 137 -24.75 19.23 -17.85
N LYS E 138 -26.06 19.41 -17.64
CA LYS E 138 -27.02 18.30 -17.54
C LYS E 138 -28.34 18.61 -18.25
N PHE E 139 -28.97 17.61 -18.82
CA PHE E 139 -30.27 17.80 -19.41
C PHE E 139 -31.18 16.59 -19.14
N ASN E 140 -32.25 16.77 -18.38
CA ASN E 140 -33.06 15.61 -18.03
C ASN E 140 -32.28 14.52 -17.26
N SER E 141 -31.25 14.94 -16.52
CA SER E 141 -30.29 14.01 -15.89
C SER E 141 -29.30 13.40 -16.90
N GLN E 142 -29.63 13.50 -18.19
CA GLN E 142 -28.69 13.19 -19.27
C GLN E 142 -27.41 13.98 -19.02
N PRO E 143 -26.27 13.30 -19.08
CA PRO E 143 -25.00 13.92 -18.70
C PRO E 143 -24.30 14.58 -19.89
N VAL E 144 -24.94 15.60 -20.48
CA VAL E 144 -24.47 16.19 -21.73
C VAL E 144 -23.14 16.89 -21.55
N GLY E 145 -22.71 17.04 -20.31
CA GLY E 145 -21.42 17.63 -20.02
C GLY E 145 -20.27 16.72 -20.41
N ASP E 146 -20.55 15.44 -20.55
CA ASP E 146 -19.49 14.51 -20.87
C ASP E 146 -19.41 14.39 -22.36
N CYS E 147 -20.37 15.00 -23.05
CA CYS E 147 -20.32 15.05 -24.50
C CYS E 147 -19.36 16.11 -24.97
N ASP E 148 -19.35 16.34 -26.27
CA ASP E 148 -18.33 17.13 -26.92
C ASP E 148 -18.82 18.57 -27.00
N PHE E 149 -17.93 19.55 -26.89
CA PHE E 149 -18.37 20.96 -26.90
C PHE E 149 -19.26 21.40 -28.07
N ASN E 150 -19.17 20.77 -29.23
CA ASN E 150 -20.11 21.14 -30.30
C ASN E 150 -21.48 20.53 -30.05
N VAL E 151 -21.49 19.26 -29.61
CA VAL E 151 -22.68 18.55 -29.13
C VAL E 151 -23.44 19.37 -28.08
N ARG E 152 -22.72 19.80 -27.04
CA ARG E 152 -23.28 20.64 -25.98
C ARG E 152 -23.73 21.99 -26.49
N LEU E 153 -23.02 22.48 -27.49
CA LEU E 153 -23.33 23.78 -28.03
C LEU E 153 -24.63 23.67 -28.79
N GLN E 154 -24.77 22.59 -29.56
CA GLN E 154 -26.00 22.33 -30.31
C GLN E 154 -27.14 22.06 -29.35
N CYS E 155 -26.89 21.22 -28.36
CA CYS E 155 -27.92 20.88 -27.41
C CYS E 155 -28.58 22.16 -26.91
N ILE E 156 -27.79 23.08 -26.37
CA ILE E 156 -28.28 24.37 -25.88
C ILE E 156 -29.18 25.06 -26.89
N GLU E 157 -28.87 24.91 -28.16
CA GLU E 157 -29.67 25.53 -29.21
C GLU E 157 -31.08 24.93 -29.37
N ARG E 158 -31.16 23.63 -29.64
CA ARG E 158 -32.44 22.96 -29.82
C ARG E 158 -33.16 22.57 -28.52
N GLU E 159 -32.42 22.28 -27.46
CA GLU E 159 -33.09 21.96 -26.21
C GLU E 159 -33.52 23.16 -25.37
N ILE E 160 -32.67 24.18 -25.22
CA ILE E 160 -33.01 25.36 -24.40
C ILE E 160 -33.47 26.63 -25.13
N ILE E 161 -33.41 26.69 -26.45
CA ILE E 161 -33.72 27.97 -27.14
C ILE E 161 -34.90 27.84 -28.09
N SER E 162 -34.77 27.01 -29.12
CA SER E 162 -35.83 26.83 -30.12
C SER E 162 -37.22 26.73 -29.48
N PRO E 163 -37.34 25.94 -28.39
CA PRO E 163 -38.56 25.79 -27.58
C PRO E 163 -39.03 27.08 -26.95
N ARG E 164 -38.15 27.85 -26.34
CA ARG E 164 -38.53 29.13 -25.78
C ARG E 164 -38.91 30.10 -26.89
N HIS E 165 -38.39 29.88 -28.10
CA HIS E 165 -38.77 30.68 -29.25
C HIS E 165 -40.16 30.29 -29.77
N GLU E 166 -40.40 29.01 -29.99
CA GLU E 166 -41.71 28.55 -30.42
C GLU E 166 -42.83 29.07 -29.53
N LYS E 167 -42.72 28.83 -28.22
CA LYS E 167 -43.71 29.33 -27.27
C LYS E 167 -43.83 30.87 -27.23
N MET E 168 -42.84 31.59 -27.76
CA MET E 168 -42.96 33.05 -27.91
C MET E 168 -43.68 33.47 -29.17
N LYS E 169 -43.51 32.67 -30.22
CA LYS E 169 -44.23 32.81 -31.48
C LYS E 169 -45.74 32.80 -31.21
N THR E 170 -46.15 31.97 -30.24
CA THR E 170 -47.57 31.73 -29.97
C THR E 170 -48.23 32.63 -28.93
N GLY E 171 -47.44 33.37 -28.15
CA GLY E 171 -48.04 34.24 -27.15
C GLY E 171 -48.34 33.52 -25.85
N LEU E 172 -47.93 32.25 -25.75
CA LEU E 172 -47.87 31.58 -24.46
C LEU E 172 -46.79 32.24 -23.63
N ILE E 173 -45.75 32.74 -24.32
CA ILE E 173 -44.72 33.55 -23.69
C ILE E 173 -44.65 34.95 -24.29
N ASP E 174 -45.03 35.93 -23.50
CA ASP E 174 -44.83 37.32 -23.87
C ASP E 174 -43.42 37.62 -23.40
N LYS E 175 -42.51 37.92 -24.34
CA LYS E 175 -41.11 38.08 -23.96
C LYS E 175 -41.06 39.03 -22.77
N THR E 176 -41.90 40.06 -22.85
CA THR E 176 -42.02 41.12 -21.83
C THR E 176 -42.18 40.69 -20.36
N GLN E 177 -42.77 39.53 -20.10
CA GLN E 177 -43.09 39.15 -18.73
C GLN E 177 -41.85 38.69 -17.96
N GLU E 178 -40.91 38.12 -18.69
CA GLU E 178 -39.70 37.52 -18.13
C GLU E 178 -38.66 38.53 -17.67
N PRO E 179 -38.10 38.31 -16.47
CA PRO E 179 -37.08 39.17 -15.85
C PRO E 179 -35.92 39.54 -16.79
N PHE E 180 -35.45 38.61 -17.62
CA PHE E 180 -34.36 38.91 -18.53
C PHE E 180 -34.37 38.16 -19.86
N SER E 181 -33.62 38.69 -20.83
CA SER E 181 -33.44 38.03 -22.11
C SER E 181 -32.58 36.78 -21.89
N VAL E 182 -32.75 35.77 -22.72
CA VAL E 182 -31.94 34.56 -22.57
C VAL E 182 -31.34 34.17 -23.90
N ARG E 183 -30.02 34.07 -23.95
CA ARG E 183 -29.30 33.82 -25.21
C ARG E 183 -28.04 32.96 -25.07
N ASN E 184 -27.68 32.29 -26.16
CA ASN E 184 -26.44 31.52 -26.19
C ASN E 184 -25.28 32.31 -26.83
N LYS E 185 -24.14 32.33 -26.15
CA LYS E 185 -22.97 33.02 -26.66
C LYS E 185 -22.50 32.26 -27.89
N PRO E 186 -22.32 32.95 -29.03
CA PRO E 186 -21.86 32.14 -30.18
C PRO E 186 -20.37 31.92 -30.09
N PHE E 187 -19.94 30.75 -30.55
CA PHE E 187 -18.55 30.37 -30.47
C PHE E 187 -18.02 30.15 -31.89
N PHE E 188 -16.73 30.38 -32.10
CA PHE E 188 -16.21 30.28 -33.44
C PHE E 188 -15.00 29.39 -33.50
N ASP E 189 -14.74 28.82 -34.69
CA ASP E 189 -13.62 27.90 -34.83
C ASP E 189 -12.40 28.77 -34.65
N ILE E 190 -11.23 28.16 -34.62
CA ILE E 190 -10.09 28.91 -34.10
C ILE E 190 -9.72 29.97 -35.13
N CYS E 191 -9.88 29.58 -36.39
CA CYS E 191 -9.38 30.32 -37.54
C CYS E 191 -10.10 31.66 -37.78
N THR E 192 -11.21 31.92 -37.08
CA THR E 192 -12.04 33.15 -37.31
C THR E 192 -11.86 34.34 -36.33
N SER E 193 -10.96 34.19 -35.36
CA SER E 193 -10.72 35.24 -34.37
C SER E 193 -10.11 36.53 -34.93
N ARG E 194 -9.61 36.49 -36.15
CA ARG E 194 -8.96 37.64 -36.79
C ARG E 194 -9.96 38.74 -37.23
N LYS E 195 -11.17 38.34 -37.63
CA LYS E 195 -12.25 39.27 -37.99
C LYS E 195 -12.84 39.95 -36.75
N LEU E 196 -12.74 39.26 -35.61
CA LEU E 196 -13.24 39.74 -34.31
C LEU E 196 -12.07 40.21 -33.44
N LEU E 197 -11.95 41.53 -33.25
CA LEU E 197 -10.90 42.20 -32.47
C LEU E 197 -10.50 43.56 -33.06
N GLU E 208 -19.15 46.90 -24.70
CA GLU E 208 -18.59 46.29 -23.51
C GLU E 208 -18.09 44.85 -23.73
N MET E 209 -17.12 44.71 -24.63
CA MET E 209 -16.40 43.46 -24.88
C MET E 209 -14.92 43.65 -24.47
N ASP E 210 -14.54 42.99 -23.38
CA ASP E 210 -13.23 43.19 -22.75
C ASP E 210 -12.10 42.16 -23.05
N GLY E 211 -12.33 41.19 -23.93
CA GLY E 211 -11.30 40.19 -24.15
C GLY E 211 -11.73 38.95 -24.92
N LEU E 212 -10.94 37.89 -24.86
CA LEU E 212 -11.31 36.64 -25.54
C LEU E 212 -11.39 35.38 -24.65
N ILE E 213 -12.16 34.40 -25.09
CA ILE E 213 -12.22 33.13 -24.35
C ILE E 213 -11.87 31.94 -25.25
N PHE E 214 -10.91 31.14 -24.82
CA PHE E 214 -10.53 29.99 -25.65
C PHE E 214 -10.92 28.65 -25.03
N GLN E 215 -11.90 28.04 -25.68
CA GLN E 215 -12.60 26.89 -25.14
C GLN E 215 -12.21 25.62 -25.89
N PRO E 216 -11.78 24.59 -25.14
CA PRO E 216 -11.41 23.31 -25.70
C PRO E 216 -12.65 22.51 -26.12
N THR E 217 -12.41 21.47 -26.90
CA THR E 217 -13.48 20.70 -27.44
C THR E 217 -13.96 19.57 -26.51
N GLY E 218 -13.21 19.28 -25.44
CA GLY E 218 -13.48 18.11 -24.60
C GLY E 218 -14.67 18.21 -23.65
N LYS E 219 -14.87 17.19 -22.81
CA LYS E 219 -15.98 17.20 -21.83
C LYS E 219 -15.79 18.35 -20.89
N TYR E 220 -16.89 18.75 -20.25
CA TYR E 220 -16.92 19.81 -19.26
C TYR E 220 -16.20 19.31 -18.04
N LYS E 221 -15.44 20.17 -17.38
CA LYS E 221 -14.77 19.77 -16.17
C LYS E 221 -15.10 20.86 -15.21
N PRO E 222 -15.43 20.51 -13.97
CA PRO E 222 -15.60 21.57 -12.99
C PRO E 222 -14.23 21.95 -12.48
N GLY E 223 -14.12 23.00 -11.68
CA GLY E 223 -12.86 23.37 -11.06
C GLY E 223 -11.91 24.17 -11.94
N ARG E 224 -10.64 24.25 -11.53
CA ARG E 224 -9.62 24.98 -12.28
C ARG E 224 -9.34 24.25 -13.58
N CYS E 225 -9.51 24.96 -14.69
CA CYS E 225 -9.27 24.37 -16.00
C CYS E 225 -8.12 25.04 -16.69
N ASP E 226 -6.99 24.35 -16.79
CA ASP E 226 -5.78 24.98 -17.26
C ASP E 226 -5.83 25.16 -18.76
N ASP E 227 -6.71 24.40 -19.41
CA ASP E 227 -6.88 24.47 -20.86
C ASP E 227 -7.95 25.41 -21.36
N ILE E 228 -8.76 26.00 -20.48
CA ILE E 228 -9.66 27.08 -20.88
C ILE E 228 -9.01 28.42 -20.63
N LEU E 229 -8.72 29.15 -21.71
CA LEU E 229 -7.91 30.37 -21.61
C LEU E 229 -8.66 31.66 -21.83
N LYS E 230 -8.68 32.50 -20.81
CA LYS E 230 -9.19 33.86 -20.93
C LYS E 230 -8.07 34.85 -21.26
N TRP E 231 -8.21 35.50 -22.41
CA TRP E 231 -7.24 36.52 -22.78
C TRP E 231 -7.79 37.93 -22.63
N LYS E 232 -7.00 38.76 -21.95
CA LYS E 232 -7.31 40.17 -21.83
C LYS E 232 -6.10 40.92 -22.37
N PRO E 233 -6.36 41.99 -23.13
CA PRO E 233 -5.30 42.92 -23.54
C PRO E 233 -4.61 43.48 -22.29
N PRO E 234 -3.26 43.52 -22.26
CA PRO E 234 -2.52 43.80 -21.02
C PRO E 234 -2.86 45.15 -20.39
N SER E 235 -3.49 46.02 -21.18
CA SER E 235 -4.00 47.30 -20.70
C SER E 235 -4.94 47.11 -19.52
N LEU E 236 -5.97 46.32 -19.74
CA LEU E 236 -7.07 46.15 -18.78
C LEU E 236 -6.70 45.35 -17.53
N ASN E 237 -5.48 44.85 -17.46
CA ASN E 237 -5.08 44.14 -16.25
C ASN E 237 -5.29 44.99 -15.02
N SER E 238 -6.05 44.45 -14.07
CA SER E 238 -6.33 45.16 -12.82
C SER E 238 -6.43 44.23 -11.60
N VAL E 239 -6.04 44.78 -10.45
CA VAL E 239 -6.08 44.08 -9.15
C VAL E 239 -6.76 44.94 -8.08
N ASP E 240 -7.54 44.31 -7.22
CA ASP E 240 -8.26 45.04 -6.17
C ASP E 240 -7.58 44.86 -4.82
N PHE E 241 -7.08 45.97 -4.29
CA PHE E 241 -6.38 45.98 -3.02
C PHE E 241 -7.23 46.72 -2.00
N ARG E 242 -7.04 46.41 -0.72
CA ARG E 242 -7.60 47.24 0.33
C ARG E 242 -6.54 48.27 0.66
N LEU E 243 -6.92 49.55 0.66
CA LEU E 243 -5.96 50.66 0.79
C LEU E 243 -5.74 51.14 2.23
N LYS E 244 -4.54 50.92 2.77
CA LYS E 244 -4.21 51.37 4.14
C LYS E 244 -3.02 52.34 4.16
N ILE E 245 -3.29 53.60 4.52
CA ILE E 245 -2.27 54.64 4.57
C ILE E 245 -1.93 55.00 6.02
N THR E 246 -0.64 54.91 6.38
CA THR E 246 -0.23 55.12 7.77
C THR E 246 1.08 55.93 7.95
N ARG E 247 1.32 56.38 9.18
CA ARG E 247 2.41 57.30 9.51
C ARG E 247 3.26 56.81 10.70
N MET E 248 4.58 56.65 10.46
CA MET E 248 5.54 56.31 11.52
C MET E 248 6.55 57.47 11.68
N GLY E 249 6.72 57.97 12.91
CA GLY E 249 7.43 59.23 13.13
C GLY E 249 8.85 59.27 13.67
N GLY E 250 9.38 58.15 14.16
CA GLY E 250 10.67 58.12 14.85
C GLY E 250 12.00 58.35 14.11
N GLU E 251 12.27 57.56 13.08
CA GLU E 251 13.60 57.51 12.45
C GLU E 251 13.91 58.58 11.40
N GLY E 252 13.26 58.50 10.24
CA GLY E 252 13.46 59.45 9.15
C GLY E 252 12.92 60.83 9.51
N LEU E 253 13.69 61.87 9.20
CA LEU E 253 13.41 63.24 9.65
C LEU E 253 11.94 63.68 9.50
N LEU E 254 11.47 63.82 8.26
CA LEU E 254 10.05 64.08 7.99
C LEU E 254 9.34 62.76 7.74
N PRO E 255 8.52 62.32 8.71
CA PRO E 255 7.78 61.04 8.61
C PRO E 255 6.65 61.08 7.59
N GLN E 256 6.97 61.26 6.30
CA GLN E 256 5.94 61.37 5.26
C GLN E 256 5.34 60.00 4.91
N ASN E 257 4.02 59.91 5.06
CA ASN E 257 3.32 58.61 5.03
C ASN E 257 3.12 57.95 3.65
N VAL E 258 3.02 56.63 3.66
CA VAL E 258 2.84 55.84 2.43
C VAL E 258 1.55 55.01 2.47
N GLY E 259 0.73 55.14 1.43
CA GLY E 259 -0.44 54.28 1.23
C GLY E 259 -0.10 52.86 0.79
N LEU E 260 -0.61 51.88 1.55
CA LEU E 260 -0.29 50.47 1.30
C LEU E 260 -1.47 49.70 0.72
N LEU E 261 -1.18 48.78 -0.19
CA LEU E 261 -2.20 47.97 -0.86
C LEU E 261 -2.20 46.54 -0.30
N TYR E 262 -3.38 46.00 -0.02
CA TYR E 262 -3.50 44.65 0.56
C TYR E 262 -4.37 43.68 -0.24
N VAL E 263 -3.94 42.43 -0.26
CA VAL E 263 -4.62 41.39 -1.02
C VAL E 263 -5.03 40.26 -0.09
N GLY E 264 -6.09 39.55 -0.44
CA GLY E 264 -6.57 38.43 0.35
C GLY E 264 -5.62 37.24 0.41
N GLY E 265 -5.40 36.72 1.62
CA GLY E 265 -4.61 35.52 1.81
C GLY E 265 -3.19 35.86 2.22
N TYR E 266 -2.76 37.07 1.90
CA TYR E 266 -1.42 37.52 2.25
C TYR E 266 -1.43 38.33 3.54
N GLU E 267 -0.56 37.93 4.47
CA GLU E 267 -0.50 38.48 5.83
C GLU E 267 0.08 39.90 5.96
N ARG E 268 1.01 40.27 5.07
CA ARG E 268 1.70 41.57 5.08
C ARG E 268 1.38 42.39 3.80
N PRO E 269 1.98 43.57 3.63
CA PRO E 269 1.60 44.38 2.46
C PRO E 269 2.07 43.80 1.12
N PHE E 270 1.19 43.81 0.12
CA PHE E 270 1.53 43.31 -1.22
C PHE E 270 2.38 44.33 -1.98
N ALA E 271 1.91 45.57 -2.01
CA ALA E 271 2.57 46.59 -2.78
C ALA E 271 2.39 47.94 -2.10
N GLN E 272 2.97 48.98 -2.68
CA GLN E 272 2.72 50.34 -2.26
C GLN E 272 2.19 51.17 -3.42
N ILE E 273 1.29 52.09 -3.09
CA ILE E 273 0.82 53.06 -4.06
C ILE E 273 1.28 54.40 -3.48
N LYS E 274 1.59 55.37 -4.34
CA LYS E 274 1.85 56.73 -3.86
C LYS E 274 0.50 57.34 -3.53
N VAL E 275 0.31 57.78 -2.28
CA VAL E 275 -1.01 58.23 -1.86
C VAL E 275 -1.31 59.66 -2.32
N THR E 276 -2.31 59.78 -3.20
CA THR E 276 -2.77 61.07 -3.70
C THR E 276 -3.62 61.78 -2.66
N LYS E 277 -3.80 63.09 -2.82
CA LYS E 277 -4.72 63.84 -1.98
C LYS E 277 -6.14 63.24 -2.05
N GLU E 278 -6.50 62.74 -3.23
CA GLU E 278 -7.82 62.14 -3.48
C GLU E 278 -7.95 60.68 -2.98
N LEU E 279 -6.84 59.97 -2.90
CA LEU E 279 -6.84 58.55 -2.56
C LEU E 279 -7.32 58.25 -1.13
N LYS E 280 -7.10 59.23 -0.24
CA LYS E 280 -7.27 59.08 1.20
C LYS E 280 -8.65 58.64 1.73
N GLN E 281 -9.72 59.25 1.20
CA GLN E 281 -11.08 58.96 1.67
C GLN E 281 -11.54 57.53 1.37
N TYR E 282 -10.71 56.80 0.62
CA TYR E 282 -11.03 55.43 0.22
C TYR E 282 -10.55 54.41 1.24
N ASP E 283 -10.02 54.91 2.36
CA ASP E 283 -9.47 54.08 3.42
C ASP E 283 -10.46 52.98 3.82
N ASN E 284 -9.94 51.77 4.05
CA ASN E 284 -10.74 50.59 4.40
C ASN E 284 -11.62 50.05 3.26
N LYS E 285 -11.76 50.82 2.19
CA LYS E 285 -12.60 50.45 1.05
C LYS E 285 -11.78 49.87 -0.12
N ILE E 286 -12.35 48.90 -0.84
CA ILE E 286 -11.67 48.28 -1.97
C ILE E 286 -11.27 49.32 -3.00
N ILE E 287 -9.98 49.36 -3.35
CA ILE E 287 -9.53 50.25 -4.41
C ILE E 287 -9.08 49.44 -5.61
N GLU E 288 -9.53 49.86 -6.80
CA GLU E 288 -9.20 49.16 -8.03
C GLU E 288 -8.04 49.83 -8.72
N CYS E 289 -7.02 49.04 -9.02
CA CYS E 289 -5.80 49.59 -9.59
C CYS E 289 -5.41 48.95 -10.92
N LYS E 290 -4.82 49.77 -11.80
CA LYS E 290 -4.20 49.27 -13.01
C LYS E 290 -2.69 49.28 -12.78
N PHE E 291 -1.93 48.85 -13.78
CA PHE E 291 -0.48 48.92 -13.71
C PHE E 291 0.04 49.65 -14.94
N GLU E 292 0.98 50.58 -14.72
CA GLU E 292 1.58 51.29 -15.84
C GLU E 292 3.09 51.37 -15.79
N ASN E 293 3.57 52.19 -14.87
CA ASN E 293 4.95 52.62 -14.87
C ASN E 293 5.95 51.91 -13.99
N ASN E 294 5.59 50.70 -13.59
CA ASN E 294 6.20 50.06 -12.44
C ASN E 294 5.64 50.78 -11.21
N SER E 295 4.35 51.07 -11.32
CA SER E 295 3.53 51.70 -10.30
C SER E 295 2.11 51.12 -10.32
N TRP E 296 1.32 51.40 -9.29
CA TRP E 296 -0.09 51.05 -9.29
C TRP E 296 -0.87 52.35 -9.43
N VAL E 297 -2.07 52.30 -10.00
CA VAL E 297 -2.84 53.53 -10.19
C VAL E 297 -4.32 53.33 -9.84
N PHE E 298 -4.95 54.37 -9.31
CA PHE E 298 -6.34 54.27 -8.88
C PHE E 298 -7.30 54.71 -9.99
N MET E 299 -7.99 53.74 -10.59
CA MET E 299 -8.98 54.02 -11.62
C MET E 299 -10.37 54.37 -11.06
N ARG E 300 -10.83 53.60 -10.07
CA ARG E 300 -12.19 53.76 -9.54
C ARG E 300 -12.35 53.16 -8.14
N GLN E 301 -13.56 53.31 -7.61
CA GLN E 301 -13.94 52.63 -6.39
C GLN E 301 -15.01 51.58 -6.70
N ARG E 302 -14.97 50.47 -5.96
CA ARG E 302 -15.99 49.44 -6.07
C ARG E 302 -16.80 49.42 -4.78
N THR E 303 -18.11 49.48 -4.89
CA THR E 303 -18.98 49.39 -3.71
C THR E 303 -19.49 47.97 -3.48
N ASP E 304 -19.05 47.01 -4.31
CA ASP E 304 -19.56 45.63 -4.28
C ASP E 304 -18.74 44.57 -3.52
N LYS E 305 -17.63 44.96 -2.89
CA LYS E 305 -16.89 44.00 -2.07
C LYS E 305 -16.19 44.67 -0.88
N SER E 306 -16.18 43.95 0.24
CA SER E 306 -15.52 44.40 1.47
C SER E 306 -14.12 43.78 1.65
N PHE E 307 -13.69 42.97 0.67
CA PHE E 307 -12.37 42.31 0.71
C PHE E 307 -11.68 42.24 -0.69
N PRO E 308 -10.33 42.09 -0.70
CA PRO E 308 -9.56 42.16 -1.94
C PRO E 308 -9.60 40.86 -2.76
N ASN E 309 -8.78 40.77 -3.80
CA ASN E 309 -8.64 39.56 -4.59
C ASN E 309 -7.87 38.54 -3.77
N ALA E 310 -7.98 37.28 -4.14
CA ALA E 310 -7.13 36.26 -3.56
C ALA E 310 -5.65 36.59 -3.89
N TYR E 311 -4.74 36.36 -2.94
CA TYR E 311 -3.30 36.55 -3.17
C TYR E 311 -2.82 35.91 -4.47
N ASN E 312 -2.98 34.60 -4.58
CA ASN E 312 -2.60 33.89 -5.79
C ASN E 312 -3.30 34.48 -7.03
N THR E 313 -4.37 35.25 -6.83
CA THR E 313 -4.99 35.93 -7.95
C THR E 313 -4.14 37.13 -8.36
N ALA E 314 -3.72 37.92 -7.38
CA ALA E 314 -2.87 39.08 -7.60
C ALA E 314 -1.58 38.71 -8.31
N MET E 315 -0.96 37.65 -7.81
CA MET E 315 0.24 37.10 -8.41
C MET E 315 0.04 36.63 -9.85
N ALA E 316 -1.07 35.96 -10.13
CA ALA E 316 -1.33 35.51 -11.49
C ALA E 316 -1.77 36.69 -12.32
N VAL E 317 -1.96 37.83 -11.67
CA VAL E 317 -2.14 39.07 -12.40
C VAL E 317 -0.76 39.52 -12.85
N CYS E 318 0.17 39.53 -11.90
CA CYS E 318 1.56 39.90 -12.17
C CYS E 318 2.24 39.00 -13.19
N ASN E 319 2.13 37.68 -12.99
CA ASN E 319 2.67 36.72 -13.95
C ASN E 319 2.17 37.06 -15.36
N SER E 320 0.99 37.68 -15.43
CA SER E 320 0.38 38.13 -16.69
C SER E 320 0.93 39.46 -17.23
N ILE E 321 1.23 40.41 -16.34
CA ILE E 321 1.66 41.74 -16.76
C ILE E 321 3.12 41.79 -17.17
N SER E 322 3.97 41.05 -16.44
CA SER E 322 5.41 41.04 -16.70
C SER E 322 5.80 40.12 -17.87
N ASN E 323 5.11 38.99 -18.01
CA ASN E 323 5.40 38.12 -19.13
C ASN E 323 4.16 38.06 -20.01
N PRO E 324 3.81 39.19 -20.63
CA PRO E 324 2.47 39.35 -21.19
C PRO E 324 2.25 38.61 -22.50
N VAL E 325 1.01 38.29 -22.82
CA VAL E 325 0.66 37.91 -24.18
C VAL E 325 0.05 39.12 -24.85
N THR E 326 0.79 39.60 -25.83
CA THR E 326 0.49 40.87 -26.43
C THR E 326 -0.60 40.77 -27.48
N LYS E 327 -1.36 41.85 -27.60
CA LYS E 327 -2.42 41.99 -28.56
C LYS E 327 -1.93 41.48 -29.92
N GLU E 328 -0.66 41.77 -30.22
CA GLU E 328 -0.02 41.35 -31.48
C GLU E 328 0.55 39.95 -31.45
N MET E 329 1.08 39.55 -30.30
CA MET E 329 1.63 38.21 -30.18
C MET E 329 0.54 37.16 -30.48
N LEU E 330 -0.59 37.26 -29.79
CA LEU E 330 -1.76 36.41 -30.05
C LEU E 330 -2.14 36.43 -31.52
N PHE E 331 -2.11 37.60 -32.15
CA PHE E 331 -2.56 37.69 -33.53
C PHE E 331 -1.67 36.90 -34.50
N GLU E 332 -0.35 36.97 -34.33
CA GLU E 332 0.51 36.19 -35.21
C GLU E 332 0.30 34.70 -34.98
N PHE E 333 0.26 34.30 -33.72
CA PHE E 333 0.02 32.91 -33.38
C PHE E 333 -1.24 32.36 -34.06
N ILE E 334 -2.33 33.13 -34.07
CA ILE E 334 -3.56 32.65 -34.72
C ILE E 334 -3.38 32.57 -36.21
N ASP E 335 -2.87 33.64 -36.83
CA ASP E 335 -2.81 33.67 -38.30
C ASP E 335 -1.95 32.57 -38.95
N ARG E 336 -0.77 32.34 -38.39
CA ARG E 336 0.11 31.24 -38.77
C ARG E 336 -0.64 29.90 -38.77
N CYS E 337 -1.30 29.57 -37.66
CA CYS E 337 -2.11 28.34 -37.55
C CYS E 337 -3.36 28.33 -38.49
N THR E 338 -3.84 29.52 -38.90
CA THR E 338 -4.90 29.64 -39.92
C THR E 338 -4.37 29.30 -41.34
N ALA E 339 -3.07 29.06 -41.44
CA ALA E 339 -2.46 28.52 -42.67
C ALA E 339 -2.11 26.99 -42.63
N GLY F 1 34.83 23.93 -27.40
CA GLY F 1 35.53 23.40 -26.25
C GLY F 1 35.80 24.45 -25.18
N ALA F 2 35.13 24.32 -24.04
CA ALA F 2 35.20 25.34 -22.99
C ALA F 2 35.65 24.69 -21.69
N ILE F 3 36.00 25.53 -20.72
CA ILE F 3 36.60 25.07 -19.48
C ILE F 3 35.57 25.13 -18.35
N PHE F 4 35.25 24.00 -17.73
CA PHE F 4 34.13 23.99 -16.79
C PHE F 4 34.28 25.11 -15.75
N LEU F 5 35.39 25.09 -15.04
CA LEU F 5 35.69 26.14 -14.09
C LEU F 5 37.01 26.78 -14.52
N GLU F 6 37.01 28.11 -14.70
CA GLU F 6 38.21 28.80 -15.20
C GLU F 6 39.02 29.11 -13.95
N GLY F 7 40.12 28.39 -13.82
CA GLY F 7 40.81 28.26 -12.54
C GLY F 7 41.40 26.87 -12.46
N VAL F 8 41.57 26.39 -11.22
CA VAL F 8 41.93 24.98 -10.92
C VAL F 8 40.84 23.93 -11.31
N THR F 9 41.29 22.85 -11.93
CA THR F 9 40.41 21.79 -12.46
C THR F 9 39.63 20.98 -11.39
N VAL F 10 38.56 20.30 -11.82
CA VAL F 10 37.67 19.55 -10.92
C VAL F 10 37.40 18.13 -11.44
N LYS F 11 37.69 17.11 -10.64
CA LYS F 11 37.71 15.73 -11.15
C LYS F 11 36.36 15.19 -11.62
N GLY F 12 36.39 14.49 -12.75
CA GLY F 12 35.20 13.81 -13.25
C GLY F 12 34.23 14.65 -14.06
N VAL F 13 34.52 15.94 -14.21
CA VAL F 13 33.65 16.83 -14.99
C VAL F 13 34.14 16.85 -16.43
N THR F 14 33.37 16.26 -17.34
CA THR F 14 33.78 16.05 -18.74
C THR F 14 32.86 16.76 -19.74
N GLN F 15 33.41 17.63 -20.58
CA GLN F 15 32.59 18.30 -21.62
C GLN F 15 32.12 17.33 -22.69
N VAL F 16 30.97 17.61 -23.27
CA VAL F 16 30.31 16.64 -24.12
C VAL F 16 30.15 17.14 -25.53
N THR F 17 30.69 16.39 -26.48
CA THR F 17 30.33 16.52 -27.88
C THR F 17 30.05 15.14 -28.49
N THR F 18 28.80 14.92 -28.85
CA THR F 18 28.38 13.69 -29.49
C THR F 18 27.18 14.06 -30.35
N GLN F 19 27.03 13.43 -31.51
CA GLN F 19 25.84 13.71 -32.29
C GLN F 19 24.62 13.44 -31.41
N PRO F 20 24.45 12.18 -30.96
CA PRO F 20 23.30 11.90 -30.09
C PRO F 20 23.25 12.59 -28.72
N LYS F 21 24.30 12.52 -27.89
CA LYS F 21 24.12 12.92 -26.48
C LYS F 21 24.02 14.41 -26.18
N LEU F 22 25.00 15.18 -26.64
CA LEU F 22 25.00 16.63 -26.46
C LEU F 22 23.72 17.28 -26.96
N GLY F 23 23.34 16.95 -28.20
CA GLY F 23 22.14 17.50 -28.79
C GLY F 23 20.92 17.27 -27.93
N GLU F 24 20.75 16.03 -27.47
CA GLU F 24 19.57 15.69 -26.68
C GLU F 24 19.59 16.23 -25.23
N VAL F 25 20.76 16.47 -24.66
CA VAL F 25 20.81 17.09 -23.33
C VAL F 25 20.41 18.57 -23.43
N GLN F 26 20.70 19.18 -24.58
CA GLN F 26 20.26 20.54 -24.85
C GLN F 26 18.75 20.62 -25.11
N GLN F 27 18.23 19.65 -25.82
CA GLN F 27 16.81 19.61 -26.16
C GLN F 27 15.95 19.45 -24.93
N LYS F 28 16.38 18.62 -23.97
CA LYS F 28 15.58 18.37 -22.77
C LYS F 28 15.63 19.53 -21.80
N CYS F 29 16.55 20.45 -22.01
CA CYS F 29 16.55 21.70 -21.25
C CYS F 29 15.59 22.71 -21.83
N HIS F 30 15.55 22.80 -23.16
CA HIS F 30 14.52 23.58 -23.84
C HIS F 30 13.11 23.15 -23.44
N GLN F 31 12.82 21.87 -23.62
CA GLN F 31 11.51 21.35 -23.28
C GLN F 31 11.13 21.76 -21.88
N PHE F 32 12.08 21.69 -20.95
CA PHE F 32 11.72 21.88 -19.55
C PHE F 32 11.48 23.34 -19.18
N CYS F 33 12.10 24.27 -19.88
CA CYS F 33 11.84 25.68 -19.59
C CYS F 33 10.75 26.27 -20.48
N GLY F 34 10.36 25.53 -21.51
CA GLY F 34 9.47 26.05 -22.54
C GLY F 34 10.19 27.16 -23.26
N TRP F 35 11.35 26.82 -23.82
CA TRP F 35 12.18 27.79 -24.51
C TRP F 35 12.18 27.58 -26.02
N GLU F 36 11.55 28.53 -26.73
CA GLU F 36 11.44 28.48 -28.18
C GLU F 36 12.79 28.51 -28.90
N GLY F 37 13.45 29.67 -28.84
CA GLY F 37 14.63 29.96 -29.62
C GLY F 37 15.82 29.09 -29.27
N SER F 38 16.84 29.09 -30.11
CA SER F 38 18.08 28.41 -29.76
C SER F 38 18.90 29.23 -28.77
N GLY F 39 19.81 28.56 -28.06
CA GLY F 39 20.60 29.22 -27.03
C GLY F 39 20.18 28.91 -25.60
N PHE F 40 20.78 29.61 -24.65
CA PHE F 40 20.65 29.30 -23.23
C PHE F 40 19.28 29.65 -22.73
N PRO F 41 18.55 28.65 -22.24
CA PRO F 41 17.16 28.68 -21.78
C PRO F 41 16.89 29.41 -20.46
N GLY F 42 17.87 29.44 -19.56
CA GLY F 42 17.68 29.94 -18.20
C GLY F 42 17.24 31.39 -18.10
N ALA F 43 16.79 31.77 -16.91
CA ALA F 43 16.35 33.13 -16.66
C ALA F 43 17.55 34.06 -16.66
N GLN F 44 17.39 35.25 -17.23
CA GLN F 44 18.49 36.23 -17.33
C GLN F 44 18.10 37.56 -16.63
N PRO F 45 18.52 37.74 -15.37
CA PRO F 45 18.24 38.96 -14.59
C PRO F 45 18.90 40.21 -15.15
N VAL F 46 18.38 41.36 -14.74
CA VAL F 46 18.78 42.63 -15.31
C VAL F 46 19.34 43.55 -14.24
N SER F 47 20.15 44.53 -14.64
CA SER F 47 20.75 45.51 -13.72
C SER F 47 19.72 46.48 -13.20
N MET F 48 19.68 46.66 -11.88
CA MET F 48 18.77 47.61 -11.26
C MET F 48 19.14 49.02 -11.71
N ASP F 49 18.12 49.81 -12.03
CA ASP F 49 18.27 51.25 -12.26
C ASP F 49 17.17 52.00 -11.50
N LYS F 50 17.04 53.31 -11.73
CA LYS F 50 15.99 54.10 -11.08
C LYS F 50 14.53 53.84 -11.55
N GLN F 51 14.35 53.23 -12.72
CA GLN F 51 13.03 52.74 -13.13
C GLN F 51 12.76 51.44 -12.42
N ASN F 52 13.77 50.58 -12.46
CA ASN F 52 13.71 49.24 -11.94
C ASN F 52 13.31 49.16 -10.49
N ILE F 53 14.10 49.84 -9.66
CA ILE F 53 13.97 49.76 -8.21
C ILE F 53 12.52 50.01 -7.79
N LYS F 54 11.79 50.78 -8.60
CA LYS F 54 10.39 51.04 -8.34
C LYS F 54 9.54 49.76 -8.22
N LEU F 55 10.04 48.67 -8.80
CA LEU F 55 9.33 47.40 -8.79
C LEU F 55 9.34 46.71 -7.43
N LEU F 56 10.35 47.00 -6.59
CA LEU F 56 10.43 46.41 -5.26
C LEU F 56 9.23 46.82 -4.43
N ASP F 57 8.54 47.88 -4.86
CA ASP F 57 7.30 48.30 -4.23
C ASP F 57 6.03 47.74 -4.90
N LEU F 58 6.17 47.10 -6.05
CA LEU F 58 5.01 46.59 -6.83
C LEU F 58 4.44 45.21 -6.48
N LYS F 59 5.32 44.34 -5.97
CA LYS F 59 4.99 42.98 -5.58
C LYS F 59 6.01 42.51 -4.54
N PRO F 60 5.79 41.30 -3.99
CA PRO F 60 6.72 40.71 -3.02
C PRO F 60 8.06 40.30 -3.65
N TYR F 61 9.12 40.52 -2.89
CA TYR F 61 10.46 40.23 -3.37
C TYR F 61 11.25 39.54 -2.28
N LYS F 62 12.19 38.71 -2.70
CA LYS F 62 13.15 38.08 -1.82
C LYS F 62 14.52 38.59 -2.23
N VAL F 63 15.51 38.47 -1.36
CA VAL F 63 16.86 38.91 -1.72
C VAL F 63 17.94 37.92 -1.26
N SER F 64 19.10 37.93 -1.93
CA SER F 64 20.23 37.12 -1.54
C SER F 64 21.50 37.81 -2.01
N TRP F 65 22.66 37.26 -1.69
CA TRP F 65 23.91 37.91 -2.07
C TRP F 65 24.48 37.37 -3.37
N LYS F 66 24.52 38.22 -4.39
CA LYS F 66 25.14 37.81 -5.66
C LYS F 66 26.60 37.49 -5.38
N ALA F 67 27.03 36.32 -5.84
CA ALA F 67 28.43 35.98 -5.77
C ALA F 67 28.95 35.90 -7.19
N ASP F 68 30.24 36.22 -7.38
CA ASP F 68 30.84 36.01 -8.69
C ASP F 68 30.92 34.52 -8.85
N GLY F 69 30.24 34.02 -9.86
CA GLY F 69 30.19 32.60 -10.06
C GLY F 69 30.01 32.44 -11.53
N THR F 70 29.87 31.20 -11.97
CA THR F 70 29.56 30.94 -13.35
C THR F 70 28.18 30.28 -13.38
N ARG F 71 27.28 30.87 -14.15
CA ARG F 71 25.93 30.34 -14.30
C ARG F 71 25.94 28.96 -14.95
N TYR F 72 25.30 28.00 -14.26
CA TYR F 72 25.09 26.65 -14.76
C TYR F 72 23.72 26.11 -14.35
N MET F 73 22.98 25.56 -15.30
CA MET F 73 21.83 24.74 -14.98
C MET F 73 22.30 23.30 -14.85
N MET F 74 21.78 22.60 -13.84
CA MET F 74 22.12 21.19 -13.66
C MET F 74 20.94 20.27 -13.98
N LEU F 75 21.17 19.39 -14.96
CA LEU F 75 20.16 18.47 -15.41
C LEU F 75 20.44 17.10 -14.79
N ILE F 76 19.60 16.70 -13.84
CA ILE F 76 19.75 15.38 -13.24
C ILE F 76 18.70 14.49 -13.90
N ASP F 77 19.14 13.66 -14.84
CA ASP F 77 18.21 12.89 -15.62
C ASP F 77 18.12 11.42 -15.25
N GLY F 78 18.95 10.96 -14.33
CA GLY F 78 19.03 9.54 -14.15
C GLY F 78 20.19 9.14 -13.28
N THR F 79 20.51 7.85 -13.31
CA THR F 79 21.46 7.28 -12.36
C THR F 79 22.85 7.86 -12.49
N ASN F 80 23.47 7.69 -13.66
CA ASN F 80 24.71 8.39 -13.92
C ASN F 80 24.54 9.62 -14.79
N GLU F 81 23.30 9.94 -15.18
CA GLU F 81 23.11 11.07 -16.09
C GLU F 81 22.91 12.37 -15.30
N VAL F 82 23.94 13.21 -15.24
CA VAL F 82 23.91 14.54 -14.60
C VAL F 82 24.75 15.48 -15.43
N PHE F 83 24.18 16.61 -15.82
CA PHE F 83 24.90 17.50 -16.72
C PHE F 83 24.85 18.94 -16.25
N MET F 84 25.75 19.76 -16.77
CA MET F 84 25.74 21.17 -16.43
C MET F 84 25.71 21.94 -17.73
N ILE F 85 24.95 23.02 -17.77
CA ILE F 85 24.85 23.86 -18.98
C ILE F 85 25.16 25.31 -18.59
N ASP F 86 25.90 26.01 -19.45
CA ASP F 86 26.35 27.36 -19.16
C ASP F 86 25.78 28.37 -20.16
N ARG F 87 26.12 29.66 -19.98
CA ARG F 87 25.50 30.71 -20.78
C ARG F 87 25.63 30.41 -22.28
N ASP F 88 26.62 29.60 -22.65
CA ASP F 88 26.90 29.31 -24.05
C ASP F 88 26.22 28.05 -24.57
N ASN F 89 25.60 27.30 -23.67
CA ASN F 89 24.89 26.07 -24.04
C ASN F 89 25.80 24.84 -24.13
N SER F 90 27.09 25.08 -23.89
CA SER F 90 28.07 23.99 -23.82
C SER F 90 27.79 23.13 -22.58
N VAL F 91 27.92 21.82 -22.70
CA VAL F 91 27.45 20.95 -21.63
C VAL F 91 28.52 20.04 -21.04
N PHE F 92 28.38 19.72 -19.75
CA PHE F 92 29.35 18.91 -19.01
C PHE F 92 28.70 17.75 -18.28
N HIS F 93 29.32 16.58 -18.34
CA HIS F 93 28.87 15.43 -17.59
C HIS F 93 29.59 15.33 -16.24
N VAL F 94 28.86 15.60 -15.16
CA VAL F 94 29.39 15.44 -13.80
C VAL F 94 29.17 13.99 -13.32
N SER F 95 30.16 13.42 -12.64
CA SER F 95 30.24 11.97 -12.47
C SER F 95 29.73 11.35 -11.16
N ASN F 96 30.37 11.71 -10.04
CA ASN F 96 30.01 11.09 -8.76
C ASN F 96 29.06 11.86 -7.86
N LEU F 97 28.49 12.93 -8.39
CA LEU F 97 27.34 13.57 -7.76
C LEU F 97 26.14 12.63 -7.85
N GLU F 98 25.55 12.30 -6.71
CA GLU F 98 24.40 11.41 -6.69
C GLU F 98 23.24 12.07 -5.99
N PHE F 99 22.05 11.97 -6.57
CA PHE F 99 20.88 12.67 -6.03
C PHE F 99 19.75 11.71 -5.63
N PRO F 100 19.77 11.27 -4.37
CA PRO F 100 18.76 10.32 -3.90
C PRO F 100 17.38 10.94 -3.89
N PHE F 101 16.42 10.23 -4.45
CA PHE F 101 14.99 10.50 -4.32
C PHE F 101 14.56 10.54 -2.85
N ARG F 102 13.83 11.57 -2.43
CA ARG F 102 13.50 11.67 -1.01
C ARG F 102 12.72 10.48 -0.50
N LYS F 103 11.89 9.89 -1.35
CA LYS F 103 11.03 8.80 -0.92
C LYS F 103 11.84 7.54 -0.70
N ASP F 104 12.39 6.98 -1.78
CA ASP F 104 13.21 5.78 -1.68
C ASP F 104 14.69 6.10 -1.94
N LEU F 105 15.52 6.01 -0.89
CA LEU F 105 16.93 6.39 -0.99
C LEU F 105 17.76 5.47 -1.92
N ARG F 106 17.15 4.39 -2.41
CA ARG F 106 17.83 3.57 -3.39
C ARG F 106 17.63 4.08 -4.81
N MET F 107 16.60 4.89 -5.03
CA MET F 107 16.34 5.42 -6.37
C MET F 107 16.92 6.81 -6.56
N HIS F 108 17.54 7.03 -7.72
CA HIS F 108 18.19 8.31 -8.04
C HIS F 108 17.27 9.25 -8.83
N LEU F 109 17.34 10.55 -8.54
CA LEU F 109 16.44 11.50 -9.19
C LEU F 109 16.56 11.50 -10.71
N SER F 110 15.43 11.72 -11.36
CA SER F 110 15.37 11.67 -12.80
C SER F 110 14.56 12.85 -13.30
N ASN F 111 14.72 13.22 -14.57
CA ASN F 111 13.91 14.30 -15.15
C ASN F 111 13.75 15.50 -14.20
N THR F 112 14.87 15.92 -13.62
CA THR F 112 14.95 17.10 -12.78
C THR F 112 15.91 18.13 -13.43
N LEU F 113 15.56 19.41 -13.31
CA LEU F 113 16.36 20.53 -13.81
C LEU F 113 16.55 21.63 -12.76
N LEU F 114 17.80 21.96 -12.48
CA LEU F 114 18.18 22.92 -11.46
C LEU F 114 18.87 24.11 -12.11
N ASP F 115 18.88 25.25 -11.40
CA ASP F 115 19.56 26.49 -11.84
C ASP F 115 20.39 27.13 -10.69
N GLY F 116 21.59 27.58 -11.02
CA GLY F 116 22.40 28.30 -10.04
C GLY F 116 23.79 28.57 -10.55
N GLU F 117 24.69 28.96 -9.65
CA GLU F 117 26.07 29.22 -10.03
C GLU F 117 27.07 28.18 -9.52
N MET F 118 28.15 28.05 -10.27
CA MET F 118 29.33 27.33 -9.84
C MET F 118 30.28 28.37 -9.20
N ILE F 119 30.55 28.28 -7.90
CA ILE F 119 31.44 29.25 -7.26
C ILE F 119 32.69 28.62 -6.65
N ILE F 120 33.82 29.32 -6.71
CA ILE F 120 35.06 28.90 -6.06
C ILE F 120 35.23 29.68 -4.77
N ASP F 121 35.19 29.00 -3.63
CA ASP F 121 35.25 29.74 -2.38
C ASP F 121 36.66 29.65 -1.82
N ARG F 122 37.42 30.71 -2.08
CA ARG F 122 38.83 30.84 -1.65
C ARG F 122 39.09 31.76 -0.45
N VAL F 123 38.05 32.38 0.11
CA VAL F 123 38.26 33.53 0.99
C VAL F 123 38.59 33.12 2.46
N ASN F 124 39.84 33.42 2.81
CA ASN F 124 40.50 33.25 4.13
C ASN F 124 40.87 31.82 4.61
N GLY F 125 40.17 30.77 4.17
CA GLY F 125 40.68 29.42 4.33
C GLY F 125 41.50 28.79 3.21
N GLN F 126 40.84 28.65 2.05
CA GLN F 126 41.37 27.97 0.86
C GLN F 126 40.24 27.81 -0.16
N ALA F 127 40.55 27.30 -1.36
CA ALA F 127 39.58 27.20 -2.47
C ALA F 127 38.78 25.87 -2.59
N VAL F 128 37.45 25.96 -2.55
CA VAL F 128 36.57 24.80 -2.65
C VAL F 128 35.71 25.01 -3.88
N PRO F 129 35.59 24.00 -4.76
CA PRO F 129 34.54 24.23 -5.76
C PRO F 129 33.13 23.93 -5.16
N ARG F 130 32.16 24.78 -5.48
CA ARG F 130 30.83 24.69 -4.88
C ARG F 130 29.72 25.04 -5.88
N TYR F 131 28.64 24.26 -5.92
CA TYR F 131 27.50 24.57 -6.76
C TYR F 131 26.33 25.07 -5.93
N LEU F 132 25.97 26.33 -6.10
CA LEU F 132 24.81 26.87 -5.38
C LEU F 132 23.54 26.67 -6.16
N ILE F 133 22.51 26.11 -5.53
CA ILE F 133 21.24 25.92 -6.20
C ILE F 133 20.31 27.11 -5.88
N TYR F 134 20.13 27.97 -6.87
CA TYR F 134 19.38 29.19 -6.66
C TYR F 134 17.92 29.19 -7.20
N ASP F 135 17.54 28.07 -7.81
CA ASP F 135 16.15 27.80 -8.25
C ASP F 135 15.97 26.41 -8.87
N ILE F 136 14.74 25.94 -8.96
CA ILE F 136 14.44 24.62 -9.54
C ILE F 136 13.34 24.75 -10.61
N ILE F 137 13.65 24.27 -11.81
CA ILE F 137 12.70 24.30 -12.95
C ILE F 137 11.71 23.12 -13.07
N LYS F 138 12.21 21.90 -12.87
CA LYS F 138 11.44 20.68 -13.04
C LYS F 138 11.89 19.64 -12.01
N PHE F 139 10.94 18.97 -11.38
CA PHE F 139 11.29 17.92 -10.44
C PHE F 139 10.50 16.67 -10.75
N ASN F 140 11.17 15.62 -11.20
CA ASN F 140 10.48 14.37 -11.45
C ASN F 140 9.41 14.55 -12.51
N SER F 141 9.62 15.52 -13.40
CA SER F 141 8.69 15.99 -14.44
C SER F 141 7.60 16.95 -13.96
N GLN F 142 7.36 17.03 -12.66
CA GLN F 142 6.32 17.95 -12.20
C GLN F 142 6.84 19.35 -12.51
N PRO F 143 5.97 20.23 -13.01
CA PRO F 143 6.42 21.56 -13.46
C PRO F 143 6.64 22.55 -12.32
N VAL F 144 7.56 22.25 -11.40
CA VAL F 144 7.75 23.06 -10.20
C VAL F 144 8.00 24.53 -10.51
N GLY F 145 8.48 24.78 -11.73
CA GLY F 145 8.81 26.13 -12.16
C GLY F 145 7.60 27.03 -12.18
N ASP F 146 6.44 26.40 -12.24
CA ASP F 146 5.18 27.13 -12.30
C ASP F 146 4.71 27.52 -10.91
N CYS F 147 5.26 26.85 -9.90
CA CYS F 147 4.82 27.09 -8.54
C CYS F 147 5.41 28.40 -8.02
N ASP F 148 5.21 28.71 -6.75
CA ASP F 148 5.67 29.96 -6.17
C ASP F 148 7.16 29.91 -5.83
N PHE F 149 7.85 31.04 -5.76
CA PHE F 149 9.28 30.98 -5.36
C PHE F 149 9.55 30.26 -4.00
N ASN F 150 8.69 30.42 -3.01
CA ASN F 150 8.90 29.73 -1.74
C ASN F 150 8.56 28.24 -1.85
N VAL F 151 7.59 27.93 -2.69
CA VAL F 151 7.25 26.55 -2.97
C VAL F 151 8.49 25.88 -3.55
N ARG F 152 9.12 26.58 -4.50
CA ARG F 152 10.29 26.09 -5.23
C ARG F 152 11.52 26.11 -4.34
N LEU F 153 11.70 27.19 -3.59
CA LEU F 153 12.78 27.25 -2.60
C LEU F 153 12.72 26.05 -1.66
N GLN F 154 11.50 25.67 -1.31
CA GLN F 154 11.25 24.63 -0.33
C GLN F 154 11.45 23.27 -0.95
N CYS F 155 10.99 23.12 -2.19
CA CYS F 155 11.20 21.90 -2.92
C CYS F 155 12.67 21.55 -2.91
N ILE F 156 13.50 22.49 -3.35
CA ILE F 156 14.94 22.31 -3.39
C ILE F 156 15.50 21.75 -2.09
N GLU F 157 15.07 22.34 -0.98
CA GLU F 157 15.50 21.93 0.34
C GLU F 157 15.14 20.47 0.63
N ARG F 158 13.84 20.19 0.58
CA ARG F 158 13.32 18.87 0.92
C ARG F 158 13.58 17.81 -0.14
N GLU F 159 13.45 18.18 -1.41
CA GLU F 159 13.63 17.23 -2.51
C GLU F 159 15.06 16.95 -2.97
N ILE F 160 15.93 17.96 -2.85
CA ILE F 160 17.33 17.87 -3.29
C ILE F 160 18.34 17.85 -2.12
N ILE F 161 18.38 18.92 -1.32
CA ILE F 161 19.38 19.00 -0.25
C ILE F 161 19.26 17.89 0.81
N SER F 162 18.06 17.72 1.36
CA SER F 162 17.83 16.76 2.43
C SER F 162 18.06 15.30 2.06
N PRO F 163 17.46 14.83 0.98
CA PRO F 163 17.75 13.44 0.68
C PRO F 163 19.25 13.19 0.58
N ARG F 164 20.04 14.20 0.27
CA ARG F 164 21.48 14.00 0.15
C ARG F 164 22.17 13.96 1.51
N HIS F 165 21.88 14.93 2.39
CA HIS F 165 22.46 14.92 3.74
C HIS F 165 21.95 13.70 4.54
N GLU F 166 20.78 13.21 4.18
CA GLU F 166 20.29 11.92 4.63
C GLU F 166 21.31 10.82 4.40
N LYS F 167 21.52 10.44 3.14
CA LYS F 167 22.44 9.38 2.75
C LYS F 167 23.88 9.64 3.18
N MET F 168 24.17 10.90 3.52
CA MET F 168 25.52 11.35 3.92
C MET F 168 25.81 11.10 5.39
N LYS F 169 25.00 11.70 6.27
CA LYS F 169 25.09 11.44 7.70
C LYS F 169 24.99 9.93 7.96
N THR F 170 24.55 9.16 6.97
CA THR F 170 24.59 7.70 7.04
C THR F 170 25.75 6.99 6.32
N GLY F 171 26.69 7.74 5.76
CA GLY F 171 27.91 7.13 5.23
C GLY F 171 27.82 6.34 3.93
N LEU F 172 26.64 6.30 3.33
CA LEU F 172 26.53 5.70 1.99
C LEU F 172 26.91 6.70 0.89
N ILE F 173 27.00 7.97 1.26
CA ILE F 173 27.65 8.98 0.44
C ILE F 173 28.92 9.48 1.14
N ASP F 174 30.07 9.28 0.50
CA ASP F 174 31.31 9.88 1.00
C ASP F 174 31.50 11.23 0.31
N LYS F 175 31.33 12.33 1.04
CA LYS F 175 31.30 13.65 0.39
C LYS F 175 32.61 13.89 -0.36
N THR F 176 33.57 13.01 -0.09
CA THR F 176 34.90 13.06 -0.67
C THR F 176 34.96 12.78 -2.19
N GLN F 177 34.36 11.68 -2.63
CA GLN F 177 34.43 11.31 -4.06
C GLN F 177 33.69 12.32 -4.93
N GLU F 178 32.95 13.21 -4.27
CA GLU F 178 32.09 14.14 -4.97
C GLU F 178 32.85 15.37 -5.46
N PRO F 179 32.78 15.60 -6.78
CA PRO F 179 33.43 16.67 -7.54
C PRO F 179 33.22 18.07 -6.97
N PHE F 180 32.08 18.34 -6.33
CA PHE F 180 31.92 19.61 -5.64
C PHE F 180 30.84 19.55 -4.58
N SER F 181 30.83 20.53 -3.69
CA SER F 181 29.75 20.67 -2.70
C SER F 181 28.49 21.09 -3.45
N VAL F 182 27.31 20.67 -2.95
CA VAL F 182 26.03 21.11 -3.49
C VAL F 182 25.21 21.76 -2.38
N ARG F 183 24.99 23.06 -2.48
CA ARG F 183 24.36 23.81 -1.39
C ARG F 183 23.21 24.65 -1.94
N ASN F 184 22.23 24.98 -1.09
CA ASN F 184 21.14 25.81 -1.58
C ASN F 184 21.28 27.27 -1.12
N LYS F 185 21.41 28.19 -2.06
CA LYS F 185 21.59 29.60 -1.70
C LYS F 185 20.39 30.11 -0.88
N PRO F 186 20.68 30.71 0.28
CA PRO F 186 19.65 31.24 1.16
C PRO F 186 19.04 32.56 0.68
N PHE F 187 17.73 32.70 0.90
CA PHE F 187 17.02 33.93 0.57
C PHE F 187 16.36 34.49 1.80
N PHE F 188 16.00 35.76 1.75
CA PHE F 188 15.36 36.43 2.86
C PHE F 188 14.39 37.41 2.24
N ASP F 189 13.33 37.80 2.95
CA ASP F 189 12.48 38.86 2.42
C ASP F 189 13.22 40.20 2.56
N ILE F 190 12.60 41.29 2.10
CA ILE F 190 13.30 42.57 1.98
C ILE F 190 13.81 43.15 3.31
N CYS F 191 13.40 42.54 4.43
CA CYS F 191 13.86 42.92 5.77
C CYS F 191 15.39 42.74 5.99
N THR F 192 15.88 41.52 5.79
CA THR F 192 17.29 41.17 6.06
C THR F 192 18.26 41.70 5.02
N SER F 193 17.74 42.35 3.98
CA SER F 193 18.58 43.09 3.03
C SER F 193 19.37 44.19 3.74
N ARG F 194 18.69 44.93 4.63
CA ARG F 194 19.26 46.09 5.35
C ARG F 194 20.44 45.74 6.29
N LYS F 195 20.53 44.46 6.67
CA LYS F 195 21.63 43.99 7.50
C LYS F 195 22.83 43.48 6.67
N LEU F 196 22.64 43.32 5.36
CA LEU F 196 23.68 42.82 4.45
C LEU F 196 24.70 43.88 3.95
N LEU F 197 24.25 45.11 3.71
CA LEU F 197 25.11 46.20 3.23
C LEU F 197 25.54 47.16 4.35
N HIS F 207 29.96 32.39 0.41
CA HIS F 207 31.09 32.86 -0.39
C HIS F 207 31.48 34.32 -0.12
N GLU F 208 31.42 35.13 -1.17
CA GLU F 208 31.79 36.53 -1.16
C GLU F 208 30.69 37.26 -1.92
N MET F 209 30.08 38.24 -1.26
CA MET F 209 28.96 38.98 -1.85
C MET F 209 29.47 40.23 -2.59
N ASP F 210 29.41 40.19 -3.92
CA ASP F 210 29.85 41.32 -4.75
C ASP F 210 28.67 42.21 -5.17
N GLY F 211 27.48 41.87 -4.71
CA GLY F 211 26.29 42.65 -5.03
C GLY F 211 25.07 41.89 -4.55
N LEU F 212 23.89 42.45 -4.78
CA LEU F 212 22.63 41.87 -4.33
C LEU F 212 21.77 41.37 -5.51
N ILE F 213 20.85 40.43 -5.26
CA ILE F 213 19.92 39.96 -6.28
C ILE F 213 18.49 39.98 -5.77
N PHE F 214 17.58 40.59 -6.52
CA PHE F 214 16.18 40.66 -6.07
C PHE F 214 15.22 39.81 -6.89
N GLN F 215 14.61 38.84 -6.22
CA GLN F 215 13.82 37.79 -6.84
C GLN F 215 12.33 37.95 -6.56
N PRO F 216 11.54 38.04 -7.63
CA PRO F 216 10.08 38.07 -7.43
C PRO F 216 9.56 36.71 -6.97
N THR F 217 8.36 36.71 -6.40
CA THR F 217 7.71 35.51 -5.90
C THR F 217 7.00 34.74 -7.01
N GLY F 218 6.94 35.34 -8.19
CA GLY F 218 6.20 34.76 -9.30
C GLY F 218 6.82 33.49 -9.83
N LYS F 219 6.10 32.81 -10.71
CA LYS F 219 6.58 31.58 -11.28
C LYS F 219 7.80 31.90 -12.12
N TYR F 220 8.57 30.84 -12.40
CA TYR F 220 9.83 30.90 -13.12
C TYR F 220 9.61 31.32 -14.55
N LYS F 221 10.39 32.28 -15.05
CA LYS F 221 10.38 32.61 -16.46
C LYS F 221 11.80 32.46 -17.00
N PRO F 222 11.93 31.92 -18.23
CA PRO F 222 13.14 31.86 -19.06
C PRO F 222 13.47 33.20 -19.72
N GLY F 223 14.69 33.36 -20.22
CA GLY F 223 15.08 34.57 -20.93
C GLY F 223 15.14 35.84 -20.06
N ARG F 224 15.31 36.98 -20.71
CA ARG F 224 15.43 38.26 -19.98
C ARG F 224 14.25 38.46 -19.06
N CYS F 225 14.56 38.69 -17.78
CA CYS F 225 13.52 38.97 -16.79
C CYS F 225 13.68 40.39 -16.27
N ASP F 226 12.76 41.27 -16.66
CA ASP F 226 12.80 42.67 -16.30
C ASP F 226 12.58 42.81 -14.80
N ASP F 227 11.89 41.83 -14.24
CA ASP F 227 11.54 41.81 -12.82
C ASP F 227 12.62 41.25 -11.86
N ILE F 228 13.62 40.52 -12.37
CA ILE F 228 14.76 40.10 -11.54
C ILE F 228 15.89 41.11 -11.61
N LEU F 229 16.18 41.71 -10.46
CA LEU F 229 17.14 42.81 -10.36
C LEU F 229 18.44 42.42 -9.67
N LYS F 230 19.56 42.52 -10.41
CA LYS F 230 20.88 42.50 -9.78
C LYS F 230 21.46 43.92 -9.50
N TRP F 231 21.90 44.15 -8.27
CA TRP F 231 22.46 45.43 -7.86
C TRP F 231 23.92 45.32 -7.39
N LYS F 232 24.76 46.22 -7.87
CA LYS F 232 26.17 46.21 -7.48
C LYS F 232 26.54 47.62 -7.02
N PRO F 233 27.36 47.71 -5.96
CA PRO F 233 27.66 49.06 -5.43
C PRO F 233 28.41 49.90 -6.48
N PRO F 234 27.92 51.15 -6.74
CA PRO F 234 28.56 52.03 -7.72
C PRO F 234 30.07 52.18 -7.49
N SER F 235 30.44 52.41 -6.23
CA SER F 235 31.84 52.56 -5.82
C SER F 235 32.69 51.33 -6.16
N LEU F 236 32.09 50.15 -6.03
CA LEU F 236 32.75 48.90 -6.40
C LEU F 236 32.86 48.73 -7.92
N ASN F 237 31.99 49.42 -8.66
CA ASN F 237 31.80 49.14 -10.08
C ASN F 237 33.06 49.22 -10.92
N SER F 238 33.38 48.11 -11.59
CA SER F 238 34.69 47.86 -12.16
C SER F 238 34.67 46.88 -13.34
N VAL F 239 35.58 47.04 -14.29
CA VAL F 239 35.57 46.27 -15.56
C VAL F 239 36.96 45.72 -15.91
N ASP F 240 37.03 44.56 -16.55
CA ASP F 240 38.30 43.91 -16.86
C ASP F 240 38.66 43.93 -18.35
N PHE F 241 39.65 44.74 -18.71
CA PHE F 241 39.99 44.97 -20.12
C PHE F 241 41.33 44.36 -20.44
N ARG F 242 41.53 44.00 -21.70
CA ARG F 242 42.85 43.70 -22.22
C ARG F 242 43.44 45.01 -22.74
N LEU F 243 44.56 45.46 -22.16
CA LEU F 243 45.17 46.72 -22.58
C LEU F 243 46.20 46.58 -23.70
N LYS F 244 45.95 47.22 -24.84
CA LYS F 244 46.97 47.27 -25.90
C LYS F 244 47.52 48.69 -26.15
N ILE F 245 48.79 48.90 -25.78
CA ILE F 245 49.47 50.17 -26.02
C ILE F 245 50.31 50.17 -27.31
N THR F 246 49.91 51.01 -28.26
CA THR F 246 50.66 51.21 -29.50
C THR F 246 50.68 52.70 -29.85
N ARG F 247 51.57 53.12 -30.75
CA ARG F 247 51.73 54.54 -31.07
C ARG F 247 51.13 54.98 -32.41
N MET F 248 50.14 55.86 -32.34
CA MET F 248 49.62 56.52 -33.53
C MET F 248 49.69 58.05 -33.38
N GLY F 249 49.77 58.75 -34.51
CA GLY F 249 50.00 60.19 -34.55
C GLY F 249 49.32 60.83 -35.75
N GLY F 250 49.44 62.15 -35.87
CA GLY F 250 48.59 62.92 -36.76
C GLY F 250 49.32 64.12 -37.30
N GLU F 251 48.61 65.00 -38.03
CA GLU F 251 49.21 66.13 -38.75
C GLU F 251 50.24 66.94 -37.94
N GLY F 252 49.86 67.37 -36.73
CA GLY F 252 50.84 67.78 -35.74
C GLY F 252 51.52 66.51 -35.25
N LEU F 253 52.86 66.47 -35.29
CA LEU F 253 53.54 65.18 -35.16
C LEU F 253 53.45 64.65 -33.71
N LEU F 254 52.82 63.48 -33.57
CA LEU F 254 52.57 62.89 -32.25
C LEU F 254 53.26 61.54 -32.02
N PRO F 255 54.29 61.53 -31.16
CA PRO F 255 54.98 60.33 -30.64
C PRO F 255 54.15 59.51 -29.63
N GLN F 256 53.11 60.12 -29.07
CA GLN F 256 52.33 59.51 -27.98
C GLN F 256 51.57 58.23 -28.36
N ASN F 257 51.73 57.22 -27.50
CA ASN F 257 51.01 55.96 -27.64
C ASN F 257 49.83 55.85 -26.67
N VAL F 258 48.62 55.90 -27.23
CA VAL F 258 47.39 55.97 -26.43
C VAL F 258 46.88 54.57 -26.04
N GLY F 259 46.85 54.29 -24.73
CA GLY F 259 46.48 52.99 -24.24
C GLY F 259 45.04 52.64 -24.46
N LEU F 260 44.80 51.54 -25.18
CA LEU F 260 43.46 51.20 -25.62
C LEU F 260 42.97 49.91 -24.99
N LEU F 261 42.03 50.04 -24.06
CA LEU F 261 41.38 48.88 -23.46
C LEU F 261 40.51 48.19 -24.52
N TYR F 262 40.37 46.89 -24.37
CA TYR F 262 39.52 46.12 -25.28
C TYR F 262 38.59 45.24 -24.46
N VAL F 263 37.47 44.89 -25.06
CA VAL F 263 36.40 44.27 -24.29
C VAL F 263 35.93 42.98 -25.00
N GLY F 264 35.57 41.98 -24.19
CA GLY F 264 35.26 40.65 -24.70
C GLY F 264 34.18 40.56 -25.76
N GLY F 265 34.55 39.99 -26.90
CA GLY F 265 33.68 39.91 -28.05
C GLY F 265 33.36 41.28 -28.60
N TYR F 266 34.39 42.04 -28.94
CA TYR F 266 34.20 43.32 -29.60
C TYR F 266 35.39 43.57 -30.51
N GLU F 267 35.22 44.45 -31.47
CA GLU F 267 36.23 44.68 -32.48
C GLU F 267 37.08 45.95 -32.21
N ARG F 268 36.45 47.11 -32.24
CA ARG F 268 37.16 48.35 -31.98
C ARG F 268 37.51 48.46 -30.48
N PRO F 269 38.26 49.50 -30.08
CA PRO F 269 38.56 49.63 -28.65
C PRO F 269 37.36 50.18 -27.90
N PHE F 270 37.17 49.74 -26.67
CA PHE F 270 36.02 50.15 -25.85
C PHE F 270 36.32 51.45 -25.09
N ALA F 271 37.59 51.82 -25.02
CA ALA F 271 38.00 53.02 -24.30
C ALA F 271 39.50 53.21 -24.41
N GLN F 272 39.99 54.37 -23.97
CA GLN F 272 41.41 54.63 -23.87
C GLN F 272 41.69 55.02 -22.42
N ILE F 273 42.96 54.95 -22.02
CA ILE F 273 43.34 55.27 -20.65
C ILE F 273 44.70 56.00 -20.68
N LYS F 274 45.05 56.68 -19.59
CA LYS F 274 46.24 57.53 -19.58
C LYS F 274 47.55 56.74 -19.37
N VAL F 275 48.44 56.84 -20.36
CA VAL F 275 49.66 56.01 -20.46
C VAL F 275 50.94 56.74 -20.02
N THR F 276 51.51 56.36 -18.87
CA THR F 276 52.78 56.94 -18.40
C THR F 276 53.85 55.87 -18.11
N LYS F 277 54.98 56.32 -17.57
CA LYS F 277 56.19 55.50 -17.35
C LYS F 277 56.03 54.19 -16.55
N GLU F 278 55.64 54.28 -15.28
CA GLU F 278 55.50 53.11 -14.38
C GLU F 278 54.11 52.44 -14.45
N LEU F 279 53.22 53.04 -15.23
CA LEU F 279 51.93 52.44 -15.56
C LEU F 279 52.12 51.40 -16.68
N LYS F 280 53.12 51.63 -17.53
CA LYS F 280 53.46 50.73 -18.66
C LYS F 280 53.70 49.29 -18.25
N GLN F 281 54.03 49.06 -16.97
CA GLN F 281 54.48 47.76 -16.50
C GLN F 281 53.54 46.65 -16.96
N TYR F 282 52.26 46.79 -16.63
CA TYR F 282 51.24 45.84 -17.05
C TYR F 282 50.90 46.21 -18.50
N ASP F 283 51.15 45.30 -19.42
CA ASP F 283 50.85 45.58 -20.81
C ASP F 283 50.43 44.31 -21.54
N ASN F 284 49.42 44.44 -22.38
CA ASN F 284 48.78 43.30 -23.02
C ASN F 284 48.14 42.42 -21.94
N LYS F 285 48.38 42.80 -20.69
CA LYS F 285 47.88 42.08 -19.53
C LYS F 285 46.55 42.64 -19.02
N ILE F 286 45.65 41.73 -18.63
CA ILE F 286 44.30 42.06 -18.15
C ILE F 286 44.30 42.90 -16.86
N ILE F 287 43.56 44.02 -16.92
CA ILE F 287 43.56 45.05 -15.87
C ILE F 287 42.24 45.12 -15.11
N GLU F 288 42.31 45.51 -13.84
CA GLU F 288 41.11 45.82 -13.09
C GLU F 288 40.95 47.33 -13.02
N CYS F 289 39.97 47.86 -13.75
CA CYS F 289 39.79 49.31 -13.89
C CYS F 289 38.49 49.81 -13.32
N LYS F 290 38.59 50.75 -12.39
CA LYS F 290 37.42 51.37 -11.82
C LYS F 290 37.06 52.59 -12.64
N PHE F 291 35.77 52.75 -12.91
CA PHE F 291 35.33 53.99 -13.49
C PHE F 291 35.24 54.97 -12.33
N GLU F 292 36.02 56.04 -12.42
CA GLU F 292 35.83 57.14 -11.49
C GLU F 292 35.38 58.33 -12.36
N ASN F 293 34.41 59.10 -11.86
CA ASN F 293 33.57 59.90 -12.73
C ASN F 293 34.47 60.61 -13.74
N ASN F 294 34.15 60.50 -15.03
CA ASN F 294 34.99 61.07 -16.11
C ASN F 294 36.22 60.27 -16.62
N SER F 295 36.64 59.22 -15.90
CA SER F 295 37.88 58.50 -16.27
C SER F 295 37.95 56.99 -15.91
N TRP F 296 38.59 56.23 -16.79
CA TRP F 296 38.96 54.85 -16.45
C TRP F 296 40.28 54.88 -15.70
N VAL F 297 40.25 54.37 -14.47
CA VAL F 297 41.44 54.30 -13.64
C VAL F 297 41.91 52.86 -13.47
N PHE F 298 43.20 52.67 -13.28
CA PHE F 298 43.77 51.35 -13.05
C PHE F 298 43.85 51.14 -11.53
N MET F 299 42.95 50.32 -10.99
CA MET F 299 42.94 50.07 -9.54
C MET F 299 43.97 49.01 -9.13
N ARG F 300 44.02 47.93 -9.90
CA ARG F 300 44.95 46.82 -9.70
C ARG F 300 45.12 46.11 -11.03
N GLN F 301 45.73 44.93 -11.01
CA GLN F 301 45.74 44.06 -12.19
C GLN F 301 45.08 42.72 -11.86
N ARG F 302 44.41 42.13 -12.83
CA ARG F 302 43.96 40.76 -12.69
C ARG F 302 44.70 39.86 -13.67
N THR F 303 45.66 39.12 -13.13
CA THR F 303 46.45 38.17 -13.88
C THR F 303 45.67 36.87 -14.00
N ASP F 304 44.97 36.54 -12.92
CA ASP F 304 44.26 35.27 -12.75
C ASP F 304 43.10 35.07 -13.73
N LYS F 305 42.82 36.09 -14.56
CA LYS F 305 41.81 35.97 -15.60
C LYS F 305 42.39 35.78 -17.01
N SER F 306 41.81 34.84 -17.77
CA SER F 306 42.26 34.51 -19.13
C SER F 306 41.91 35.56 -20.19
N PHE F 307 40.61 35.86 -20.29
CA PHE F 307 40.09 36.82 -21.27
C PHE F 307 39.45 38.04 -20.58
N PRO F 308 39.46 39.20 -21.26
CA PRO F 308 38.79 40.42 -20.76
C PRO F 308 37.28 40.25 -20.90
N ASN F 309 36.48 40.69 -19.92
CA ASN F 309 35.08 40.24 -19.88
C ASN F 309 34.13 40.74 -20.95
N ALA F 310 32.87 40.35 -20.82
CA ALA F 310 31.90 40.45 -21.90
C ALA F 310 31.64 41.88 -22.36
N TYR F 311 31.70 42.10 -23.68
CA TYR F 311 31.28 43.38 -24.22
C TYR F 311 29.95 43.74 -23.57
N ASN F 312 29.07 42.76 -23.46
CA ASN F 312 27.75 42.98 -22.87
C ASN F 312 27.82 43.31 -21.40
N THR F 313 28.86 42.82 -20.73
CA THR F 313 29.01 43.07 -19.30
C THR F 313 29.56 44.47 -19.04
N ALA F 314 30.50 44.93 -19.87
CA ALA F 314 31.02 46.28 -19.79
C ALA F 314 29.88 47.27 -19.95
N MET F 315 29.12 47.08 -21.03
CA MET F 315 27.94 47.86 -21.30
C MET F 315 27.01 47.86 -20.09
N ALA F 316 26.73 46.66 -19.57
CA ALA F 316 25.90 46.50 -18.40
C ALA F 316 26.42 47.36 -17.26
N VAL F 317 27.73 47.60 -17.26
CA VAL F 317 28.37 48.34 -16.19
C VAL F 317 28.15 49.83 -16.36
N CYS F 318 28.35 50.31 -17.57
CA CYS F 318 28.13 51.72 -17.86
C CYS F 318 26.68 52.01 -17.57
N ASN F 319 25.82 51.13 -18.06
CA ASN F 319 24.40 51.28 -17.83
C ASN F 319 24.11 51.53 -16.36
N SER F 320 24.92 50.97 -15.48
CA SER F 320 24.78 51.20 -14.05
C SER F 320 25.32 52.57 -13.63
N ILE F 321 26.56 52.86 -14.00
CA ILE F 321 27.20 54.10 -13.57
C ILE F 321 26.58 55.30 -14.29
N SER F 322 25.74 55.03 -15.28
CA SER F 322 25.08 56.06 -16.10
C SER F 322 23.85 56.69 -15.46
N ASN F 323 23.01 55.86 -14.83
CA ASN F 323 21.93 56.38 -13.99
C ASN F 323 21.82 55.52 -12.73
N PRO F 324 22.89 55.54 -11.92
CA PRO F 324 23.22 54.57 -10.88
C PRO F 324 22.18 54.52 -9.79
N VAL F 325 22.03 53.35 -9.18
CA VAL F 325 21.32 53.26 -7.93
C VAL F 325 22.37 53.10 -6.84
N THR F 326 22.51 54.13 -6.03
CA THR F 326 23.56 54.20 -5.02
C THR F 326 23.18 53.40 -3.78
N LYS F 327 24.18 52.83 -3.12
CA LYS F 327 23.94 52.10 -1.90
C LYS F 327 23.13 52.91 -0.88
N GLU F 328 23.21 54.24 -0.95
CA GLU F 328 22.39 55.09 -0.08
C GLU F 328 20.96 55.12 -0.55
N MET F 329 20.76 55.22 -1.86
CA MET F 329 19.43 55.27 -2.42
C MET F 329 18.80 53.89 -2.29
N LEU F 330 19.57 52.86 -2.63
CA LEU F 330 19.11 51.49 -2.47
C LEU F 330 18.61 51.35 -1.05
N PHE F 331 19.46 51.70 -0.09
CA PHE F 331 19.12 51.58 1.33
C PHE F 331 17.85 52.33 1.68
N GLU F 332 17.76 53.59 1.26
CA GLU F 332 16.56 54.37 1.52
C GLU F 332 15.29 53.65 1.06
N PHE F 333 15.25 53.27 -0.21
CA PHE F 333 14.06 52.69 -0.82
C PHE F 333 13.50 51.49 -0.06
N ILE F 334 14.40 50.66 0.46
CA ILE F 334 14.03 49.44 1.20
C ILE F 334 13.36 49.74 2.54
N ASP F 335 13.75 50.87 3.15
CA ASP F 335 13.19 51.34 4.42
C ASP F 335 11.71 51.72 4.34
N ARG F 336 11.17 51.72 3.12
CA ARG F 336 9.75 52.02 2.91
C ARG F 336 8.83 50.97 3.54
N CYS F 337 9.42 49.90 4.06
CA CYS F 337 8.72 49.03 5.00
C CYS F 337 9.04 49.57 6.40
N THR F 338 8.04 50.18 7.03
CA THR F 338 8.23 50.96 8.27
C THR F 338 7.02 51.83 8.56
N GLY G 1 47.13 -11.20 22.62
CA GLY G 1 48.33 -10.40 22.49
C GLY G 1 48.11 -9.04 21.83
N ALA G 2 49.16 -8.52 21.18
CA ALA G 2 48.95 -7.28 20.48
C ALA G 2 49.10 -7.41 18.99
N ILE G 3 47.95 -7.51 18.34
CA ILE G 3 47.80 -7.44 16.89
C ILE G 3 46.99 -6.17 16.69
N PHE G 4 47.61 -5.10 16.19
CA PHE G 4 46.92 -3.81 16.16
C PHE G 4 45.60 -3.97 15.43
N LEU G 5 45.64 -4.09 14.13
CA LEU G 5 44.43 -4.35 13.39
C LEU G 5 44.60 -5.65 12.64
N GLU G 6 43.78 -6.63 12.98
CA GLU G 6 43.84 -7.93 12.31
C GLU G 6 43.23 -7.89 10.91
N GLY G 7 43.87 -8.59 9.99
CA GLY G 7 43.44 -8.70 8.59
C GLY G 7 44.23 -7.81 7.63
N VAL G 8 44.81 -6.73 8.15
CA VAL G 8 45.68 -5.86 7.38
C VAL G 8 46.84 -5.49 8.31
N THR G 9 48.05 -5.41 7.77
CA THR G 9 49.16 -4.80 8.52
C THR G 9 49.24 -3.30 8.26
N VAL G 10 49.55 -2.54 9.31
CA VAL G 10 49.58 -1.08 9.18
C VAL G 10 50.97 -0.56 9.48
N LYS G 11 51.52 0.15 8.50
CA LYS G 11 52.89 0.63 8.60
C LYS G 11 53.04 1.74 9.67
N GLY G 12 54.07 1.64 10.48
CA GLY G 12 54.35 2.71 11.43
C GLY G 12 53.61 2.59 12.74
N VAL G 13 52.59 1.75 12.79
CA VAL G 13 51.93 1.46 14.06
C VAL G 13 52.74 0.43 14.83
N THR G 14 53.07 0.75 16.06
CA THR G 14 54.04 -0.04 16.80
C THR G 14 53.63 -0.25 18.24
N GLN G 15 53.43 -1.49 18.65
CA GLN G 15 53.04 -1.72 20.04
C GLN G 15 54.15 -1.28 20.98
N VAL G 16 53.80 -0.93 22.21
CA VAL G 16 54.81 -0.48 23.15
C VAL G 16 54.93 -1.34 24.42
N THR G 17 56.10 -1.97 24.57
CA THR G 17 56.48 -2.79 25.73
C THR G 17 57.41 -2.15 26.78
N THR G 18 57.84 -0.91 26.56
CA THR G 18 58.89 -0.34 27.40
C THR G 18 58.25 0.35 28.56
N GLN G 19 58.39 -0.23 29.76
CA GLN G 19 57.61 0.22 30.93
C GLN G 19 57.70 1.71 31.32
N PRO G 20 58.87 2.36 31.10
CA PRO G 20 58.86 3.78 31.50
C PRO G 20 57.79 4.55 30.72
N LYS G 21 57.78 4.39 29.40
CA LYS G 21 56.80 5.08 28.54
C LYS G 21 55.37 4.52 28.62
N LEU G 22 55.23 3.21 28.41
CA LEU G 22 53.92 2.54 28.45
C LEU G 22 53.13 2.88 29.69
N GLY G 23 53.75 2.72 30.86
CA GLY G 23 53.12 3.03 32.12
C GLY G 23 52.47 4.41 32.18
N GLU G 24 53.13 5.41 31.61
CA GLU G 24 52.55 6.75 31.61
C GLU G 24 51.34 6.84 30.70
N VAL G 25 51.48 6.41 29.45
CA VAL G 25 50.43 6.59 28.46
C VAL G 25 49.10 6.02 28.97
N GLN G 26 49.18 4.86 29.62
CA GLN G 26 48.02 4.22 30.25
C GLN G 26 47.43 5.07 31.35
N GLN G 27 48.31 5.78 32.04
CA GLN G 27 47.93 6.53 33.20
C GLN G 27 47.30 7.86 32.84
N LYS G 28 47.79 8.47 31.77
CA LYS G 28 47.28 9.77 31.36
C LYS G 28 45.87 9.61 30.77
N CYS G 29 45.51 8.36 30.48
CA CYS G 29 44.15 8.02 30.07
C CYS G 29 43.16 7.89 31.22
N HIS G 30 43.52 7.16 32.27
CA HIS G 30 42.72 7.16 33.49
C HIS G 30 42.48 8.60 33.89
N GLN G 31 43.56 9.37 33.94
CA GLN G 31 43.51 10.77 34.33
C GLN G 31 42.44 11.56 33.60
N PHE G 32 42.42 11.45 32.28
CA PHE G 32 41.56 12.28 31.45
C PHE G 32 40.08 11.89 31.55
N CYS G 33 39.84 10.62 31.84
CA CYS G 33 38.49 10.05 31.90
C CYS G 33 37.89 10.12 33.29
N GLY G 34 38.69 10.47 34.30
CA GLY G 34 38.24 10.39 35.66
C GLY G 34 37.81 8.95 35.92
N TRP G 35 38.74 8.03 35.71
CA TRP G 35 38.42 6.61 35.80
C TRP G 35 38.96 5.95 37.05
N GLU G 36 38.10 5.12 37.61
CA GLU G 36 38.27 4.50 38.91
C GLU G 36 39.27 3.36 38.90
N GLY G 37 38.87 2.24 38.31
CA GLY G 37 39.65 1.02 38.41
C GLY G 37 40.88 0.97 37.52
N SER G 38 41.48 -0.21 37.45
CA SER G 38 42.49 -0.50 36.44
C SER G 38 41.84 -0.90 35.12
N GLY G 39 42.61 -0.76 34.05
CA GLY G 39 42.16 -1.20 32.75
C GLY G 39 41.53 -0.12 31.90
N PHE G 40 40.69 -0.55 30.96
CA PHE G 40 40.19 0.36 29.94
C PHE G 40 39.12 1.31 30.49
N PRO G 41 39.45 2.61 30.52
CA PRO G 41 38.67 3.72 31.05
C PRO G 41 37.44 4.07 30.23
N GLY G 42 37.41 3.68 28.95
CA GLY G 42 36.42 4.14 28.01
C GLY G 42 35.01 3.65 28.28
N ALA G 43 34.04 4.39 27.74
CA ALA G 43 32.65 4.06 27.87
C ALA G 43 32.34 2.69 27.27
N GLN G 44 31.64 1.86 28.03
CA GLN G 44 31.18 0.56 27.55
C GLN G 44 29.66 0.58 27.37
N PRO G 45 29.19 0.50 26.11
CA PRO G 45 27.78 0.41 25.76
C PRO G 45 27.20 -0.87 26.29
N VAL G 46 25.87 -0.97 26.37
CA VAL G 46 25.16 -2.15 26.89
C VAL G 46 24.17 -2.64 25.84
N SER G 47 23.87 -3.94 25.80
CA SER G 47 23.00 -4.46 24.75
C SER G 47 21.58 -4.04 24.99
N MET G 48 20.91 -3.60 23.94
CA MET G 48 19.52 -3.17 24.02
C MET G 48 18.57 -4.35 24.22
N ASP G 49 17.67 -4.20 25.19
CA ASP G 49 16.65 -5.20 25.48
C ASP G 49 15.25 -4.53 25.53
N LYS G 50 14.21 -5.28 25.88
CA LYS G 50 12.86 -4.73 26.05
C LYS G 50 12.70 -3.71 27.19
N GLN G 51 13.58 -3.75 28.19
CA GLN G 51 13.70 -2.67 29.19
C GLN G 51 14.40 -1.42 28.66
N ASN G 52 15.54 -1.62 28.02
CA ASN G 52 16.40 -0.57 27.53
C ASN G 52 15.69 0.39 26.61
N ILE G 53 15.02 -0.16 25.60
CA ILE G 53 14.50 0.63 24.48
C ILE G 53 13.64 1.78 24.99
N LYS G 54 13.20 1.63 26.25
CA LYS G 54 12.44 2.68 26.95
C LYS G 54 13.17 4.02 27.01
N LEU G 55 14.47 4.00 27.27
CA LEU G 55 15.18 5.26 27.42
C LEU G 55 15.10 6.10 26.16
N LEU G 56 14.88 5.48 25.00
CA LEU G 56 14.79 6.24 23.77
C LEU G 56 13.68 7.28 23.82
N ASP G 57 12.70 7.04 24.68
CA ASP G 57 11.61 7.99 24.91
C ASP G 57 11.82 8.92 26.09
N LEU G 58 12.83 8.64 26.90
CA LEU G 58 13.07 9.41 28.14
C LEU G 58 13.98 10.62 27.99
N LYS G 59 14.72 10.71 26.88
CA LYS G 59 15.55 11.88 26.52
C LYS G 59 16.01 11.79 25.06
N PRO G 60 16.76 12.81 24.59
CA PRO G 60 17.24 12.80 23.19
C PRO G 60 18.39 11.83 22.97
N TYR G 61 18.44 11.27 21.78
CA TYR G 61 19.42 10.26 21.47
C TYR G 61 19.85 10.54 20.06
N LYS G 62 21.12 10.28 19.76
CA LYS G 62 21.53 10.23 18.37
C LYS G 62 21.86 8.78 18.01
N VAL G 63 21.65 8.42 16.77
CA VAL G 63 21.99 7.06 16.37
C VAL G 63 23.05 7.06 15.27
N SER G 64 24.00 6.17 15.38
CA SER G 64 24.91 5.92 14.29
C SER G 64 24.87 4.45 14.12
N TRP G 65 25.68 3.91 13.24
CA TRP G 65 25.68 2.45 13.15
C TRP G 65 26.95 1.65 13.23
N LYS G 66 26.86 0.64 14.10
CA LYS G 66 27.95 -0.23 14.51
C LYS G 66 28.60 -0.88 13.30
N ALA G 67 29.91 -0.67 13.12
CA ALA G 67 30.67 -1.42 12.15
C ALA G 67 31.55 -2.33 12.98
N ASP G 68 31.88 -3.50 12.45
CA ASP G 68 32.77 -4.38 13.18
C ASP G 68 34.06 -3.65 13.11
N GLY G 69 34.58 -3.29 14.27
CA GLY G 69 35.73 -2.43 14.38
C GLY G 69 36.41 -2.82 15.66
N THR G 70 37.62 -2.32 15.85
CA THR G 70 38.30 -2.60 17.08
C THR G 70 38.28 -1.32 17.89
N ARG G 71 37.94 -1.44 19.16
CA ARG G 71 37.81 -0.24 19.96
C ARG G 71 39.17 0.28 20.34
N TYR G 72 39.40 1.55 19.99
CA TYR G 72 40.64 2.24 20.32
C TYR G 72 40.39 3.68 20.73
N MET G 73 40.92 4.03 21.89
CA MET G 73 41.10 5.43 22.25
C MET G 73 42.44 5.93 21.73
N MET G 74 42.41 7.00 20.93
CA MET G 74 43.65 7.66 20.46
C MET G 74 44.11 8.82 21.36
N LEU G 75 45.28 8.69 21.99
CA LEU G 75 45.85 9.75 22.82
C LEU G 75 46.82 10.61 22.02
N ILE G 76 46.46 11.87 21.76
CA ILE G 76 47.33 12.74 21.01
C ILE G 76 48.05 13.66 21.98
N ASP G 77 49.33 13.36 22.23
CA ASP G 77 50.12 14.09 23.22
C ASP G 77 51.15 15.10 22.73
N GLY G 78 51.31 15.23 21.44
CA GLY G 78 52.42 16.01 20.97
C GLY G 78 52.73 15.68 19.53
N THR G 79 53.95 16.02 19.11
CA THR G 79 54.29 15.99 17.70
C THR G 79 54.42 14.56 17.13
N ASN G 80 55.26 13.76 17.77
CA ASN G 80 55.24 12.34 17.47
C ASN G 80 54.51 11.51 18.50
N GLU G 81 53.89 12.14 19.49
CA GLU G 81 53.24 11.37 20.55
C GLU G 81 51.78 11.11 20.20
N VAL G 82 51.48 9.93 19.71
CA VAL G 82 50.12 9.55 19.36
C VAL G 82 50.01 8.10 19.69
N PHE G 83 49.03 7.74 20.48
CA PHE G 83 48.93 6.38 20.94
C PHE G 83 47.52 5.85 20.78
N MET G 84 47.39 4.53 20.72
CA MET G 84 46.10 3.90 20.63
C MET G 84 45.98 2.99 21.85
N ILE G 85 44.80 2.94 22.44
CA ILE G 85 44.58 2.06 23.58
C ILE G 85 43.38 1.19 23.24
N ASP G 86 43.49 -0.12 23.51
CA ASP G 86 42.41 -1.04 23.17
C ASP G 86 41.66 -1.53 24.43
N ARG G 87 40.61 -2.34 24.21
CA ARG G 87 39.75 -2.82 25.30
C ARG G 87 40.65 -3.45 26.38
N ASP G 88 41.85 -3.87 25.97
CA ASP G 88 42.80 -4.60 26.80
C ASP G 88 43.78 -3.75 27.58
N ASN G 89 43.84 -2.47 27.26
CA ASN G 89 44.84 -1.60 27.85
C ASN G 89 46.22 -1.71 27.17
N SER G 90 46.29 -2.54 26.13
CA SER G 90 47.43 -2.56 25.21
C SER G 90 47.61 -1.18 24.55
N VAL G 91 48.86 -0.79 24.33
CA VAL G 91 49.20 0.53 23.82
C VAL G 91 49.99 0.46 22.51
N PHE G 92 49.61 1.27 21.54
CA PHE G 92 50.34 1.34 20.27
C PHE G 92 50.80 2.78 20.02
N HIS G 93 51.91 2.96 19.32
CA HIS G 93 52.40 4.30 18.95
C HIS G 93 52.24 4.46 17.44
N VAL G 94 51.49 5.48 17.02
CA VAL G 94 51.24 5.74 15.60
C VAL G 94 52.17 6.83 15.10
N SER G 95 52.85 6.54 13.99
CA SER G 95 54.02 7.34 13.61
C SER G 95 53.78 8.60 12.77
N ASN G 96 53.21 8.46 11.58
CA ASN G 96 53.07 9.65 10.73
C ASN G 96 51.74 10.42 10.76
N LEU G 97 50.86 10.06 11.69
CA LEU G 97 49.66 10.84 11.93
C LEU G 97 49.98 12.16 12.62
N GLU G 98 49.51 13.26 12.02
CA GLU G 98 49.79 14.61 12.49
C GLU G 98 48.50 15.38 12.74
N PHE G 99 48.42 16.10 13.86
CA PHE G 99 47.21 16.84 14.23
C PHE G 99 47.48 18.33 14.45
N PRO G 100 47.28 19.14 13.40
CA PRO G 100 47.47 20.59 13.44
C PRO G 100 46.47 21.23 14.36
N PHE G 101 46.81 22.36 14.97
CA PHE G 101 45.94 23.14 15.85
C PHE G 101 45.15 24.09 14.94
N ARG G 102 43.83 24.21 15.11
CA ARG G 102 43.03 25.03 14.19
C ARG G 102 43.57 26.44 14.03
N LYS G 103 44.20 26.96 15.09
CA LYS G 103 44.72 28.32 15.11
C LYS G 103 46.09 28.46 14.42
N ASP G 104 47.11 27.78 14.94
CA ASP G 104 48.43 27.80 14.34
C ASP G 104 48.73 26.46 13.67
N LEU G 105 48.69 26.40 12.34
CA LEU G 105 48.84 25.12 11.64
C LEU G 105 50.26 24.55 11.75
N ARG G 106 51.18 25.32 12.29
CA ARG G 106 52.54 24.86 12.55
C ARG G 106 52.64 24.21 13.92
N MET G 107 51.63 24.45 14.74
CA MET G 107 51.60 23.92 16.08
C MET G 107 50.84 22.59 16.07
N HIS G 108 51.24 21.65 16.92
CA HIS G 108 50.58 20.34 16.94
C HIS G 108 49.77 20.13 18.24
N LEU G 109 48.72 19.31 18.19
CA LEU G 109 47.82 19.17 19.32
C LEU G 109 48.42 18.37 20.45
N SER G 110 48.05 18.72 21.66
CA SER G 110 48.62 18.06 22.81
C SER G 110 47.54 17.83 23.85
N ASN G 111 47.79 16.91 24.78
CA ASN G 111 46.79 16.58 25.79
C ASN G 111 45.38 16.42 25.21
N THR G 112 45.26 15.66 24.12
CA THR G 112 43.98 15.32 23.51
C THR G 112 43.70 13.83 23.60
N LEU G 113 42.44 13.50 23.87
CA LEU G 113 41.99 12.12 24.00
C LEU G 113 40.69 11.93 23.25
N LEU G 114 40.73 11.02 22.27
CA LEU G 114 39.64 10.69 21.38
C LEU G 114 39.17 9.25 21.63
N ASP G 115 37.92 8.95 21.29
CA ASP G 115 37.36 7.59 21.38
C ASP G 115 36.86 7.16 20.01
N GLY G 116 37.11 5.90 19.65
CA GLY G 116 36.76 5.47 18.31
C GLY G 116 37.03 4.02 17.96
N GLU G 117 36.63 3.66 16.75
CA GLU G 117 36.83 2.30 16.25
C GLU G 117 37.84 2.38 15.13
N MET G 118 38.64 1.33 15.05
CA MET G 118 39.55 1.11 13.94
C MET G 118 38.87 0.10 13.00
N ILE G 119 38.60 0.51 11.76
CA ILE G 119 37.86 -0.37 10.84
C ILE G 119 38.51 -0.58 9.48
N ILE G 120 38.74 -1.84 9.13
CA ILE G 120 39.14 -2.13 7.77
C ILE G 120 37.95 -1.85 6.83
N ASP G 121 38.21 -1.11 5.77
CA ASP G 121 37.15 -0.74 4.87
C ASP G 121 37.71 -0.91 3.48
N ARG G 122 37.12 -1.81 2.70
CA ARG G 122 37.57 -2.08 1.35
C ARG G 122 36.82 -1.15 0.40
N VAL G 123 37.56 -0.26 -0.26
CA VAL G 123 37.02 0.48 -1.40
C VAL G 123 37.95 0.23 -2.58
N ASN G 124 37.42 0.30 -3.79
CA ASN G 124 38.18 -0.06 -4.99
C ASN G 124 38.90 -1.40 -4.79
N GLY G 125 38.18 -2.39 -4.27
CA GLY G 125 38.68 -3.74 -4.11
C GLY G 125 39.81 -3.88 -3.11
N GLN G 126 40.22 -2.75 -2.52
CA GLN G 126 41.41 -2.69 -1.67
C GLN G 126 41.10 -2.31 -0.21
N ALA G 127 41.88 -2.87 0.72
CA ALA G 127 41.64 -2.72 2.16
C ALA G 127 42.36 -1.53 2.76
N VAL G 128 41.57 -0.53 3.12
CA VAL G 128 42.02 0.75 3.62
C VAL G 128 41.69 0.83 5.11
N PRO G 129 42.72 0.88 5.96
CA PRO G 129 42.45 1.11 7.39
C PRO G 129 41.88 2.51 7.69
N ARG G 130 40.82 2.58 8.49
CA ARG G 130 40.27 3.84 8.91
C ARG G 130 40.11 3.85 10.42
N TYR G 131 40.29 5.02 11.02
CA TYR G 131 39.94 5.23 12.41
C TYR G 131 38.78 6.21 12.43
N LEU G 132 37.62 5.72 12.87
CA LEU G 132 36.43 6.55 13.00
C LEU G 132 36.39 7.19 14.40
N ILE G 133 36.27 8.51 14.44
CA ILE G 133 36.28 9.20 15.72
C ILE G 133 34.84 9.37 16.14
N TYR G 134 34.50 8.62 17.17
CA TYR G 134 33.12 8.58 17.57
C TYR G 134 32.80 9.43 18.83
N ASP G 135 33.82 9.87 19.57
CA ASP G 135 33.70 10.79 20.71
C ASP G 135 35.06 11.42 21.03
N ILE G 136 35.06 12.49 21.80
CA ILE G 136 36.28 13.13 22.25
C ILE G 136 36.16 13.42 23.72
N ILE G 137 37.09 12.91 24.50
CA ILE G 137 37.10 13.16 25.94
C ILE G 137 37.77 14.49 26.39
N LYS G 138 38.92 14.80 25.79
CA LYS G 138 39.77 15.89 26.23
C LYS G 138 40.42 16.61 25.04
N PHE G 139 40.43 17.93 25.08
CA PHE G 139 41.03 18.69 24.02
C PHE G 139 41.93 19.79 24.60
N ASN G 140 43.24 19.69 24.39
CA ASN G 140 44.14 20.63 25.03
C ASN G 140 43.85 20.74 26.52
N SER G 141 43.58 19.63 27.17
CA SER G 141 43.30 19.62 28.62
C SER G 141 41.90 20.15 28.97
N GLN G 142 41.28 20.83 28.01
CA GLN G 142 39.93 21.34 28.18
C GLN G 142 39.03 20.15 28.44
N PRO G 143 38.19 20.22 29.49
CA PRO G 143 37.43 19.01 29.83
C PRO G 143 36.17 18.83 28.99
N VAL G 144 36.29 18.81 27.66
CA VAL G 144 35.18 18.65 26.69
C VAL G 144 34.24 17.48 26.92
N GLY G 145 34.73 16.41 27.52
CA GLY G 145 33.87 15.29 27.82
C GLY G 145 32.72 15.71 28.73
N ASP G 146 32.85 16.88 29.35
CA ASP G 146 31.83 17.39 30.25
C ASP G 146 30.77 18.14 29.46
N CYS G 147 31.10 18.48 28.23
CA CYS G 147 30.17 19.16 27.35
C CYS G 147 29.08 18.24 26.80
N ASP G 148 28.23 18.81 25.97
CA ASP G 148 27.11 18.09 25.42
C ASP G 148 27.58 17.26 24.23
N PHE G 149 27.15 16.01 24.09
CA PHE G 149 27.58 15.19 22.94
C PHE G 149 27.47 15.93 21.59
N ASN G 150 26.49 16.82 21.45
CA ASN G 150 26.45 17.64 20.25
C ASN G 150 27.61 18.64 20.10
N VAL G 151 27.97 19.27 21.23
CA VAL G 151 29.15 20.12 21.32
C VAL G 151 30.41 19.30 20.94
N ARG G 152 30.54 18.09 21.50
CA ARG G 152 31.71 17.25 21.27
C ARG G 152 31.84 16.76 19.82
N LEU G 153 30.71 16.44 19.20
CA LEU G 153 30.75 16.03 17.80
C LEU G 153 31.22 17.20 16.96
N GLN G 154 30.79 18.39 17.35
CA GLN G 154 31.15 19.60 16.63
C GLN G 154 32.61 19.93 16.88
N CYS G 155 33.05 19.79 18.12
CA CYS G 155 34.46 19.92 18.44
C CYS G 155 35.27 19.09 17.47
N ILE G 156 35.05 17.79 17.48
CA ILE G 156 35.73 16.86 16.58
C ILE G 156 35.81 17.37 15.14
N GLU G 157 34.70 17.83 14.58
CA GLU G 157 34.74 18.38 13.22
C GLU G 157 35.74 19.52 13.16
N ARG G 158 35.54 20.54 13.98
CA ARG G 158 36.31 21.78 13.90
C ARG G 158 37.71 21.71 14.46
N GLU G 159 37.91 20.98 15.55
CA GLU G 159 39.24 20.91 16.16
C GLU G 159 40.20 19.85 15.65
N ILE G 160 39.70 18.82 14.95
CA ILE G 160 40.49 17.64 14.57
C ILE G 160 40.45 17.40 13.09
N ILE G 161 39.29 17.14 12.55
CA ILE G 161 39.20 16.92 11.12
C ILE G 161 39.57 18.19 10.33
N SER G 162 38.85 19.29 10.52
CA SER G 162 39.03 20.44 9.66
C SER G 162 40.48 20.98 9.53
N PRO G 163 41.21 21.09 10.66
CA PRO G 163 42.61 21.46 10.60
C PRO G 163 43.44 20.55 9.71
N ARG G 164 43.17 19.24 9.75
CA ARG G 164 43.93 18.30 8.95
C ARG G 164 43.58 18.37 7.49
N HIS G 165 42.30 18.54 7.13
CA HIS G 165 41.97 18.75 5.72
C HIS G 165 42.67 20.04 5.29
N GLU G 166 42.64 21.06 6.12
CA GLU G 166 43.30 22.31 5.74
C GLU G 166 44.78 22.10 5.39
N LYS G 167 45.57 21.55 6.31
CA LYS G 167 46.96 21.24 6.00
C LYS G 167 47.11 20.30 4.78
N MET G 168 46.09 19.50 4.48
CA MET G 168 46.13 18.62 3.32
C MET G 168 46.01 19.39 2.00
N LYS G 169 45.09 20.35 1.93
CA LYS G 169 44.89 21.13 0.71
C LYS G 169 46.21 21.76 0.25
N THR G 170 47.08 22.05 1.21
CA THR G 170 48.32 22.75 0.95
C THR G 170 49.52 21.83 0.69
N GLY G 171 49.29 20.53 0.60
CA GLY G 171 50.38 19.61 0.37
C GLY G 171 51.30 19.36 1.56
N LEU G 172 51.16 20.14 2.64
CA LEU G 172 52.05 19.97 3.79
C LEU G 172 51.66 18.75 4.61
N ILE G 173 50.54 18.14 4.23
CA ILE G 173 50.13 16.83 4.74
C ILE G 173 49.79 15.96 3.54
N ASP G 174 50.46 14.83 3.40
CA ASP G 174 50.23 13.95 2.27
C ASP G 174 49.33 12.78 2.68
N LYS G 175 48.07 12.77 2.21
CA LYS G 175 47.11 11.77 2.68
C LYS G 175 47.74 10.40 2.43
N THR G 176 48.65 10.35 1.46
CA THR G 176 49.30 9.12 1.05
C THR G 176 50.36 8.60 2.00
N GLN G 177 50.90 9.45 2.87
CA GLN G 177 52.03 9.04 3.68
C GLN G 177 51.54 8.46 4.97
N GLU G 178 50.27 8.70 5.26
CA GLU G 178 49.74 8.41 6.59
C GLU G 178 49.24 6.99 6.78
N PRO G 179 49.59 6.37 7.92
CA PRO G 179 49.22 4.99 8.26
C PRO G 179 47.75 4.60 8.02
N PHE G 180 46.81 5.50 8.30
CA PHE G 180 45.41 5.24 8.01
C PHE G 180 44.57 6.51 7.89
N SER G 181 43.42 6.41 7.23
CA SER G 181 42.46 7.51 7.11
C SER G 181 41.97 7.88 8.51
N VAL G 182 41.63 9.15 8.72
CA VAL G 182 41.04 9.57 9.98
C VAL G 182 39.73 10.31 9.76
N ARG G 183 38.65 9.78 10.33
CA ARG G 183 37.29 10.30 10.09
C ARG G 183 36.39 10.31 11.31
N ASN G 184 35.35 11.14 11.28
CA ASN G 184 34.40 11.13 12.38
C ASN G 184 33.17 10.26 12.07
N LYS G 185 32.84 9.33 12.97
CA LYS G 185 31.68 8.49 12.72
C LYS G 185 30.54 9.45 12.62
N PRO G 186 29.72 9.29 11.56
CA PRO G 186 28.57 10.15 11.29
C PRO G 186 27.43 9.75 12.20
N PHE G 187 26.67 10.72 12.65
CA PHE G 187 25.58 10.44 13.56
C PHE G 187 24.36 11.16 13.03
N PHE G 188 23.21 10.53 13.17
CA PHE G 188 21.98 11.15 12.77
C PHE G 188 21.02 11.03 13.94
N ASP G 189 19.89 11.74 13.84
CA ASP G 189 18.88 11.60 14.87
C ASP G 189 18.04 10.33 14.70
N ILE G 190 17.16 10.08 15.66
CA ILE G 190 16.43 8.83 15.78
C ILE G 190 15.55 8.50 14.57
N CYS G 191 14.80 9.48 14.09
CA CYS G 191 13.87 9.24 12.99
C CYS G 191 14.55 8.65 11.77
N THR G 192 15.74 9.15 11.45
CA THR G 192 16.41 8.73 10.22
C THR G 192 16.84 7.26 10.27
N SER G 193 17.03 6.73 11.46
CA SER G 193 17.46 5.33 11.60
C SER G 193 16.40 4.36 11.11
N ARG G 194 15.14 4.78 11.27
CA ARG G 194 13.98 4.03 10.82
C ARG G 194 14.20 3.59 9.37
N LYS G 195 14.58 4.57 8.54
CA LYS G 195 14.81 4.32 7.13
C LYS G 195 15.75 3.15 6.94
N LEU G 196 16.72 3.04 7.84
CA LEU G 196 17.73 1.98 7.82
C LEU G 196 17.16 0.56 8.00
N LEU G 197 15.95 0.43 8.54
CA LEU G 197 15.39 -0.89 8.77
C LEU G 197 13.89 -0.98 8.48
N ALA G 202 11.90 -0.31 3.20
CA ALA G 202 12.72 -0.13 2.00
C ALA G 202 14.22 -0.05 2.34
N LYS G 203 14.72 -1.07 3.04
CA LYS G 203 16.13 -1.12 3.41
C LYS G 203 16.97 -1.88 2.36
N GLU G 204 17.79 -1.12 1.64
CA GLU G 204 18.75 -1.68 0.69
C GLU G 204 20.11 -1.83 1.35
N VAL G 205 20.19 -1.38 2.60
CA VAL G 205 21.36 -1.58 3.46
C VAL G 205 21.18 -2.82 4.35
N SER G 206 20.10 -3.58 4.10
CA SER G 206 19.67 -4.70 4.95
C SER G 206 20.71 -5.82 5.18
N HIS G 207 21.72 -5.91 4.31
CA HIS G 207 22.88 -6.76 4.55
C HIS G 207 24.01 -6.10 5.39
N GLU G 208 24.32 -4.85 5.06
CA GLU G 208 25.55 -4.15 5.49
C GLU G 208 25.58 -3.68 6.97
N MET G 209 24.47 -3.84 7.67
CA MET G 209 24.38 -3.37 9.05
C MET G 209 24.55 -4.49 10.07
N ASP G 210 25.62 -4.37 10.85
CA ASP G 210 25.92 -5.29 11.93
C ASP G 210 25.17 -4.81 13.15
N GLY G 211 24.51 -3.67 13.02
CA GLY G 211 23.75 -3.13 14.13
C GLY G 211 23.63 -1.62 14.15
N LEU G 212 23.26 -1.09 15.31
CA LEU G 212 23.08 0.34 15.55
C LEU G 212 23.59 0.71 16.93
N ILE G 213 24.02 1.95 17.11
CA ILE G 213 24.41 2.42 18.42
C ILE G 213 23.54 3.62 18.79
N PHE G 214 23.02 3.66 20.01
CA PHE G 214 22.19 4.78 20.42
C PHE G 214 22.88 5.61 21.49
N GLN G 215 23.20 6.83 21.13
CA GLN G 215 24.06 7.68 21.91
C GLN G 215 23.23 8.78 22.58
N PRO G 216 23.28 8.84 23.90
CA PRO G 216 22.58 9.91 24.59
C PRO G 216 23.36 11.21 24.42
N THR G 217 22.68 12.34 24.68
CA THR G 217 23.22 13.66 24.50
C THR G 217 24.02 14.10 25.73
N GLY G 218 23.96 13.34 26.82
CA GLY G 218 24.63 13.75 28.05
C GLY G 218 26.16 13.82 28.02
N LYS G 219 26.79 14.32 29.08
CA LYS G 219 28.25 14.36 29.11
C LYS G 219 28.86 12.97 29.11
N TYR G 220 30.10 12.88 28.62
CA TYR G 220 30.79 11.61 28.44
C TYR G 220 30.89 10.95 29.80
N LYS G 221 30.65 9.67 29.88
CA LYS G 221 30.97 8.99 31.12
C LYS G 221 31.72 7.73 30.76
N PRO G 222 32.73 7.40 31.57
CA PRO G 222 33.62 6.24 31.58
C PRO G 222 32.87 4.97 31.93
N GLY G 223 33.49 3.81 31.72
CA GLY G 223 32.99 2.54 32.20
C GLY G 223 31.61 2.16 31.69
N ARG G 224 30.81 1.51 32.54
CA ARG G 224 29.53 0.97 32.09
C ARG G 224 28.43 2.03 32.01
N CYS G 225 27.90 2.22 30.80
CA CYS G 225 26.83 3.16 30.55
C CYS G 225 25.59 2.43 30.15
N ASP G 226 24.62 2.37 31.05
CA ASP G 226 23.42 1.60 30.83
C ASP G 226 22.53 2.28 29.83
N ASP G 227 22.81 3.58 29.62
CA ASP G 227 22.08 4.37 28.63
C ASP G 227 22.74 4.52 27.24
N ILE G 228 23.89 3.90 27.01
CA ILE G 228 24.33 3.71 25.63
C ILE G 228 24.01 2.32 25.21
N LEU G 229 23.17 2.20 24.18
CA LEU G 229 22.64 0.91 23.76
C LEU G 229 23.09 0.43 22.38
N LYS G 230 23.71 -0.75 22.34
CA LYS G 230 24.06 -1.41 21.09
C LYS G 230 22.89 -2.30 20.71
N TRP G 231 22.34 -2.09 19.52
CA TRP G 231 21.33 -2.98 19.00
C TRP G 231 21.86 -3.80 17.82
N LYS G 232 21.66 -5.12 17.88
CA LYS G 232 22.14 -6.04 16.87
C LYS G 232 20.99 -7.01 16.64
N PRO G 233 20.71 -7.37 15.39
CA PRO G 233 19.68 -8.36 15.04
C PRO G 233 19.90 -9.70 15.75
N PRO G 234 18.82 -10.28 16.35
CA PRO G 234 18.90 -11.46 17.24
C PRO G 234 19.21 -12.71 16.42
N SER G 235 18.84 -12.64 15.15
CA SER G 235 19.27 -13.57 14.13
C SER G 235 20.79 -13.69 14.18
N LEU G 236 21.43 -12.56 14.49
CA LEU G 236 22.87 -12.37 14.46
C LEU G 236 23.60 -12.57 15.80
N ASN G 237 22.90 -13.07 16.80
CA ASN G 237 23.55 -13.21 18.11
C ASN G 237 24.38 -14.47 18.25
N SER G 238 25.57 -14.33 18.87
CA SER G 238 26.46 -15.47 19.09
C SER G 238 27.75 -15.14 19.88
N VAL G 239 28.38 -16.18 20.43
CA VAL G 239 29.60 -16.04 21.24
C VAL G 239 30.62 -17.16 21.01
N ASP G 240 31.84 -16.94 21.51
CA ASP G 240 33.01 -17.77 21.21
C ASP G 240 33.63 -18.42 22.46
N PHE G 241 33.53 -19.73 22.55
CA PHE G 241 34.02 -20.45 23.72
C PHE G 241 35.27 -21.29 23.39
N ARG G 242 36.16 -21.45 24.36
CA ARG G 242 37.20 -22.48 24.26
C ARG G 242 36.50 -23.79 24.49
N LEU G 243 36.64 -24.76 23.60
CA LEU G 243 35.96 -26.02 23.79
C LEU G 243 36.88 -27.15 24.27
N LYS G 244 36.73 -27.59 25.51
CA LYS G 244 37.50 -28.73 25.98
C LYS G 244 36.58 -29.92 26.22
N ILE G 245 36.67 -30.97 25.40
CA ILE G 245 35.77 -32.11 25.57
C ILE G 245 36.34 -33.12 26.55
N THR G 246 35.67 -33.24 27.70
CA THR G 246 35.97 -34.31 28.63
C THR G 246 34.76 -35.24 28.72
N ARG G 247 34.90 -36.44 28.16
CA ARG G 247 33.99 -37.53 28.47
C ARG G 247 34.41 -38.03 29.85
N MET G 248 33.46 -38.46 30.67
CA MET G 248 33.82 -39.03 31.97
C MET G 248 33.00 -40.26 32.32
N GLY G 249 33.68 -41.35 32.65
CA GLY G 249 33.05 -42.50 33.28
C GLY G 249 32.98 -42.32 34.79
N GLY G 250 31.84 -42.73 35.38
CA GLY G 250 31.63 -42.58 36.80
C GLY G 250 31.55 -43.86 37.62
N GLU G 251 30.87 -43.75 38.76
CA GLU G 251 30.48 -44.91 39.55
C GLU G 251 29.23 -45.60 38.94
N GLY G 252 28.21 -44.82 38.59
CA GLY G 252 27.09 -45.34 37.84
C GLY G 252 27.59 -45.70 36.45
N LEU G 253 27.07 -46.80 35.88
CA LEU G 253 27.73 -47.45 34.74
C LEU G 253 27.49 -46.91 33.30
N LEU G 254 26.79 -45.78 33.16
CA LEU G 254 26.69 -45.11 31.85
C LEU G 254 27.98 -44.33 31.52
N PRO G 255 28.61 -44.64 30.37
CA PRO G 255 29.87 -44.03 29.91
C PRO G 255 29.69 -42.84 28.94
N GLN G 256 29.03 -41.77 29.36
CA GLN G 256 28.69 -40.66 28.45
C GLN G 256 29.82 -39.68 28.11
N ASN G 257 29.70 -39.02 26.95
CA ASN G 257 30.67 -38.03 26.48
C ASN G 257 30.06 -36.69 26.03
N VAL G 258 30.58 -35.58 26.56
CA VAL G 258 30.08 -34.23 26.21
C VAL G 258 31.17 -33.14 26.27
N GLY G 259 31.11 -32.17 25.35
CA GLY G 259 32.00 -31.01 25.37
C GLY G 259 31.54 -29.80 26.17
N LEU G 260 32.49 -29.12 26.80
CA LEU G 260 32.19 -28.02 27.70
C LEU G 260 32.73 -26.68 27.20
N LEU G 261 31.86 -25.78 26.80
CA LEU G 261 32.26 -24.46 26.36
C LEU G 261 32.65 -23.60 27.56
N TYR G 262 33.80 -22.94 27.52
CA TYR G 262 34.22 -22.05 28.61
C TYR G 262 34.29 -20.59 28.16
N VAL G 263 34.19 -19.65 29.09
CA VAL G 263 34.29 -18.24 28.74
C VAL G 263 35.38 -17.54 29.57
N GLY G 264 35.77 -16.36 29.11
CA GLY G 264 36.77 -15.59 29.83
C GLY G 264 36.36 -15.20 31.24
N GLY G 265 37.19 -15.58 32.22
CA GLY G 265 37.07 -15.03 33.56
C GLY G 265 36.16 -15.82 34.48
N TYR G 266 35.84 -17.03 34.06
CA TYR G 266 34.91 -17.88 34.78
C TYR G 266 35.47 -19.29 34.72
N GLU G 267 35.56 -19.94 35.87
CA GLU G 267 36.36 -21.16 36.00
C GLU G 267 35.73 -22.38 35.32
N ARG G 268 34.55 -22.78 35.79
CA ARG G 268 33.85 -23.94 35.24
C ARG G 268 33.09 -23.62 33.93
N PRO G 269 32.49 -24.65 33.32
CA PRO G 269 31.81 -24.50 32.03
C PRO G 269 30.74 -23.45 32.04
N PHE G 270 30.64 -22.66 30.97
CA PHE G 270 29.55 -21.70 30.81
C PHE G 270 28.33 -22.38 30.23
N ALA G 271 28.56 -23.40 29.41
CA ALA G 271 27.48 -24.08 28.70
C ALA G 271 27.97 -25.40 28.20
N GLN G 272 27.14 -26.03 27.37
CA GLN G 272 27.46 -27.31 26.75
C GLN G 272 26.97 -27.37 25.32
N ILE G 273 27.70 -28.09 24.50
CA ILE G 273 27.21 -28.52 23.20
C ILE G 273 27.34 -30.04 23.14
N LYS G 274 26.24 -30.71 22.78
CA LYS G 274 26.21 -32.17 22.66
C LYS G 274 27.27 -32.66 21.66
N VAL G 275 28.00 -33.70 22.03
CA VAL G 275 29.09 -34.22 21.22
C VAL G 275 28.67 -35.35 20.29
N THR G 276 28.80 -35.10 18.98
CA THR G 276 28.67 -36.13 17.95
C THR G 276 29.96 -36.15 17.10
N LYS G 277 30.01 -37.02 16.08
CA LYS G 277 31.26 -37.34 15.37
C LYS G 277 32.14 -36.13 14.92
N GLU G 278 31.69 -35.39 13.91
CA GLU G 278 32.50 -34.32 13.31
C GLU G 278 32.82 -33.12 14.24
N LEU G 279 32.23 -33.12 15.43
CA LEU G 279 32.51 -32.08 16.40
C LEU G 279 33.82 -32.36 17.17
N LYS G 280 34.30 -33.60 17.08
CA LYS G 280 35.41 -34.11 17.90
C LYS G 280 36.82 -33.58 17.57
N GLN G 281 37.03 -33.20 16.31
CA GLN G 281 38.37 -32.78 15.84
C GLN G 281 38.65 -31.30 16.12
N TYR G 282 37.71 -30.63 16.77
CA TYR G 282 37.88 -29.22 17.14
C TYR G 282 38.36 -29.06 18.57
N ASP G 283 38.57 -30.18 19.24
CA ASP G 283 38.91 -30.19 20.66
C ASP G 283 40.05 -29.21 20.96
N ASN G 284 39.91 -28.48 22.07
CA ASN G 284 40.90 -27.50 22.55
C ASN G 284 40.97 -26.18 21.76
N LYS G 285 40.20 -26.12 20.66
CA LYS G 285 40.12 -24.93 19.79
C LYS G 285 39.01 -23.91 20.14
N ILE G 286 39.29 -22.61 19.95
CA ILE G 286 38.32 -21.53 20.18
C ILE G 286 37.32 -21.38 19.02
N ILE G 287 36.03 -21.58 19.30
CA ILE G 287 35.00 -21.69 18.25
C ILE G 287 33.79 -20.76 18.46
N GLU G 288 32.97 -20.58 17.43
CA GLU G 288 31.85 -19.62 17.47
C GLU G 288 30.50 -20.28 17.28
N CYS G 289 29.55 -19.98 18.16
CA CYS G 289 28.25 -20.62 18.10
C CYS G 289 27.05 -19.69 18.12
N LYS G 290 25.97 -20.19 17.52
CA LYS G 290 24.69 -19.53 17.49
C LYS G 290 23.72 -20.32 18.37
N PHE G 291 22.99 -19.62 19.23
CA PHE G 291 21.87 -20.22 19.93
C PHE G 291 20.75 -20.25 18.92
N GLU G 292 20.23 -21.42 18.59
CA GLU G 292 19.17 -21.44 17.58
C GLU G 292 17.88 -22.07 18.08
N ASN G 293 17.85 -23.40 18.18
CA ASN G 293 16.86 -24.04 19.02
C ASN G 293 17.52 -24.05 20.38
N ASN G 294 16.99 -24.79 21.32
CA ASN G 294 17.45 -24.61 22.68
C ASN G 294 18.91 -24.95 23.02
N SER G 295 19.68 -25.34 22.01
CA SER G 295 21.12 -25.56 22.22
C SER G 295 21.97 -24.56 21.46
N TRP G 296 23.22 -24.43 21.89
CA TRP G 296 24.22 -23.75 21.09
C TRP G 296 24.56 -24.69 19.95
N VAL G 297 24.79 -24.12 18.76
CA VAL G 297 25.25 -24.90 17.62
C VAL G 297 26.41 -24.18 16.95
N PHE G 298 27.13 -24.92 16.10
CA PHE G 298 28.34 -24.39 15.46
C PHE G 298 28.01 -23.78 14.08
N MET G 299 28.05 -22.45 14.01
CA MET G 299 27.79 -21.73 12.76
C MET G 299 29.03 -21.73 11.86
N ARG G 300 30.16 -21.38 12.46
CA ARG G 300 31.47 -21.33 11.79
C ARG G 300 32.53 -21.60 12.84
N GLN G 301 33.79 -21.55 12.44
CA GLN G 301 34.90 -21.53 13.41
C GLN G 301 35.62 -20.19 13.37
N ARG G 302 36.10 -19.74 14.53
CA ARG G 302 37.10 -18.69 14.56
C ARG G 302 38.43 -19.41 14.77
N THR G 303 39.24 -19.47 13.71
CA THR G 303 40.59 -19.97 13.82
C THR G 303 41.54 -18.76 13.95
N ASP G 304 40.93 -17.57 13.89
CA ASP G 304 41.62 -16.28 14.08
C ASP G 304 41.52 -15.68 15.51
N LYS G 305 40.92 -16.43 16.44
CA LYS G 305 40.66 -15.93 17.80
C LYS G 305 41.61 -16.54 18.86
N SER G 306 42.23 -15.68 19.69
CA SER G 306 43.26 -16.11 20.65
C SER G 306 42.77 -16.49 22.06
N PHE G 307 41.50 -16.18 22.36
CA PHE G 307 40.85 -16.50 23.64
C PHE G 307 39.35 -16.81 23.41
N PRO G 308 38.61 -17.21 24.46
CA PRO G 308 37.14 -17.04 24.53
C PRO G 308 36.74 -15.63 25.04
N ASN G 309 35.59 -15.09 24.60
CA ASN G 309 35.17 -13.72 24.98
C ASN G 309 34.85 -13.58 26.47
N ALA G 310 34.81 -12.35 26.94
CA ALA G 310 34.57 -12.12 28.36
C ALA G 310 33.31 -12.85 28.85
N TYR G 311 33.36 -13.40 30.06
CA TYR G 311 32.16 -13.93 30.68
C TYR G 311 31.11 -12.84 30.69
N ASN G 312 31.52 -11.63 31.01
CA ASN G 312 30.59 -10.51 31.01
C ASN G 312 30.01 -10.29 29.62
N THR G 313 30.82 -10.60 28.62
CA THR G 313 30.40 -10.55 27.22
C THR G 313 29.38 -11.64 26.93
N ALA G 314 29.69 -12.86 27.40
CA ALA G 314 28.80 -14.00 27.21
C ALA G 314 27.39 -13.72 27.75
N MET G 315 27.32 -13.39 29.03
CA MET G 315 26.07 -13.03 29.68
C MET G 315 25.36 -11.93 28.92
N ALA G 316 26.11 -10.87 28.64
CA ALA G 316 25.63 -9.73 27.91
C ALA G 316 24.88 -10.20 26.67
N VAL G 317 25.42 -11.23 26.03
CA VAL G 317 24.83 -11.83 24.84
C VAL G 317 23.52 -12.55 25.15
N CYS G 318 23.55 -13.35 26.21
CA CYS G 318 22.38 -14.12 26.62
C CYS G 318 21.19 -13.22 26.99
N ASN G 319 21.48 -12.17 27.76
CA ASN G 319 20.47 -11.18 28.14
C ASN G 319 19.69 -10.71 26.93
N SER G 320 20.38 -10.61 25.79
CA SER G 320 19.77 -10.21 24.53
C SER G 320 18.79 -11.24 23.99
N ILE G 321 19.30 -12.45 23.78
CA ILE G 321 18.52 -13.54 23.21
C ILE G 321 17.28 -13.85 24.07
N SER G 322 17.34 -13.45 25.36
CA SER G 322 16.25 -13.64 26.33
C SER G 322 15.01 -12.76 26.09
N ASN G 323 15.20 -11.44 26.04
CA ASN G 323 14.11 -10.56 25.61
C ASN G 323 14.51 -9.83 24.34
N PRO G 324 14.53 -10.56 23.23
CA PRO G 324 15.03 -10.05 21.95
C PRO G 324 14.31 -8.77 21.55
N VAL G 325 15.05 -7.79 21.05
CA VAL G 325 14.43 -6.67 20.37
C VAL G 325 14.55 -6.96 18.89
N THR G 326 13.41 -7.22 18.25
CA THR G 326 13.37 -7.59 16.86
C THR G 326 13.51 -6.35 15.99
N LYS G 327 13.97 -6.55 14.76
CA LYS G 327 14.11 -5.48 13.79
C LYS G 327 12.77 -4.76 13.65
N GLU G 328 11.69 -5.53 13.74
CA GLU G 328 10.34 -5.02 13.60
C GLU G 328 9.86 -4.31 14.84
N MET G 329 10.20 -4.85 16.00
CA MET G 329 9.78 -4.27 17.26
C MET G 329 10.43 -2.92 17.49
N LEU G 330 11.71 -2.81 17.10
CA LEU G 330 12.47 -1.57 17.24
C LEU G 330 11.94 -0.51 16.28
N PHE G 331 11.71 -0.92 15.03
CA PHE G 331 11.15 -0.06 14.00
C PHE G 331 9.92 0.68 14.51
N GLU G 332 8.87 -0.05 14.84
CA GLU G 332 7.63 0.60 15.24
C GLU G 332 7.70 1.33 16.57
N PHE G 333 8.74 1.09 17.36
CA PHE G 333 8.95 1.86 18.58
C PHE G 333 9.34 3.30 18.25
N ILE G 334 10.21 3.45 17.24
CA ILE G 334 10.69 4.77 16.83
C ILE G 334 9.67 5.56 16.04
N ASP G 335 8.84 4.87 15.26
CA ASP G 335 7.76 5.52 14.51
C ASP G 335 6.93 6.42 15.42
N ARG G 336 6.81 5.97 16.68
CA ARG G 336 6.02 6.67 17.69
C ARG G 336 6.64 8.04 17.97
N CYS G 337 7.81 8.29 17.39
CA CYS G 337 8.43 9.62 17.40
C CYS G 337 8.66 10.14 15.98
S SO4 H . -14.88 6.05 -33.16
O1 SO4 H . -14.44 7.45 -33.19
O2 SO4 H . -14.69 5.52 -34.52
O3 SO4 H . -14.01 5.33 -32.21
O4 SO4 H . -16.29 5.93 -32.76
S SO4 I . -8.72 3.97 -32.83
O1 SO4 I . -9.89 4.20 -33.69
O2 SO4 I . -8.07 5.24 -32.56
O3 SO4 I . -9.16 3.38 -31.55
O4 SO4 I . -7.76 3.07 -33.48
S SO4 J . -3.04 -0.96 -31.65
O1 SO4 J . -4.31 -1.42 -31.09
O2 SO4 J . -3.18 0.38 -32.22
O3 SO4 J . -1.99 -0.92 -30.64
O4 SO4 J . -2.65 -1.88 -32.70
S SO4 K . -2.18 1.33 -24.90
O1 SO4 K . -3.59 0.99 -25.16
O2 SO4 K . -1.44 1.35 -26.17
O3 SO4 K . -2.06 2.66 -24.30
O4 SO4 K . -1.58 0.36 -23.98
S SO4 L . 0.40 -48.49 6.96
O1 SO4 L . -0.55 -48.05 5.93
O2 SO4 L . 1.69 -48.89 6.39
O3 SO4 L . 0.60 -47.39 7.92
O4 SO4 L . -0.15 -49.66 7.63
#